data_6EYO
#
_entry.id   6EYO
#
_cell.length_a   119.483
_cell.length_b   119.601
_cell.length_c   132.994
_cell.angle_alpha   90.00
_cell.angle_beta   90.00
_cell.angle_gamma   90.00
#
_symmetry.space_group_name_H-M   'P 21 21 21'
#
loop_
_entity.id
_entity.type
_entity.pdbx_description
1 polymer 'Immunoglobulin heavy constant epsilon'
2 polymer '8D6 Fab heavy chain'
3 polymer '8D6 Fab light chain'
4 branched alpha-D-mannopyranose-(1-2)-alpha-D-mannopyranose-(1-3)-[alpha-D-mannopyranose-(1-3)-alpha-D-mannopyranose-(1-6)]beta-D-mannopyranose-(1-4)-2-acetamido-2-deoxy-beta-D-glucopyranose-(1-4)-2-acetamido-2-deoxy-beta-D-glucopyranose
5 branched alpha-D-mannopyranose-(1-2)-alpha-D-mannopyranose-(1-3)-[alpha-D-mannopyranose-(1-6)]beta-D-mannopyranose-(1-4)-2-acetamido-2-deoxy-beta-D-glucopyranose-(1-4)-2-acetamido-2-deoxy-beta-D-glucopyranose
#
loop_
_entity_poly.entity_id
_entity_poly.type
_entity_poly.pdbx_seq_one_letter_code
_entity_poly.pdbx_strand_id
1 'polypeptide(L)'
;DIVASRDFTPPTVKILQSSCDGGGHFPPTIQLLCLVSGYTPGTIQITWLEDGQVMDVDLSTASTTQEGELASTQSELTLS
QKHWLSDRTYTCQVTYQGHTFEDSTKKCADSNPRGVSAYLSRPSPFDLFIRKSPTITCLVVDLAPSKGTVQLTWSRASGK
PVNHSTRKEEKQRNGTLTVTSTLPVGTRDWIEGETYQCRVTHPHLPRALMRSTTKTSGPRAAPEVYAFATPEWPGSRDKR
TLACLIQNFMPEDISVQWLHNEVQLPDARHSTTQPRKTKGSGFFVFSRLEVTRAEWEQKDEFICRAVHEAASPSQTVQRA
VSVNPGK
;
A,B
2 'polypeptide(L)'
;QVQLQQSGAELAKPGASVMLSCKASGYTFNGYWMHWVKQRPGQDLEWIGYINPTTGHTEYNQKFKDKATLTADESSNTAY
IELSSLTSDDSAVYYCARQEYRHSWFAYWGQGTLVTVSAASTKGPSVFPLAPSSKSTSGGTAALGCLVKDYFPEPVTVSW
NSGALTSGVHTFPAVLQSSGLYSLSSVVTVPSSSLGTQTYICNVNHKPSNTKVDKKAEPKSCDKTHT
;
I,H
3 'polypeptide(L)'
;DIVLTQSPASLAVSLGQRATISCKASQSVDYDGDTYMNWYHQKPGQPPKLLIYAASNLDSGIPARFSGSGSGTDFTLNIH
PVEEEDAATYYCQQTNEDPWTFGGGTKLEIKRTVAAPSVFIFPPSDEQLKSGTASVVCLLNNFYPREAKVQWKVDNALQS
GNSQESVTEQDSKDSTYSLSSTLTLSKADYEKHKVYACEVTHQGLSSPVTKSFNRGEC
;
M,L
#
# COMPACT_ATOMS: atom_id res chain seq x y z
N PRO A 10 8.31 -23.33 38.75
CA PRO A 10 8.42 -22.34 37.67
C PRO A 10 7.48 -22.65 36.50
N PRO A 11 6.36 -21.95 36.42
CA PRO A 11 5.40 -22.20 35.34
C PRO A 11 5.90 -21.68 34.01
N THR A 12 5.43 -22.31 32.94
CA THR A 12 5.71 -21.91 31.58
C THR A 12 4.41 -21.44 30.93
N VAL A 13 4.46 -20.30 30.25
CA VAL A 13 3.29 -19.67 29.66
C VAL A 13 3.47 -19.64 28.14
N LYS A 14 2.51 -20.21 27.42
CA LYS A 14 2.50 -20.20 25.96
C LYS A 14 1.08 -19.99 25.48
N ILE A 15 0.92 -19.24 24.39
CA ILE A 15 -0.39 -18.87 23.86
C ILE A 15 -0.53 -19.43 22.46
N LEU A 16 -1.63 -20.14 22.21
CA LEU A 16 -2.05 -20.54 20.88
C LEU A 16 -3.30 -19.75 20.50
N GLN A 17 -3.59 -19.75 19.20
CA GLN A 17 -4.75 -19.02 18.68
C GLN A 17 -5.44 -19.86 17.62
N SER A 18 -6.63 -19.41 17.23
CA SER A 18 -7.40 -20.11 16.21
C SER A 18 -6.73 -20.00 14.85
N SER A 19 -6.77 -21.08 14.08
CA SER A 19 -6.20 -21.09 12.75
C SER A 19 -7.18 -20.48 11.75
N CYS A 20 -6.63 -19.78 10.75
CA CYS A 20 -7.47 -19.13 9.77
C CYS A 20 -8.05 -20.14 8.79
N ASP A 21 -8.97 -19.65 7.96
CA ASP A 21 -9.68 -20.48 7.00
C ASP A 21 -8.76 -20.87 5.85
N GLY A 22 -9.07 -22.01 5.23
CA GLY A 22 -8.33 -22.55 4.10
C GLY A 22 -7.99 -21.55 3.02
N GLY A 23 -8.74 -20.46 2.95
CA GLY A 23 -8.45 -19.37 2.06
C GLY A 23 -7.91 -18.15 2.77
N GLY A 24 -7.46 -18.33 4.01
CA GLY A 24 -6.88 -17.25 4.78
C GLY A 24 -7.87 -16.37 5.51
N HIS A 25 -9.17 -16.66 5.42
CA HIS A 25 -10.17 -15.79 6.02
C HIS A 25 -10.14 -15.92 7.54
N PHE A 26 -10.57 -14.83 8.21
CA PHE A 26 -10.68 -14.90 9.67
C PHE A 26 -12.05 -15.42 10.07
N PRO A 27 -12.11 -16.30 11.07
CA PRO A 27 -13.39 -16.78 11.57
C PRO A 27 -14.17 -15.65 12.23
N PRO A 28 -15.45 -15.86 12.55
CA PRO A 28 -16.20 -14.82 13.26
C PRO A 28 -15.62 -14.47 14.62
N THR A 29 -14.99 -15.43 15.31
CA THR A 29 -14.43 -15.19 16.63
C THR A 29 -13.01 -15.76 16.68
N ILE A 30 -12.07 -14.94 17.17
CA ILE A 30 -10.70 -15.37 17.39
C ILE A 30 -10.57 -15.82 18.84
N GLN A 31 -9.87 -16.93 19.06
CA GLN A 31 -9.76 -17.55 20.38
C GLN A 31 -8.30 -17.66 20.77
N LEU A 32 -7.91 -16.98 21.84
CA LEU A 32 -6.54 -17.01 22.35
C LEU A 32 -6.48 -18.02 23.49
N LEU A 33 -5.85 -19.16 23.23
CA LEU A 33 -5.72 -20.23 24.22
C LEU A 33 -4.38 -20.08 24.93
N CYS A 34 -4.42 -19.76 26.22
CA CYS A 34 -3.20 -19.62 27.02
C CYS A 34 -2.94 -20.94 27.74
N LEU A 35 -1.75 -21.49 27.55
CA LEU A 35 -1.34 -22.76 28.15
C LEU A 35 -0.27 -22.48 29.19
N VAL A 36 -0.58 -22.73 30.46
CA VAL A 36 0.39 -22.67 31.54
C VAL A 36 0.56 -24.09 32.07
N SER A 37 1.71 -24.69 31.77
CA SER A 37 1.98 -26.08 32.13
C SER A 37 3.35 -26.16 32.81
N GLY A 38 3.54 -27.24 33.57
CA GLY A 38 4.81 -27.51 34.21
C GLY A 38 5.13 -26.58 35.35
N TYR A 39 4.23 -26.51 36.34
CA TYR A 39 4.50 -25.75 37.56
C TYR A 39 4.15 -26.63 38.76
N THR A 40 4.86 -26.39 39.86
CA THR A 40 4.58 -27.12 41.09
C THR A 40 3.16 -26.80 41.55
N PRO A 41 2.33 -27.80 41.84
CA PRO A 41 0.92 -27.53 42.16
C PRO A 41 0.77 -26.59 43.35
N GLY A 42 -0.16 -25.65 43.21
CA GLY A 42 -0.41 -24.69 44.26
C GLY A 42 -1.43 -23.67 43.81
N THR A 43 -1.51 -22.57 44.56
CA THR A 43 -2.43 -21.50 44.22
C THR A 43 -1.97 -20.78 42.96
N ILE A 44 -2.91 -20.48 42.08
CA ILE A 44 -2.61 -19.86 40.79
C ILE A 44 -3.82 -19.05 40.34
N GLN A 45 -3.56 -17.91 39.70
CA GLN A 45 -4.59 -17.02 39.22
C GLN A 45 -4.39 -16.72 37.75
N ILE A 46 -5.48 -16.59 37.01
CA ILE A 46 -5.46 -16.36 35.57
C ILE A 46 -6.24 -15.08 35.29
N THR A 47 -5.56 -14.10 34.68
CA THR A 47 -6.18 -12.82 34.35
C THR A 47 -5.76 -12.42 32.95
N TRP A 48 -6.70 -11.88 32.18
CA TRP A 48 -6.44 -11.41 30.82
C TRP A 48 -6.34 -9.90 30.80
N LEU A 49 -5.44 -9.38 29.98
CA LEU A 49 -5.12 -7.96 29.93
C LEU A 49 -5.13 -7.48 28.49
N GLU A 50 -5.98 -6.49 28.20
CA GLU A 50 -6.08 -5.89 26.88
C GLU A 50 -5.35 -4.56 26.90
N ASP A 51 -4.20 -4.50 26.22
CA ASP A 51 -3.39 -3.29 26.12
C ASP A 51 -3.00 -2.72 27.48
N GLY A 52 -2.82 -3.61 28.47
CA GLY A 52 -2.37 -3.23 29.80
C GLY A 52 -3.44 -3.28 30.86
N GLN A 53 -4.69 -3.06 30.48
CA GLN A 53 -5.80 -3.02 31.43
C GLN A 53 -6.52 -4.38 31.46
N VAL A 54 -7.22 -4.60 32.57
CA VAL A 54 -7.82 -5.91 32.84
C VAL A 54 -9.07 -6.11 31.99
N MET A 55 -9.21 -7.32 31.45
CA MET A 55 -10.46 -7.77 30.83
C MET A 55 -11.24 -8.60 31.84
N ASP A 56 -12.57 -8.49 31.78
CA ASP A 56 -13.39 -9.23 32.73
C ASP A 56 -13.43 -10.71 32.35
N VAL A 57 -13.62 -11.55 33.37
CA VAL A 57 -13.53 -13.01 33.19
C VAL A 57 -14.76 -13.60 32.51
N ASP A 58 -15.77 -12.78 32.20
CA ASP A 58 -16.95 -13.28 31.51
C ASP A 58 -16.66 -13.72 30.08
N LEU A 59 -15.47 -13.40 29.55
CA LEU A 59 -15.07 -13.80 28.21
C LEU A 59 -14.02 -14.91 28.23
N SER A 60 -13.85 -15.57 29.37
CA SER A 60 -12.81 -16.58 29.52
C SER A 60 -13.36 -17.78 30.27
N THR A 61 -12.81 -18.95 29.97
CA THR A 61 -13.12 -20.18 30.68
C THR A 61 -11.82 -20.94 30.93
N ALA A 62 -11.69 -21.52 32.11
CA ALA A 62 -10.45 -22.14 32.55
C ALA A 62 -10.66 -23.62 32.85
N SER A 63 -9.58 -24.39 32.73
CA SER A 63 -9.59 -25.82 33.00
C SER A 63 -8.27 -26.21 33.63
N THR A 64 -8.33 -26.90 34.77
CA THR A 64 -7.15 -27.23 35.56
C THR A 64 -7.05 -28.74 35.75
N THR A 65 -5.87 -29.29 35.47
CA THR A 65 -5.57 -30.69 35.75
C THR A 65 -4.12 -30.78 36.23
N GLN A 66 -3.82 -31.89 36.90
CA GLN A 66 -2.47 -32.12 37.41
C GLN A 66 -2.01 -33.55 37.14
N LEU A 70 2.95 -33.45 37.16
CA LEU A 70 3.08 -32.00 37.19
C LEU A 70 1.71 -31.34 37.30
N ALA A 71 1.60 -30.11 36.82
CA ALA A 71 0.35 -29.37 36.84
C ALA A 71 0.26 -28.49 35.60
N SER A 72 -0.87 -28.54 34.91
CA SER A 72 -1.08 -27.77 33.69
C SER A 72 -2.48 -27.18 33.72
N THR A 73 -2.61 -25.97 33.18
CA THR A 73 -3.87 -25.24 33.18
C THR A 73 -4.03 -24.50 31.87
N GLN A 74 -5.27 -24.42 31.38
CA GLN A 74 -5.58 -23.76 30.12
C GLN A 74 -6.77 -22.82 30.30
N SER A 75 -6.68 -21.64 29.69
CA SER A 75 -7.77 -20.67 29.65
C SER A 75 -7.95 -20.18 28.23
N GLU A 76 -9.20 -20.10 27.78
CA GLU A 76 -9.53 -19.77 26.41
C GLU A 76 -10.23 -18.42 26.38
N LEU A 77 -9.55 -17.41 25.82
CA LEU A 77 -10.11 -16.08 25.67
C LEU A 77 -10.86 -15.99 24.34
N THR A 78 -12.13 -15.59 24.40
CA THR A 78 -12.99 -15.53 23.21
C THR A 78 -13.18 -14.07 22.81
N LEU A 79 -12.56 -13.68 21.71
CA LEU A 79 -12.66 -12.33 21.18
C LEU A 79 -13.44 -12.33 19.87
N SER A 80 -13.92 -11.15 19.50
CA SER A 80 -14.59 -10.95 18.22
C SER A 80 -13.58 -10.45 17.19
N GLN A 81 -13.99 -10.50 15.91
CA GLN A 81 -13.08 -10.12 14.83
C GLN A 81 -12.71 -8.65 14.91
N LYS A 82 -13.63 -7.79 15.35
CA LYS A 82 -13.30 -6.38 15.52
C LYS A 82 -12.27 -6.18 16.62
N HIS A 83 -12.25 -7.05 17.62
CA HIS A 83 -11.28 -6.92 18.71
C HIS A 83 -9.88 -7.29 18.26
N TRP A 84 -9.70 -8.53 17.81
CA TRP A 84 -8.36 -9.03 17.51
C TRP A 84 -7.71 -8.23 16.38
N LEU A 85 -8.50 -7.80 15.39
CA LEU A 85 -7.97 -7.04 14.27
C LEU A 85 -7.87 -5.55 14.57
N SER A 86 -8.11 -5.12 15.80
CA SER A 86 -7.97 -3.73 16.18
C SER A 86 -6.53 -3.34 16.49
N ASP A 87 -5.57 -4.21 16.18
CA ASP A 87 -4.14 -3.95 16.37
C ASP A 87 -3.80 -3.66 17.83
N ARG A 88 -4.52 -4.29 18.75
CA ARG A 88 -4.26 -4.16 20.17
C ARG A 88 -3.38 -5.30 20.67
N THR A 89 -2.98 -5.20 21.93
CA THR A 89 -2.06 -6.15 22.55
C THR A 89 -2.75 -6.86 23.71
N TYR A 90 -2.63 -8.19 23.74
CA TYR A 90 -3.28 -9.01 24.74
C TYR A 90 -2.25 -9.86 25.46
N THR A 91 -2.37 -9.94 26.78
CA THR A 91 -1.37 -10.58 27.63
C THR A 91 -2.04 -11.53 28.60
N CYS A 92 -1.55 -12.76 28.65
CA CYS A 92 -2.05 -13.77 29.59
C CYS A 92 -1.26 -13.66 30.89
N GLN A 93 -1.92 -13.16 31.94
CA GLN A 93 -1.27 -12.90 33.21
C GLN A 93 -1.54 -14.04 34.18
N VAL A 94 -0.48 -14.76 34.57
CA VAL A 94 -0.56 -15.86 35.52
C VAL A 94 0.16 -15.43 36.78
N THR A 95 -0.59 -15.28 37.87
CA THR A 95 -0.04 -14.91 39.17
C THR A 95 0.13 -16.19 39.99
N TYR A 96 1.37 -16.66 40.10
CA TYR A 96 1.70 -17.91 40.80
C TYR A 96 2.54 -17.57 42.02
N GLN A 97 1.90 -17.51 43.18
CA GLN A 97 2.56 -17.18 44.45
C GLN A 97 3.27 -15.83 44.38
N THR A 100 5.21 -12.73 38.81
CA THR A 100 4.22 -12.61 37.74
C THR A 100 4.80 -13.03 36.40
N PHE A 101 4.21 -14.07 35.80
CA PHE A 101 4.60 -14.56 34.49
C PHE A 101 3.52 -14.23 33.48
N GLU A 102 3.93 -13.90 32.25
CA GLU A 102 2.99 -13.40 31.28
C GLU A 102 3.52 -13.61 29.87
N ASP A 103 2.60 -13.85 28.93
CA ASP A 103 2.89 -13.99 27.52
C ASP A 103 1.96 -13.09 26.73
N SER A 104 2.51 -12.37 25.75
CA SER A 104 1.76 -11.37 25.01
C SER A 104 1.57 -11.80 23.56
N THR A 105 0.54 -11.23 22.93
CA THR A 105 0.27 -11.47 21.52
C THR A 105 -0.57 -10.33 20.99
N LYS A 106 -0.34 -9.99 19.72
CA LYS A 106 -1.11 -9.00 19.00
C LYS A 106 -1.46 -9.55 17.62
N LYS A 107 -2.28 -8.81 16.89
CA LYS A 107 -2.64 -9.21 15.54
C LYS A 107 -1.39 -9.31 14.68
N CYS A 108 -1.23 -10.47 14.02
CA CYS A 108 -0.07 -10.70 13.18
C CYS A 108 0.01 -9.64 12.08
N ALA A 109 1.05 -8.82 12.14
CA ALA A 109 1.18 -7.70 11.21
C ALA A 109 1.42 -8.20 9.78
N ASP A 110 1.17 -7.30 8.83
CA ASP A 110 1.44 -7.61 7.44
C ASP A 110 2.94 -7.80 7.21
N SER A 111 3.28 -8.69 6.28
CA SER A 111 4.68 -8.90 5.96
C SER A 111 5.18 -7.85 4.98
N ASN A 112 4.35 -7.44 4.02
CA ASN A 112 4.64 -6.33 3.11
C ASN A 112 3.45 -5.39 3.15
N PRO A 113 3.41 -4.49 4.13
CA PRO A 113 2.27 -3.57 4.25
C PRO A 113 2.42 -2.37 3.33
N ARG A 114 1.31 -2.00 2.69
CA ARG A 114 1.32 -0.82 1.82
C ARG A 114 1.69 0.43 2.60
N GLY A 115 1.10 0.61 3.77
CA GLY A 115 1.40 1.76 4.60
C GLY A 115 0.66 3.01 4.15
N VAL A 116 0.78 4.05 4.97
CA VAL A 116 0.12 5.32 4.73
C VAL A 116 1.13 6.30 4.15
N SER A 117 0.66 7.16 3.25
CA SER A 117 1.44 8.25 2.71
C SER A 117 0.68 9.55 2.90
N ALA A 118 1.40 10.61 3.26
CA ALA A 118 0.79 11.91 3.51
C ALA A 118 1.67 12.99 2.90
N TYR A 119 1.02 14.06 2.43
CA TYR A 119 1.70 15.16 1.75
C TYR A 119 1.28 16.48 2.36
N LEU A 120 2.22 17.41 2.43
CA LEU A 120 1.98 18.74 2.98
C LEU A 120 2.66 19.75 2.07
N SER A 121 1.87 20.45 1.25
CA SER A 121 2.41 21.38 0.28
C SER A 121 2.42 22.80 0.86
N ARG A 122 2.90 23.74 0.06
CA ARG A 122 3.13 25.11 0.46
C ARG A 122 2.19 26.07 -0.27
N PRO A 123 2.00 27.29 0.25
CA PRO A 123 1.05 28.21 -0.39
C PRO A 123 1.51 28.63 -1.78
N SER A 124 0.54 28.81 -2.65
CA SER A 124 0.82 29.31 -3.99
C SER A 124 1.30 30.77 -3.89
N PRO A 125 2.27 31.15 -4.71
CA PRO A 125 2.71 32.57 -4.72
C PRO A 125 1.58 33.53 -5.04
N PHE A 126 0.55 33.08 -5.75
CA PHE A 126 -0.60 33.95 -6.02
C PHE A 126 -1.36 34.25 -4.74
N ASP A 127 -1.64 33.23 -3.94
CA ASP A 127 -2.33 33.44 -2.67
C ASP A 127 -1.46 34.12 -1.63
N LEU A 128 -0.13 34.08 -1.81
CA LEU A 128 0.78 34.68 -0.84
C LEU A 128 1.09 36.13 -1.14
N PHE A 129 1.08 36.53 -2.42
CA PHE A 129 1.50 37.87 -2.83
C PHE A 129 0.37 38.70 -3.41
N ILE A 130 -0.42 38.14 -4.33
CA ILE A 130 -1.45 38.91 -5.01
C ILE A 130 -2.74 38.90 -4.19
N ARG A 131 -3.28 37.70 -3.94
CA ARG A 131 -4.47 37.61 -3.10
C ARG A 131 -4.16 37.86 -1.63
N LYS A 132 -2.90 37.65 -1.22
CA LYS A 132 -2.45 37.92 0.14
C LYS A 132 -3.20 37.09 1.18
N SER A 133 -3.68 35.92 0.78
CA SER A 133 -4.35 34.98 1.69
C SER A 133 -3.74 33.61 1.50
N PRO A 134 -2.52 33.40 2.01
CA PRO A 134 -1.84 32.12 1.79
C PRO A 134 -2.38 31.02 2.68
N THR A 135 -2.39 29.80 2.13
CA THR A 135 -2.87 28.62 2.84
C THR A 135 -1.98 27.43 2.50
N ILE A 136 -1.71 26.59 3.52
CA ILE A 136 -1.06 25.31 3.32
C ILE A 136 -2.10 24.23 3.48
N THR A 137 -1.80 23.04 2.94
CA THR A 137 -2.76 21.95 2.90
C THR A 137 -2.09 20.63 3.24
N CYS A 138 -2.72 19.87 4.13
CA CYS A 138 -2.27 18.55 4.54
C CYS A 138 -3.19 17.51 3.91
N LEU A 139 -2.60 16.47 3.31
CA LEU A 139 -3.35 15.51 2.51
C LEU A 139 -2.92 14.09 2.85
N VAL A 140 -3.90 13.21 3.09
CA VAL A 140 -3.68 11.80 3.30
C VAL A 140 -4.46 11.03 2.24
N VAL A 141 -3.81 10.06 1.60
CA VAL A 141 -4.39 9.35 0.48
C VAL A 141 -4.35 7.85 0.75
N ASP A 142 -5.12 7.11 -0.05
CA ASP A 142 -5.16 5.64 0.00
C ASP A 142 -5.59 5.13 1.37
N LEU A 143 -6.70 5.67 1.87
CA LEU A 143 -7.25 5.28 3.15
C LEU A 143 -8.56 4.52 2.94
N ALA A 144 -8.74 3.46 3.73
CA ALA A 144 -9.91 2.58 3.63
C ALA A 144 -11.18 3.32 4.02
N PRO A 145 -12.37 2.73 3.83
CA PRO A 145 -13.60 3.32 4.38
C PRO A 145 -13.48 3.61 5.87
N SER A 146 -13.28 2.58 6.68
CA SER A 146 -12.83 2.81 8.05
C SER A 146 -11.39 3.33 7.99
N LYS A 147 -10.90 3.80 9.13
CA LYS A 147 -9.76 4.72 9.16
C LYS A 147 -10.10 5.99 8.40
N GLY A 148 -11.38 6.36 8.42
CA GLY A 148 -11.88 7.52 7.70
C GLY A 148 -12.14 8.71 8.59
N THR A 149 -12.01 8.53 9.90
CA THR A 149 -12.03 9.62 10.85
C THR A 149 -10.63 10.00 11.30
N VAL A 150 -9.61 9.69 10.49
CA VAL A 150 -8.23 9.95 10.87
C VAL A 150 -8.03 11.45 10.99
N GLN A 151 -7.62 11.88 12.19
CA GLN A 151 -7.55 13.31 12.48
C GLN A 151 -6.25 13.91 11.98
N LEU A 152 -6.31 15.18 11.62
CA LEU A 152 -5.15 15.96 11.17
C LEU A 152 -5.15 17.27 11.95
N THR A 153 -4.34 17.33 13.00
CA THR A 153 -4.26 18.49 13.88
C THR A 153 -2.99 19.28 13.60
N TRP A 154 -3.08 20.59 13.76
CA TRP A 154 -2.00 21.51 13.39
C TRP A 154 -1.23 21.99 14.62
N SER A 155 0.05 22.25 14.41
CA SER A 155 0.92 22.81 15.44
C SER A 155 2.12 23.44 14.75
N ARG A 156 2.70 24.45 15.40
CA ARG A 156 3.83 25.18 14.86
C ARG A 156 5.10 24.86 15.65
N ALA A 157 6.24 25.22 15.06
CA ALA A 157 7.51 25.01 15.74
C ALA A 157 7.66 25.94 16.95
N SER A 158 7.08 27.13 16.88
CA SER A 158 7.12 28.06 18.00
C SER A 158 5.96 27.87 18.97
N GLY A 159 4.91 27.18 18.56
CA GLY A 159 3.75 27.00 19.39
C GLY A 159 2.76 28.14 19.36
N LYS A 160 2.95 29.12 18.49
CA LYS A 160 2.04 30.24 18.39
C LYS A 160 0.67 29.77 17.90
N PRO A 161 -0.39 30.52 18.22
CA PRO A 161 -1.74 30.08 17.86
C PRO A 161 -1.92 29.94 16.35
N VAL A 162 -2.76 28.98 15.97
CA VAL A 162 -3.16 28.77 14.58
C VAL A 162 -4.66 28.98 14.48
N ASN A 163 -5.10 29.45 13.32
CA ASN A 163 -6.52 29.65 13.09
C ASN A 163 -7.21 28.31 12.84
N HIS A 164 -8.52 28.35 12.64
CA HIS A 164 -9.29 27.14 12.41
C HIS A 164 -8.90 26.51 11.09
N SER A 165 -8.96 25.19 11.04
CA SER A 165 -8.59 24.41 9.86
C SER A 165 -9.82 23.67 9.33
N THR A 166 -9.91 23.57 8.01
CA THR A 166 -10.97 22.83 7.36
C THR A 166 -10.57 21.37 7.19
N ARG A 167 -11.57 20.52 6.98
CA ARG A 167 -11.34 19.09 6.80
C ARG A 167 -12.39 18.54 5.86
N LYS A 168 -11.95 17.96 4.74
CA LYS A 168 -12.84 17.40 3.74
C LYS A 168 -12.33 16.03 3.30
N GLU A 169 -13.28 15.17 2.92
CA GLU A 169 -12.98 13.81 2.46
C GLU A 169 -13.65 13.59 1.11
N GLU A 170 -12.96 12.85 0.23
CA GLU A 170 -13.40 12.65 -1.14
C GLU A 170 -13.22 11.18 -1.52
N LYS A 171 -14.29 10.54 -1.98
CA LYS A 171 -14.21 9.17 -2.46
C LYS A 171 -13.60 9.15 -3.85
N GLN A 172 -12.61 8.29 -4.04
CA GLN A 172 -11.86 8.22 -5.29
C GLN A 172 -12.39 7.07 -6.15
N ARG A 173 -11.82 6.94 -7.36
CA ARG A 173 -12.32 5.97 -8.32
C ARG A 173 -11.90 4.55 -7.95
N ASN A 174 -10.71 4.38 -7.38
CA ASN A 174 -10.15 3.07 -7.08
C ASN A 174 -10.63 2.53 -5.73
N GLY A 175 -11.75 3.02 -5.21
CA GLY A 175 -12.25 2.54 -3.94
C GLY A 175 -11.41 2.95 -2.75
N THR A 176 -10.78 4.11 -2.80
CA THR A 176 -9.99 4.66 -1.72
C THR A 176 -10.65 5.94 -1.19
N LEU A 177 -10.02 6.53 -0.18
CA LEU A 177 -10.51 7.76 0.42
C LEU A 177 -9.34 8.68 0.68
N THR A 178 -9.55 9.98 0.46
CA THR A 178 -8.51 10.99 0.63
C THR A 178 -9.03 12.09 1.55
N VAL A 179 -8.35 12.28 2.68
CA VAL A 179 -8.68 13.33 3.64
C VAL A 179 -7.81 14.54 3.35
N THR A 180 -8.42 15.72 3.31
CA THR A 180 -7.72 16.96 3.03
C THR A 180 -7.98 17.97 4.15
N SER A 181 -6.93 18.65 4.59
CA SER A 181 -7.03 19.68 5.62
C SER A 181 -6.23 20.89 5.17
N THR A 182 -6.88 22.05 5.08
CA THR A 182 -6.26 23.29 4.65
C THR A 182 -6.10 24.23 5.85
N LEU A 183 -4.91 24.79 6.01
CA LEU A 183 -4.60 25.70 7.11
C LEU A 183 -4.18 27.05 6.56
N PRO A 184 -4.90 28.14 6.87
CA PRO A 184 -4.42 29.47 6.50
C PRO A 184 -3.31 29.93 7.42
N VAL A 185 -2.41 30.73 6.86
CA VAL A 185 -1.25 31.23 7.59
C VAL A 185 -1.23 32.76 7.50
N GLY A 186 -0.63 33.37 8.51
CA GLY A 186 -0.47 34.82 8.49
C GLY A 186 0.46 35.25 7.38
N THR A 187 0.16 36.41 6.78
CA THR A 187 0.92 36.89 5.63
C THR A 187 2.38 37.08 5.99
N ARG A 188 2.65 37.87 7.03
CA ARG A 188 4.03 38.13 7.44
C ARG A 188 4.66 36.94 8.16
N ASP A 189 3.86 36.08 8.80
CA ASP A 189 4.42 35.03 9.63
C ASP A 189 5.05 33.92 8.80
N TRP A 190 4.42 33.56 7.67
CA TRP A 190 4.97 32.49 6.83
C TRP A 190 6.25 32.91 6.12
N ILE A 191 6.42 34.20 5.86
CA ILE A 191 7.57 34.65 5.07
C ILE A 191 8.86 34.71 5.90
N GLU A 192 8.75 34.93 7.21
CA GLU A 192 9.96 35.03 8.04
C GLU A 192 10.62 33.68 8.24
N GLY A 193 9.84 32.60 8.32
CA GLY A 193 10.43 31.27 8.35
C GLY A 193 9.90 30.32 9.40
N GLU A 194 8.58 30.33 9.63
CA GLU A 194 7.97 29.39 10.56
C GLU A 194 7.72 28.06 9.87
N THR A 195 7.77 26.98 10.65
CA THR A 195 7.50 25.63 10.16
C THR A 195 6.25 25.09 10.80
N TYR A 196 5.30 24.64 9.98
CA TYR A 196 4.00 24.16 10.44
C TYR A 196 3.95 22.64 10.36
N GLN A 197 3.33 22.01 11.35
CA GLN A 197 3.30 20.56 11.47
C GLN A 197 1.88 20.03 11.31
N CYS A 198 1.78 18.83 10.74
CA CYS A 198 0.51 18.13 10.56
C CYS A 198 0.63 16.76 11.22
N ARG A 199 -0.26 16.48 12.17
CA ARG A 199 -0.23 15.25 12.97
C ARG A 199 -1.37 14.34 12.55
N VAL A 200 -1.04 13.14 12.10
CA VAL A 200 -2.01 12.19 11.55
C VAL A 200 -2.09 10.99 12.49
N THR A 201 -3.27 10.72 13.02
CA THR A 201 -3.47 9.61 13.95
C THR A 201 -4.87 9.04 13.82
N HIS A 202 -4.97 7.71 13.92
CA HIS A 202 -6.22 6.97 13.93
C HIS A 202 -5.99 5.70 14.75
N PRO A 203 -7.00 5.21 15.46
CA PRO A 203 -6.79 4.03 16.32
C PRO A 203 -6.21 2.82 15.60
N HIS A 204 -6.73 2.47 14.42
CA HIS A 204 -6.15 1.37 13.66
C HIS A 204 -4.70 1.65 13.33
N LEU A 205 -4.38 2.89 13.00
CA LEU A 205 -3.00 3.28 12.74
C LEU A 205 -2.19 3.16 14.03
N PRO A 206 -1.17 2.31 14.07
CA PRO A 206 -0.45 2.08 15.34
C PRO A 206 0.45 3.24 15.73
N ARG A 207 1.30 3.68 14.81
CA ARG A 207 2.31 4.69 15.09
C ARG A 207 1.91 6.02 14.46
N ALA A 208 2.01 7.09 15.24
CA ALA A 208 1.66 8.41 14.76
C ALA A 208 2.55 8.82 13.60
N LEU A 209 1.95 9.47 12.61
CA LEU A 209 2.68 9.99 11.45
C LEU A 209 2.80 11.50 11.57
N MET A 210 3.97 12.02 11.23
CA MET A 210 4.29 13.43 11.44
C MET A 210 4.95 14.00 10.20
N ARG A 211 4.52 15.20 9.81
CA ARG A 211 5.06 15.88 8.63
C ARG A 211 4.99 17.38 8.85
N SER A 212 6.00 18.09 8.35
CA SER A 212 6.09 19.53 8.53
C SER A 212 6.53 20.18 7.22
N THR A 213 6.38 21.50 7.16
CA THR A 213 6.74 22.26 5.97
C THR A 213 7.17 23.66 6.38
N THR A 214 7.87 24.34 5.46
CA THR A 214 8.31 25.71 5.68
C THR A 214 8.62 26.34 4.32
N LYS A 215 8.88 27.64 4.35
CA LYS A 215 9.28 28.34 3.15
C LYS A 215 10.66 27.86 2.70
N THR A 216 10.84 27.76 1.39
CA THR A 216 12.06 27.17 0.84
C THR A 216 13.28 28.00 1.19
N SER A 217 14.35 27.31 1.58
CA SER A 217 15.61 27.95 2.00
C SER A 217 16.66 27.68 0.93
N GLY A 218 16.63 28.47 -0.13
CA GLY A 218 17.61 28.35 -1.19
C GLY A 218 17.88 29.69 -1.85
N PRO A 219 18.59 29.68 -2.98
CA PRO A 219 18.76 30.92 -3.76
C PRO A 219 17.42 31.40 -4.30
N ARG A 220 17.44 32.59 -4.89
CA ARG A 220 16.24 33.17 -5.49
C ARG A 220 16.61 33.76 -6.84
N ALA A 221 15.95 33.30 -7.89
CA ALA A 221 16.18 33.79 -9.24
C ALA A 221 14.84 34.02 -9.92
N ALA A 222 14.74 35.13 -10.63
CA ALA A 222 13.49 35.51 -11.29
C ALA A 222 13.21 34.59 -12.48
N PRO A 223 11.94 34.39 -12.81
CA PRO A 223 11.61 33.52 -13.96
C PRO A 223 11.73 34.24 -15.29
N GLU A 224 12.03 33.45 -16.33
CA GLU A 224 12.08 33.93 -17.70
C GLU A 224 10.81 33.47 -18.42
N VAL A 225 10.01 34.42 -18.88
CA VAL A 225 8.72 34.14 -19.51
C VAL A 225 8.85 34.32 -21.01
N TYR A 226 8.35 33.35 -21.76
CA TYR A 226 8.33 33.41 -23.23
C TYR A 226 7.02 32.83 -23.72
N ALA A 227 6.26 33.63 -24.47
CA ALA A 227 4.99 33.20 -25.04
C ALA A 227 5.11 33.08 -26.55
N PHE A 228 4.45 32.08 -27.12
CA PHE A 228 4.46 31.86 -28.56
C PHE A 228 3.14 31.24 -28.98
N ALA A 229 2.87 31.34 -30.28
CA ALA A 229 1.64 30.83 -30.87
C ALA A 229 1.96 29.82 -31.96
N THR A 230 1.20 28.73 -31.99
CA THR A 230 1.41 27.70 -33.00
C THR A 230 0.86 28.18 -34.35
N PRO A 231 1.57 27.91 -35.45
CA PRO A 231 1.10 28.36 -36.76
C PRO A 231 -0.21 27.68 -37.15
N GLU A 232 -0.85 28.24 -38.18
CA GLU A 232 -2.14 27.75 -38.65
C GLU A 232 -1.98 26.36 -39.22
N TRP A 233 -2.43 25.35 -38.47
CA TRP A 233 -2.35 23.97 -38.94
C TRP A 233 -3.58 23.64 -39.79
N PRO A 234 -3.41 22.82 -40.84
CA PRO A 234 -4.53 22.48 -41.70
C PRO A 234 -5.72 21.94 -40.92
N GLY A 235 -6.90 22.50 -41.18
CA GLY A 235 -8.11 22.12 -40.50
C GLY A 235 -8.31 22.78 -39.15
N SER A 236 -7.39 23.62 -38.70
CA SER A 236 -7.46 24.26 -37.39
C SER A 236 -7.52 25.77 -37.60
N ARG A 237 -8.69 26.26 -38.00
CA ARG A 237 -8.94 27.69 -38.14
C ARG A 237 -9.97 28.22 -37.16
N ASP A 238 -10.88 27.37 -36.68
CA ASP A 238 -11.86 27.76 -35.69
C ASP A 238 -11.29 27.84 -34.28
N LYS A 239 -10.07 27.36 -34.07
CA LYS A 239 -9.42 27.40 -32.76
C LYS A 239 -7.92 27.48 -32.97
N ARG A 240 -7.22 28.04 -31.98
CA ARG A 240 -5.78 28.21 -32.04
C ARG A 240 -5.16 27.82 -30.72
N THR A 241 -3.94 27.28 -30.79
CA THR A 241 -3.22 26.80 -29.62
C THR A 241 -2.16 27.82 -29.21
N LEU A 242 -2.18 28.20 -27.93
CA LEU A 242 -1.18 29.11 -27.36
C LEU A 242 -0.32 28.35 -26.36
N ALA A 243 0.96 28.70 -26.30
CA ALA A 243 1.91 28.05 -25.42
C ALA A 243 2.74 29.10 -24.68
N CYS A 244 3.14 28.75 -23.46
CA CYS A 244 3.95 29.64 -22.63
C CYS A 244 5.06 28.82 -22.00
N LEU A 245 6.29 29.33 -22.05
CA LEU A 245 7.46 28.67 -21.48
C LEU A 245 8.05 29.56 -20.40
N ILE A 246 8.17 29.03 -19.19
CA ILE A 246 8.76 29.74 -18.06
C ILE A 246 9.89 28.87 -17.53
N GLN A 247 11.09 29.44 -17.45
CA GLN A 247 12.28 28.66 -17.12
C GLN A 247 13.22 29.45 -16.22
N ASN A 248 14.15 28.72 -15.62
CA ASN A 248 15.24 29.29 -14.83
C ASN A 248 14.72 30.21 -13.72
N PHE A 249 13.83 29.66 -12.89
CA PHE A 249 13.35 30.35 -11.70
C PHE A 249 13.63 29.48 -10.47
N MET A 250 13.95 30.13 -9.37
CA MET A 250 14.24 29.43 -8.12
C MET A 250 13.49 30.04 -6.96
N PRO A 251 12.88 29.20 -6.11
CA PRO A 251 12.76 27.75 -6.29
C PRO A 251 11.46 27.34 -7.00
N GLU A 252 11.07 26.08 -6.86
CA GLU A 252 10.02 25.47 -7.68
C GLU A 252 8.63 26.00 -7.37
N ASP A 253 8.47 26.95 -6.46
CA ASP A 253 7.14 27.49 -6.15
C ASP A 253 6.78 28.54 -7.19
N ILE A 254 5.68 28.33 -7.91
CA ILE A 254 5.28 29.22 -9.00
C ILE A 254 3.80 29.00 -9.27
N SER A 255 3.14 30.04 -9.78
CA SER A 255 1.75 29.98 -10.19
C SER A 255 1.62 30.56 -11.59
N VAL A 256 1.14 29.74 -12.53
CA VAL A 256 1.01 30.12 -13.93
C VAL A 256 -0.46 30.34 -14.24
N GLN A 257 -0.79 31.50 -14.81
CA GLN A 257 -2.15 31.86 -15.12
C GLN A 257 -2.22 32.43 -16.54
N TRP A 258 -3.44 32.50 -17.06
CA TRP A 258 -3.72 33.10 -18.36
C TRP A 258 -4.79 34.17 -18.20
N LEU A 259 -4.61 35.30 -18.87
CA LEU A 259 -5.54 36.42 -18.78
C LEU A 259 -6.00 36.82 -20.17
N HIS A 260 -7.32 36.99 -20.33
CA HIS A 260 -7.92 37.48 -21.55
C HIS A 260 -8.95 38.54 -21.19
N ASN A 261 -8.93 39.65 -21.92
CA ASN A 261 -9.80 40.80 -21.65
C ASN A 261 -9.59 41.32 -20.23
N GLU A 262 -8.34 41.28 -19.77
CA GLU A 262 -7.94 41.81 -18.46
C GLU A 262 -8.65 41.07 -17.32
N VAL A 263 -8.81 39.76 -17.47
CA VAL A 263 -9.38 38.93 -16.41
C VAL A 263 -8.80 37.52 -16.54
N GLN A 264 -8.73 36.82 -15.41
CA GLN A 264 -8.08 35.52 -15.35
C GLN A 264 -9.05 34.40 -15.75
N LEU A 265 -8.48 33.31 -16.32
CA LEU A 265 -9.13 32.12 -16.86
C LEU A 265 -8.96 30.94 -15.91
N PRO A 266 -9.90 30.01 -15.90
CA PRO A 266 -9.81 28.87 -14.98
C PRO A 266 -8.70 27.91 -15.38
N ASP A 267 -8.41 26.98 -14.46
CA ASP A 267 -7.37 25.99 -14.72
C ASP A 267 -7.78 25.01 -15.81
N ALA A 268 -9.08 24.78 -15.99
CA ALA A 268 -9.53 23.79 -16.95
C ALA A 268 -9.24 24.19 -18.38
N ARG A 269 -9.11 25.49 -18.64
CA ARG A 269 -8.88 25.94 -20.01
C ARG A 269 -7.48 25.60 -20.49
N HIS A 270 -6.49 25.58 -19.60
CA HIS A 270 -5.11 25.34 -19.96
C HIS A 270 -4.60 24.05 -19.33
N SER A 271 -3.48 23.57 -19.85
CA SER A 271 -2.81 22.37 -19.33
C SER A 271 -1.36 22.73 -19.05
N THR A 272 -0.99 22.76 -17.77
CA THR A 272 0.33 23.19 -17.33
C THR A 272 1.07 22.03 -16.69
N THR A 273 2.36 21.91 -17.02
CA THR A 273 3.18 20.83 -16.51
C THR A 273 3.66 21.13 -15.09
N GLN A 274 4.32 20.13 -14.48
CA GLN A 274 4.95 20.23 -13.17
C GLN A 274 6.41 20.65 -13.31
N PRO A 275 6.95 21.35 -12.32
CA PRO A 275 8.34 21.83 -12.44
C PRO A 275 9.34 20.69 -12.45
N ARG A 276 10.20 20.68 -13.47
CA ARG A 276 11.32 19.76 -13.55
C ARG A 276 12.61 20.58 -13.55
N LYS A 277 13.65 20.00 -12.97
CA LYS A 277 14.90 20.73 -12.76
C LYS A 277 15.58 21.05 -14.09
N THR A 278 16.09 22.27 -14.20
CA THR A 278 16.81 22.70 -15.39
C THR A 278 18.24 22.17 -15.37
N LYS A 279 18.82 22.06 -16.56
CA LYS A 279 20.18 21.56 -16.70
C LYS A 279 21.19 22.69 -16.53
N PHE A 283 14.54 25.54 -12.81
CA PHE A 283 13.30 24.82 -13.10
C PHE A 283 12.55 25.45 -14.26
N PHE A 284 11.81 24.63 -15.01
CA PHE A 284 11.06 25.10 -16.16
C PHE A 284 9.69 24.42 -16.18
N VAL A 285 8.71 25.14 -16.74
CA VAL A 285 7.34 24.65 -16.85
C VAL A 285 6.79 25.03 -18.21
N PHE A 286 5.86 24.21 -18.71
CA PHE A 286 5.14 24.48 -19.94
C PHE A 286 3.64 24.54 -19.66
N SER A 287 2.95 25.46 -20.32
CA SER A 287 1.51 25.57 -20.23
C SER A 287 0.93 25.71 -21.63
N ARG A 288 -0.30 25.23 -21.80
CA ARG A 288 -0.92 25.17 -23.11
C ARG A 288 -2.39 25.58 -22.98
N LEU A 289 -2.73 26.75 -23.52
CA LEU A 289 -4.10 27.25 -23.53
C LEU A 289 -4.58 27.35 -24.97
N GLU A 290 -5.79 26.85 -25.23
CA GLU A 290 -6.38 26.86 -26.56
C GLU A 290 -7.57 27.81 -26.57
N VAL A 291 -7.64 28.64 -27.60
CA VAL A 291 -8.68 29.67 -27.69
C VAL A 291 -9.64 29.31 -28.83
N THR A 292 -10.77 29.99 -28.85
CA THR A 292 -11.78 29.85 -29.90
C THR A 292 -11.74 31.08 -30.80
N ARG A 293 -12.52 31.00 -31.89
CA ARG A 293 -12.52 32.09 -32.87
C ARG A 293 -13.05 33.39 -32.26
N ALA A 294 -14.08 33.30 -31.42
CA ALA A 294 -14.63 34.47 -30.76
C ALA A 294 -13.76 34.97 -29.61
N GLU A 295 -12.75 34.21 -29.20
CA GLU A 295 -11.90 34.63 -28.09
C GLU A 295 -10.97 35.76 -28.51
N TRP A 296 -10.27 35.61 -29.63
CA TRP A 296 -9.37 36.65 -30.09
C TRP A 296 -10.08 37.76 -30.84
N GLU A 297 -11.34 37.56 -31.26
CA GLU A 297 -12.07 38.62 -31.92
C GLU A 297 -12.46 39.73 -30.95
N GLN A 298 -12.75 39.38 -29.69
CA GLN A 298 -13.07 40.38 -28.68
C GLN A 298 -11.83 41.17 -28.29
N LYS A 299 -10.81 40.48 -27.78
CA LYS A 299 -9.55 41.10 -27.40
C LYS A 299 -8.43 40.20 -27.89
N ASP A 300 -7.70 40.64 -28.91
CA ASP A 300 -6.63 39.85 -29.51
C ASP A 300 -5.33 40.02 -28.72
N GLU A 301 -5.40 39.64 -27.44
CA GLU A 301 -4.26 39.74 -26.54
C GLU A 301 -4.50 38.82 -25.35
N PHE A 302 -3.54 37.95 -25.06
CA PHE A 302 -3.60 37.04 -23.94
C PHE A 302 -2.33 37.18 -23.11
N ILE A 303 -2.48 37.26 -21.79
CA ILE A 303 -1.37 37.52 -20.89
C ILE A 303 -1.03 36.24 -20.14
N CYS A 304 0.17 35.73 -20.34
CA CYS A 304 0.70 34.61 -19.57
C CYS A 304 1.38 35.19 -18.33
N ARG A 305 0.64 35.21 -17.21
CA ARG A 305 1.12 35.82 -15.98
C ARG A 305 1.80 34.77 -15.11
N ALA A 306 2.95 35.15 -14.54
CA ALA A 306 3.71 34.31 -13.63
C ALA A 306 3.88 35.02 -12.30
N VAL A 307 3.62 34.30 -11.21
CA VAL A 307 3.76 34.85 -9.86
C VAL A 307 4.88 34.08 -9.17
N HIS A 308 6.01 34.76 -8.97
CA HIS A 308 7.17 34.16 -8.33
C HIS A 308 7.71 35.11 -7.28
N GLU A 309 8.38 34.55 -6.26
CA GLU A 309 8.86 35.35 -5.14
C GLU A 309 10.02 36.26 -5.54
N ALA A 310 10.78 35.87 -6.55
CA ALA A 310 11.94 36.64 -6.98
C ALA A 310 11.61 37.64 -8.10
N ALA A 311 10.35 37.70 -8.54
CA ALA A 311 9.98 38.58 -9.63
C ALA A 311 9.84 40.02 -9.13
N SER A 312 9.75 40.94 -10.10
CA SER A 312 9.59 42.36 -9.81
C SER A 312 8.67 42.97 -10.86
N PRO A 313 7.97 44.07 -10.52
CA PRO A 313 8.01 44.83 -9.27
C PRO A 313 7.23 44.20 -8.12
N SER A 314 6.03 43.68 -8.42
CA SER A 314 5.18 43.10 -7.37
C SER A 314 5.07 41.59 -7.52
N GLN A 315 6.21 40.91 -7.57
CA GLN A 315 6.27 39.45 -7.63
C GLN A 315 5.48 38.90 -8.82
N THR A 316 5.53 39.62 -9.94
CA THR A 316 4.77 39.23 -11.12
C THR A 316 5.50 39.68 -12.38
N VAL A 317 5.65 38.76 -13.33
CA VAL A 317 6.21 39.05 -14.64
C VAL A 317 5.37 38.33 -15.68
N GLN A 318 5.00 39.03 -16.74
CA GLN A 318 4.10 38.49 -17.75
C GLN A 318 4.54 38.94 -19.14
N ARG A 319 4.07 38.20 -20.15
CA ARG A 319 4.23 38.57 -21.54
C ARG A 319 2.93 38.25 -22.28
N ALA A 320 2.65 39.04 -23.30
CA ALA A 320 1.42 38.89 -24.08
C ALA A 320 1.66 38.06 -25.33
N VAL A 321 0.56 37.64 -25.95
CA VAL A 321 0.61 36.89 -27.20
C VAL A 321 -0.67 37.19 -27.98
N SER A 322 -0.55 37.22 -29.31
CA SER A 322 -1.68 37.50 -30.18
C SER A 322 -1.76 36.44 -31.27
N VAL A 323 -2.97 36.26 -31.80
CA VAL A 323 -3.19 35.24 -32.81
C VAL A 323 -2.69 35.70 -34.19
N ASN A 324 -2.90 36.97 -34.52
CA ASN A 324 -2.46 37.50 -35.80
C ASN A 324 -1.34 38.53 -35.61
N PRO B 10 -17.69 -40.95 14.33
CA PRO B 10 -17.48 -39.69 13.61
C PRO B 10 -16.52 -38.75 14.34
N PRO B 11 -15.36 -38.50 13.74
CA PRO B 11 -14.36 -37.65 14.39
C PRO B 11 -14.57 -36.17 14.10
N THR B 12 -13.94 -35.35 14.93
CA THR B 12 -13.97 -33.90 14.80
C THR B 12 -12.53 -33.39 14.76
N VAL B 13 -12.26 -32.47 13.83
CA VAL B 13 -10.89 -32.01 13.56
C VAL B 13 -10.88 -30.50 13.47
N LYS B 14 -9.98 -29.87 14.24
CA LYS B 14 -9.72 -28.44 14.13
C LYS B 14 -8.24 -28.21 14.42
N ILE B 15 -7.73 -27.08 13.94
CA ILE B 15 -6.31 -26.77 14.01
C ILE B 15 -6.10 -25.49 14.80
N LEU B 16 -5.04 -25.45 15.59
CA LEU B 16 -4.59 -24.25 16.29
C LEU B 16 -3.14 -23.97 15.91
N GLN B 17 -2.83 -22.71 15.68
CA GLN B 17 -1.50 -22.28 15.27
C GLN B 17 -0.81 -21.51 16.39
N SER B 18 0.43 -21.10 16.14
CA SER B 18 1.20 -20.35 17.10
C SER B 18 0.87 -18.87 17.03
N SER B 19 0.73 -18.24 18.19
CA SER B 19 0.39 -16.82 18.26
C SER B 19 1.61 -15.96 17.98
N CYS B 20 1.36 -14.78 17.41
CA CYS B 20 2.42 -13.86 17.07
C CYS B 20 2.93 -13.14 18.31
N ASP B 21 4.10 -12.51 18.15
CA ASP B 21 4.70 -11.74 19.24
C ASP B 21 3.81 -10.55 19.60
N GLY B 22 4.09 -9.96 20.77
CA GLY B 22 3.31 -8.82 21.21
C GLY B 22 3.38 -7.63 20.25
N GLY B 23 4.46 -7.54 19.48
CA GLY B 23 4.57 -6.49 18.48
C GLY B 23 4.11 -6.95 17.12
N GLY B 24 3.31 -8.01 17.07
CA GLY B 24 2.83 -8.54 15.82
C GLY B 24 3.86 -9.30 15.00
N HIS B 25 5.00 -9.63 15.58
CA HIS B 25 6.05 -10.35 14.87
C HIS B 25 5.87 -11.86 15.04
N PHE B 26 6.55 -12.61 14.18
CA PHE B 26 6.45 -14.06 14.17
C PHE B 26 7.54 -14.70 15.01
N PRO B 27 7.32 -15.92 15.49
CA PRO B 27 8.41 -16.70 16.07
C PRO B 27 9.33 -17.21 14.97
N PRO B 28 10.50 -17.74 15.32
CA PRO B 28 11.35 -18.35 14.28
C PRO B 28 10.68 -19.51 13.56
N THR B 29 9.84 -20.27 14.25
CA THR B 29 9.12 -21.39 13.67
C THR B 29 7.64 -21.24 13.96
N ILE B 30 6.83 -21.99 13.22
CA ILE B 30 5.38 -22.01 13.39
C ILE B 30 4.94 -23.44 13.61
N GLN B 31 4.20 -23.68 14.69
CA GLN B 31 3.73 -25.01 15.05
C GLN B 31 2.22 -25.07 14.91
N LEU B 32 1.72 -26.11 14.25
CA LEU B 32 0.29 -26.29 14.00
C LEU B 32 -0.16 -27.59 14.67
N LEU B 33 -1.05 -27.46 15.65
CA LEU B 33 -1.57 -28.61 16.39
C LEU B 33 -2.96 -28.96 15.85
N CYS B 34 -3.12 -30.22 15.45
CA CYS B 34 -4.37 -30.71 14.89
C CYS B 34 -5.03 -31.63 15.91
N LEU B 35 -6.23 -31.26 16.35
CA LEU B 35 -6.94 -31.97 17.41
C LEU B 35 -8.03 -32.85 16.79
N VAL B 36 -7.99 -34.14 17.09
CA VAL B 36 -9.01 -35.07 16.60
C VAL B 36 -9.94 -35.47 17.73
N TYR B 39 -14.49 -39.03 19.82
CA TYR B 39 -14.95 -39.91 18.76
C TYR B 39 -15.00 -41.36 19.24
N THR B 40 -15.71 -42.21 18.50
CA THR B 40 -15.81 -43.62 18.85
C THR B 40 -14.45 -44.28 18.67
N PRO B 41 -13.89 -44.90 19.71
CA PRO B 41 -12.53 -45.45 19.59
C PRO B 41 -12.46 -46.58 18.57
N GLY B 42 -11.26 -46.77 18.03
CA GLY B 42 -11.01 -47.79 17.03
C GLY B 42 -9.72 -47.58 16.29
N THR B 43 -9.79 -47.49 14.96
CA THR B 43 -8.62 -47.24 14.12
C THR B 43 -8.59 -45.78 13.71
N ILE B 44 -7.44 -45.13 13.89
CA ILE B 44 -7.28 -43.72 13.55
C ILE B 44 -5.82 -43.48 13.22
N GLN B 45 -5.58 -42.59 12.24
CA GLN B 45 -4.24 -42.15 11.91
C GLN B 45 -4.34 -40.79 11.23
N ILE B 46 -3.29 -39.98 11.42
CA ILE B 46 -3.29 -38.59 11.01
C ILE B 46 -2.20 -38.37 9.96
N THR B 47 -2.50 -37.54 8.96
CA THR B 47 -1.58 -37.27 7.86
C THR B 47 -1.62 -35.77 7.53
N TRP B 48 -0.44 -35.22 7.23
CA TRP B 48 -0.31 -33.81 6.86
C TRP B 48 -0.05 -33.69 5.37
N LEU B 49 -0.60 -32.65 4.76
CA LEU B 49 -0.46 -32.39 3.32
C LEU B 49 -0.04 -30.94 3.12
N GLU B 50 1.02 -30.73 2.34
CA GLU B 50 1.51 -29.40 1.99
C GLU B 50 1.06 -29.09 0.57
N ASP B 51 0.01 -28.27 0.45
CA ASP B 51 -0.58 -27.91 -0.84
C ASP B 51 -0.94 -29.16 -1.65
N GLY B 52 -1.35 -30.21 -0.96
CA GLY B 52 -1.70 -31.46 -1.62
C GLY B 52 -0.67 -32.55 -1.42
N GLN B 53 0.61 -32.21 -1.59
CA GLN B 53 1.67 -33.20 -1.46
C GLN B 53 1.83 -33.64 -0.01
N VAL B 54 2.17 -34.92 0.17
CA VAL B 54 2.36 -35.47 1.51
C VAL B 54 3.74 -35.08 2.02
N MET B 55 3.84 -34.91 3.34
CA MET B 55 5.07 -34.48 3.99
C MET B 55 5.70 -35.64 4.75
N ASP B 56 6.97 -35.47 5.09
CA ASP B 56 7.68 -36.46 5.88
C ASP B 56 7.02 -36.61 7.25
N VAL B 57 6.68 -37.85 7.60
CA VAL B 57 6.06 -38.11 8.89
C VAL B 57 7.01 -37.82 10.05
N ASP B 58 8.32 -37.73 9.77
CA ASP B 58 9.29 -37.37 10.78
C ASP B 58 9.15 -35.92 11.23
N LEU B 59 8.42 -35.09 10.48
CA LEU B 59 8.20 -33.70 10.85
C LEU B 59 7.14 -33.52 11.92
N SER B 60 6.35 -34.56 12.21
CA SER B 60 5.26 -34.47 13.16
C SER B 60 5.51 -35.39 14.35
N THR B 61 4.88 -35.05 15.48
CA THR B 61 4.95 -35.84 16.70
C THR B 61 3.53 -36.05 17.22
N ALA B 62 3.06 -37.28 17.18
CA ALA B 62 1.68 -37.60 17.52
C ALA B 62 1.55 -37.98 19.00
N SER B 63 0.32 -37.84 19.51
CA SER B 63 0.00 -38.18 20.88
C SER B 63 -1.44 -38.64 20.95
N THR B 64 -1.69 -39.69 21.73
CA THR B 64 -3.03 -40.25 21.87
C THR B 64 -3.31 -40.55 23.32
N THR B 65 -4.49 -40.13 23.79
CA THR B 65 -4.93 -40.39 25.16
C THR B 65 -6.34 -40.96 25.13
N GLN B 66 -6.52 -42.10 25.79
CA GLN B 66 -7.83 -42.75 25.82
C GLN B 66 -8.55 -42.50 27.13
N ALA B 71 -11.48 -41.15 22.37
CA ALA B 71 -10.12 -40.86 22.79
C ALA B 71 -9.67 -39.48 22.32
N SER B 72 -8.49 -39.06 22.75
CA SER B 72 -7.92 -37.76 22.40
C SER B 72 -6.62 -38.00 21.63
N THR B 73 -6.59 -37.55 20.37
CA THR B 73 -5.44 -37.71 19.51
C THR B 73 -5.07 -36.37 18.89
N GLN B 74 -3.78 -36.07 18.86
CA GLN B 74 -3.31 -34.80 18.33
C GLN B 74 -1.95 -34.98 17.66
N SER B 75 -1.60 -34.02 16.81
CA SER B 75 -0.34 -34.05 16.08
C SER B 75 0.12 -32.62 15.84
N GLU B 76 1.40 -32.34 16.11
CA GLU B 76 1.96 -31.00 15.99
C GLU B 76 3.01 -30.99 14.89
N LEU B 77 2.82 -30.11 13.91
CA LEU B 77 3.73 -29.97 12.78
C LEU B 77 4.40 -28.61 12.85
N THR B 78 5.73 -28.60 12.89
CA THR B 78 6.51 -27.37 12.98
C THR B 78 6.96 -26.93 11.60
N LEU B 79 6.65 -25.69 11.25
CA LEU B 79 7.03 -25.11 9.96
C LEU B 79 8.06 -24.02 10.17
N SER B 80 8.90 -23.83 9.16
CA SER B 80 9.79 -22.67 9.13
C SER B 80 8.99 -21.44 8.68
N GLN B 81 9.34 -20.28 9.24
CA GLN B 81 8.61 -19.06 8.93
C GLN B 81 8.65 -18.75 7.43
N LYS B 82 9.68 -19.21 6.74
CA LYS B 82 9.78 -18.98 5.30
C LYS B 82 8.61 -19.60 4.55
N HIS B 83 8.27 -20.85 4.87
CA HIS B 83 7.22 -21.54 4.15
C HIS B 83 5.83 -21.17 4.67
N TRP B 84 5.70 -20.88 5.96
CA TRP B 84 4.41 -20.44 6.49
C TRP B 84 4.01 -19.10 5.88
N LEU B 85 4.96 -18.19 5.72
CA LEU B 85 4.70 -16.91 5.10
C LEU B 85 4.66 -16.98 3.58
N SER B 86 4.99 -18.13 2.99
CA SER B 86 4.89 -18.33 1.56
C SER B 86 3.47 -18.65 1.11
N ASP B 87 2.49 -18.54 2.01
CA ASP B 87 1.07 -18.76 1.69
C ASP B 87 0.83 -20.19 1.17
N ARG B 88 1.45 -21.16 1.81
CA ARG B 88 1.19 -22.56 1.52
C ARG B 88 0.02 -23.05 2.37
N THR B 89 -0.78 -23.94 1.79
CA THR B 89 -1.95 -24.49 2.46
C THR B 89 -1.60 -25.87 3.01
N TYR B 90 -1.93 -26.09 4.28
CA TYR B 90 -1.59 -27.33 4.98
C TYR B 90 -2.87 -28.02 5.45
N THR B 91 -2.96 -29.32 5.20
CA THR B 91 -4.18 -30.08 5.45
C THR B 91 -3.89 -31.20 6.46
N CYS B 92 -4.76 -31.31 7.46
CA CYS B 92 -4.68 -32.38 8.46
C CYS B 92 -5.62 -33.49 8.02
N GLN B 93 -5.06 -34.52 7.38
CA GLN B 93 -5.84 -35.62 6.83
C GLN B 93 -5.94 -36.75 7.86
N VAL B 94 -7.16 -37.04 8.30
CA VAL B 94 -7.40 -38.04 9.33
C VAL B 94 -8.28 -39.14 8.74
N THR B 95 -7.77 -40.37 8.75
CA THR B 95 -8.53 -41.54 8.33
C THR B 95 -8.93 -42.31 9.58
N TYR B 96 -10.22 -42.30 9.90
CA TYR B 96 -10.75 -42.95 11.09
C TYR B 96 -11.60 -44.14 10.68
N GLN B 97 -11.12 -45.35 10.99
CA GLN B 97 -11.89 -46.58 10.88
C GLN B 97 -12.68 -46.71 9.59
N GLY B 98 -12.13 -46.20 8.49
CA GLY B 98 -12.83 -46.29 7.22
C GLY B 98 -12.47 -45.17 6.25
N HIS B 99 -13.18 -44.06 6.34
CA HIS B 99 -13.05 -42.97 5.38
C HIS B 99 -12.22 -41.83 5.96
N THR B 100 -11.90 -40.86 5.11
CA THR B 100 -11.01 -39.77 5.44
C THR B 100 -11.79 -38.50 5.78
N PHE B 101 -11.16 -37.64 6.58
CA PHE B 101 -11.73 -36.35 6.95
C PHE B 101 -10.62 -35.33 7.03
N GLU B 102 -10.82 -34.18 6.40
CA GLU B 102 -9.73 -33.24 6.12
C GLU B 102 -10.10 -31.83 6.57
N ASP B 103 -9.12 -31.15 7.19
CA ASP B 103 -9.20 -29.74 7.52
C ASP B 103 -7.94 -29.05 7.02
N SER B 104 -8.09 -27.83 6.50
CA SER B 104 -6.99 -27.09 5.92
C SER B 104 -6.80 -25.76 6.61
N THR B 105 -5.63 -25.16 6.40
CA THR B 105 -5.26 -23.90 7.04
C THR B 105 -4.12 -23.26 6.27
N LYS B 106 -4.20 -21.95 6.07
CA LYS B 106 -3.10 -21.16 5.52
C LYS B 106 -2.90 -19.92 6.38
N LYS B 107 -1.81 -19.20 6.09
CA LYS B 107 -1.50 -18.00 6.85
C LYS B 107 -2.61 -16.97 6.72
N CYS B 108 -2.92 -16.31 7.83
CA CYS B 108 -4.01 -15.33 7.84
C CYS B 108 -3.69 -14.18 6.89
N ALA B 109 -4.65 -13.87 6.02
CA ALA B 109 -4.43 -12.89 4.98
C ALA B 109 -4.22 -11.50 5.56
N ASP B 110 -3.32 -10.74 4.94
CA ASP B 110 -3.09 -9.36 5.34
C ASP B 110 -4.34 -8.53 5.10
N SER B 111 -4.47 -7.45 5.86
CA SER B 111 -5.66 -6.60 5.76
C SER B 111 -5.63 -5.79 4.46
N ASN B 112 -4.62 -4.95 4.31
CA ASN B 112 -4.42 -4.17 3.08
C ASN B 112 -3.04 -4.49 2.54
N PRO B 113 -2.91 -5.53 1.73
CA PRO B 113 -1.60 -5.89 1.16
C PRO B 113 -1.23 -4.96 0.01
N ARG B 114 0.03 -5.04 -0.38
CA ARG B 114 0.52 -4.26 -1.51
C ARG B 114 0.40 -5.03 -2.82
N GLY B 115 0.69 -6.32 -2.80
CA GLY B 115 0.64 -7.12 -4.01
C GLY B 115 1.82 -6.82 -4.92
N VAL B 116 1.80 -7.48 -6.07
CA VAL B 116 2.83 -7.30 -7.08
C VAL B 116 2.37 -6.22 -8.06
N SER B 117 3.34 -5.63 -8.76
CA SER B 117 3.06 -4.64 -9.78
C SER B 117 3.95 -4.92 -10.98
N ALA B 118 3.35 -5.11 -12.15
CA ALA B 118 4.08 -5.45 -13.36
C ALA B 118 3.63 -4.58 -14.52
N TYR B 119 4.56 -4.28 -15.42
CA TYR B 119 4.29 -3.46 -16.59
C TYR B 119 4.98 -4.07 -17.81
N LEU B 120 4.26 -4.08 -18.92
CA LEU B 120 4.81 -4.52 -20.21
C LEU B 120 4.62 -3.39 -21.22
N SER B 121 5.72 -2.95 -21.82
CA SER B 121 5.73 -1.77 -22.67
C SER B 121 5.81 -2.15 -24.14
N ARG B 122 5.27 -1.28 -24.99
CA ARG B 122 5.31 -1.43 -26.43
C ARG B 122 6.64 -0.90 -26.97
N PRO B 123 7.09 -1.43 -28.12
CA PRO B 123 8.36 -0.95 -28.69
C PRO B 123 8.28 0.52 -29.08
N SER B 124 9.38 1.22 -28.87
CA SER B 124 9.44 2.62 -29.28
C SER B 124 9.45 2.71 -30.80
N PRO B 125 8.71 3.67 -31.38
CA PRO B 125 8.64 3.76 -32.84
C PRO B 125 9.99 3.96 -33.51
N PHE B 126 10.97 4.54 -32.81
CA PHE B 126 12.30 4.70 -33.39
C PHE B 126 12.96 3.34 -33.63
N ASP B 127 12.60 2.33 -32.86
CA ASP B 127 13.16 1.00 -33.03
C ASP B 127 12.41 0.15 -34.05
N LEU B 128 11.09 0.31 -34.15
CA LEU B 128 10.29 -0.48 -35.08
C LEU B 128 10.26 0.10 -36.48
N PHE B 129 10.29 1.42 -36.62
CA PHE B 129 10.13 2.08 -37.92
C PHE B 129 11.41 2.67 -38.47
N ILE B 130 12.21 3.35 -37.64
CA ILE B 130 13.42 4.01 -38.11
C ILE B 130 14.60 3.04 -38.11
N ARG B 131 14.79 2.31 -37.02
CA ARG B 131 15.85 1.30 -36.95
C ARG B 131 15.36 -0.08 -37.39
N LYS B 132 14.05 -0.32 -37.31
CA LYS B 132 13.44 -1.55 -37.82
C LYS B 132 13.90 -2.78 -37.04
N SER B 133 14.08 -2.61 -35.73
CA SER B 133 14.44 -3.70 -34.82
C SER B 133 13.76 -3.47 -33.48
N PRO B 134 12.44 -3.72 -33.41
CA PRO B 134 11.70 -3.40 -32.19
C PRO B 134 12.00 -4.37 -31.06
N THR B 135 11.76 -3.89 -29.84
CA THR B 135 11.95 -4.67 -28.62
C THR B 135 10.84 -4.35 -27.64
N ILE B 136 10.38 -5.37 -26.92
CA ILE B 136 9.40 -5.19 -25.86
C ILE B 136 10.08 -5.46 -24.52
N THR B 137 9.36 -5.16 -23.43
CA THR B 137 9.95 -5.23 -22.11
C THR B 137 8.88 -5.59 -21.08
N CYS B 138 9.23 -6.49 -20.17
CA CYS B 138 8.38 -6.84 -19.03
C CYS B 138 9.01 -6.23 -17.78
N LEU B 139 8.38 -5.18 -17.26
CA LEU B 139 8.89 -4.42 -16.13
C LEU B 139 8.09 -4.75 -14.87
N VAL B 140 8.80 -4.97 -13.77
CA VAL B 140 8.18 -5.24 -12.48
C VAL B 140 8.75 -4.25 -11.47
N VAL B 141 7.86 -3.56 -10.76
CA VAL B 141 8.22 -2.40 -9.95
C VAL B 141 7.84 -2.65 -8.50
N ASP B 142 8.67 -2.15 -7.58
CA ASP B 142 8.36 -2.04 -6.16
C ASP B 142 8.11 -3.39 -5.51
N LEU B 143 9.18 -4.08 -5.11
CA LEU B 143 9.06 -5.32 -4.35
C LEU B 143 10.24 -5.43 -3.40
N ALA B 144 10.13 -6.41 -2.51
CA ALA B 144 11.12 -6.62 -1.45
C ALA B 144 12.38 -7.28 -1.99
N PRO B 145 13.50 -7.16 -1.27
CA PRO B 145 14.74 -7.81 -1.75
C PRO B 145 14.65 -9.32 -1.87
N SER B 146 14.02 -10.00 -0.90
CA SER B 146 13.93 -11.45 -0.98
C SER B 146 13.14 -11.91 -2.20
N LYS B 147 12.36 -11.01 -2.81
CA LYS B 147 11.61 -11.35 -4.02
C LYS B 147 12.45 -10.95 -5.23
N GLY B 148 13.78 -10.96 -5.07
CA GLY B 148 14.68 -10.76 -6.18
C GLY B 148 14.86 -11.99 -7.05
N THR B 149 14.71 -13.19 -6.48
CA THR B 149 14.77 -14.43 -7.22
C THR B 149 13.50 -14.70 -8.03
N VAL B 150 12.54 -13.77 -8.02
CA VAL B 150 11.34 -13.88 -8.83
C VAL B 150 11.73 -13.97 -10.29
N GLN B 151 11.62 -15.16 -10.86
CA GLN B 151 11.95 -15.39 -12.26
C GLN B 151 10.69 -15.24 -13.11
N LEU B 152 10.71 -14.31 -14.04
CA LEU B 152 9.61 -14.15 -14.99
C LEU B 152 9.95 -14.90 -16.28
N THR B 153 8.94 -15.55 -16.84
CA THR B 153 9.11 -16.41 -18.01
C THR B 153 8.27 -15.88 -19.17
N TRP B 154 8.91 -15.71 -20.32
CA TRP B 154 8.21 -15.26 -21.52
C TRP B 154 7.49 -16.42 -22.19
N SER B 155 6.51 -16.08 -23.02
CA SER B 155 5.75 -17.05 -23.79
C SER B 155 4.99 -16.32 -24.89
N ARG B 156 4.86 -16.96 -26.05
CA ARG B 156 4.13 -16.40 -27.17
C ARG B 156 2.78 -17.11 -27.32
N ALA B 157 1.74 -16.33 -27.64
CA ALA B 157 0.40 -16.89 -27.74
C ALA B 157 0.27 -17.83 -28.93
N SER B 158 1.05 -17.61 -29.99
CA SER B 158 0.98 -18.47 -31.17
C SER B 158 1.57 -19.85 -30.93
N GLY B 159 2.27 -20.06 -29.81
CA GLY B 159 2.91 -21.33 -29.53
C GLY B 159 4.34 -21.45 -30.02
N LYS B 160 4.79 -20.54 -30.89
CA LYS B 160 6.16 -20.59 -31.39
C LYS B 160 7.12 -20.25 -30.26
N PRO B 161 8.33 -20.82 -30.28
CA PRO B 161 9.30 -20.51 -29.23
C PRO B 161 9.80 -19.08 -29.32
N VAL B 162 10.19 -18.56 -28.16
CA VAL B 162 10.65 -17.19 -28.04
C VAL B 162 12.17 -17.18 -28.09
N ASN B 163 12.73 -16.04 -28.51
CA ASN B 163 14.17 -15.86 -28.49
C ASN B 163 14.65 -15.69 -27.05
N HIS B 164 15.94 -15.44 -26.89
CA HIS B 164 16.54 -15.27 -25.57
C HIS B 164 16.40 -13.81 -25.13
N SER B 165 16.10 -13.61 -23.84
CA SER B 165 15.85 -12.31 -23.27
C SER B 165 16.93 -11.97 -22.25
N THR B 166 16.86 -10.74 -21.72
CA THR B 166 17.84 -10.22 -20.78
C THR B 166 17.16 -9.90 -19.46
N ARG B 167 17.87 -10.14 -18.36
CA ARG B 167 17.34 -9.90 -17.03
C ARG B 167 18.35 -9.09 -16.21
N LYS B 168 17.84 -8.15 -15.42
CA LYS B 168 18.70 -7.32 -14.59
C LYS B 168 17.89 -6.76 -13.43
N GLU B 169 18.47 -6.77 -12.23
CA GLU B 169 17.84 -6.21 -11.05
C GLU B 169 18.54 -4.90 -10.67
N GLU B 170 17.78 -4.01 -10.04
CA GLU B 170 18.24 -2.64 -9.81
C GLU B 170 17.76 -2.16 -8.45
N LYS B 171 18.68 -1.57 -7.68
CA LYS B 171 18.38 -1.07 -6.35
C LYS B 171 17.98 0.40 -6.45
N GLN B 172 16.74 0.70 -6.05
CA GLN B 172 16.18 2.03 -6.25
C GLN B 172 16.44 2.94 -5.05
N ARG B 173 16.04 4.21 -5.20
CA ARG B 173 16.24 5.19 -4.14
C ARG B 173 15.43 4.84 -2.89
N ASN B 174 14.13 4.60 -3.07
CA ASN B 174 13.21 4.33 -1.97
C ASN B 174 13.41 2.94 -1.35
N GLY B 175 14.59 2.33 -1.49
CA GLY B 175 14.83 1.04 -0.89
C GLY B 175 14.03 -0.11 -1.48
N THR B 176 13.63 0.01 -2.74
CA THR B 176 12.89 -1.03 -3.43
C THR B 176 13.72 -1.61 -4.55
N LEU B 177 13.27 -2.75 -5.06
CA LEU B 177 13.95 -3.45 -6.14
C LEU B 177 13.11 -3.40 -7.41
N THR B 178 13.79 -3.52 -8.55
CA THR B 178 13.12 -3.46 -9.84
C THR B 178 13.84 -4.41 -10.79
N VAL B 179 13.16 -5.49 -11.17
CA VAL B 179 13.70 -6.47 -12.10
C VAL B 179 13.07 -6.23 -13.47
N THR B 180 13.91 -5.88 -14.45
CA THR B 180 13.45 -5.52 -15.79
C THR B 180 13.94 -6.56 -16.78
N SER B 181 13.03 -7.02 -17.64
CA SER B 181 13.36 -8.04 -18.64
C SER B 181 12.92 -7.54 -20.02
N THR B 182 13.89 -7.31 -20.89
CA THR B 182 13.66 -6.84 -22.24
C THR B 182 13.65 -8.02 -23.20
N LEU B 183 12.66 -8.06 -24.10
CA LEU B 183 12.53 -9.16 -25.06
C LEU B 183 12.57 -8.60 -26.48
N PRO B 184 13.52 -9.03 -27.31
CA PRO B 184 13.47 -8.66 -28.73
C PRO B 184 12.37 -9.40 -29.47
N VAL B 185 11.82 -8.75 -30.48
CA VAL B 185 10.73 -9.32 -31.27
C VAL B 185 11.08 -9.20 -32.75
N GLY B 186 10.40 -10.02 -33.56
CA GLY B 186 10.55 -9.94 -35.00
C GLY B 186 9.62 -8.88 -35.56
N THR B 187 10.16 -8.07 -36.48
CA THR B 187 9.40 -6.95 -37.04
C THR B 187 8.08 -7.42 -37.65
N ARG B 188 8.15 -8.43 -38.53
CA ARG B 188 6.95 -8.90 -39.20
C ARG B 188 5.96 -9.49 -38.20
N ASP B 189 6.46 -10.15 -37.15
CA ASP B 189 5.57 -10.80 -36.20
C ASP B 189 4.76 -9.79 -35.40
N TRP B 190 5.37 -8.65 -35.04
CA TRP B 190 4.69 -7.69 -34.19
C TRP B 190 3.53 -7.01 -34.92
N ILE B 191 3.77 -6.54 -36.15
CA ILE B 191 2.74 -5.85 -36.89
C ILE B 191 1.60 -6.78 -37.29
N GLU B 192 1.85 -8.08 -37.37
CA GLU B 192 0.82 -9.05 -37.73
C GLU B 192 -0.28 -9.20 -36.68
N GLY B 193 -0.17 -8.54 -35.53
CA GLY B 193 -1.20 -8.63 -34.51
C GLY B 193 -0.98 -9.76 -33.53
N GLU B 194 0.27 -9.89 -33.06
CA GLU B 194 0.63 -10.92 -32.09
C GLU B 194 0.45 -10.39 -30.68
N THR B 195 0.21 -11.30 -29.73
CA THR B 195 0.06 -10.96 -28.33
C THR B 195 1.12 -11.73 -27.52
N TYR B 196 1.94 -11.00 -26.78
CA TYR B 196 2.98 -11.58 -25.94
C TYR B 196 2.58 -11.48 -24.47
N GLN B 197 2.99 -12.47 -23.68
CA GLN B 197 2.62 -12.56 -22.28
C GLN B 197 3.85 -12.80 -21.41
N CYS B 198 3.87 -12.16 -20.25
CA CYS B 198 4.95 -12.28 -19.29
C CYS B 198 4.41 -13.01 -18.06
N ARG B 199 5.08 -14.11 -17.68
CA ARG B 199 4.64 -14.96 -16.59
C ARG B 199 5.65 -14.86 -15.45
N VAL B 200 5.19 -14.44 -14.28
CA VAL B 200 6.04 -14.18 -13.12
C VAL B 200 5.78 -15.24 -12.06
N THR B 201 6.85 -15.83 -11.52
CA THR B 201 6.75 -16.88 -10.50
C THR B 201 7.69 -16.57 -9.35
N HIS B 202 7.30 -16.99 -8.16
CA HIS B 202 8.11 -16.87 -6.96
C HIS B 202 7.50 -17.73 -5.87
N PRO B 203 8.32 -18.32 -5.00
CA PRO B 203 7.75 -19.15 -3.94
C PRO B 203 6.85 -18.39 -2.97
N HIS B 204 7.07 -17.08 -2.80
CA HIS B 204 6.22 -16.31 -1.89
C HIS B 204 4.82 -16.12 -2.43
N LEU B 205 4.64 -16.20 -3.75
CA LEU B 205 3.33 -16.03 -4.37
C LEU B 205 2.78 -17.38 -4.80
N PRO B 206 1.69 -17.86 -4.20
CA PRO B 206 1.19 -19.19 -4.57
C PRO B 206 0.65 -19.25 -5.99
N ARG B 207 0.10 -18.16 -6.51
CA ARG B 207 -0.39 -18.08 -7.88
C ARG B 207 0.55 -17.22 -8.72
N ALA B 208 0.47 -17.42 -10.04
CA ALA B 208 1.34 -16.72 -10.98
C ALA B 208 0.64 -15.49 -11.52
N LEU B 209 1.41 -14.42 -11.72
CA LEU B 209 0.91 -13.17 -12.30
C LEU B 209 1.31 -13.09 -13.76
N MET B 210 0.35 -12.66 -14.60
CA MET B 210 0.56 -12.63 -16.04
C MET B 210 -0.03 -11.33 -16.61
N ARG B 211 0.58 -10.84 -17.68
CA ARG B 211 0.13 -9.63 -18.35
C ARG B 211 0.53 -9.70 -19.81
N SER B 212 -0.37 -9.26 -20.69
CA SER B 212 -0.17 -9.36 -22.13
C SER B 212 -0.25 -7.98 -22.78
N THR B 213 0.51 -7.82 -23.87
CA THR B 213 0.52 -6.59 -24.65
C THR B 213 0.53 -6.93 -26.12
N THR B 214 0.00 -6.01 -26.93
CA THR B 214 -0.07 -6.20 -28.37
C THR B 214 0.00 -4.84 -29.06
N LYS B 215 -0.01 -4.87 -30.39
CA LYS B 215 0.07 -3.64 -31.17
C LYS B 215 -1.20 -2.81 -31.02
N THR B 216 -1.05 -1.50 -31.14
CA THR B 216 -2.20 -0.61 -30.99
C THR B 216 -3.04 -0.63 -32.27
N SER B 217 -4.32 -0.94 -32.12
CA SER B 217 -5.27 -0.95 -33.23
C SER B 217 -6.37 0.05 -32.94
N GLY B 218 -6.59 0.97 -33.88
CA GLY B 218 -7.56 2.01 -33.72
C GLY B 218 -7.26 3.20 -34.60
N PRO B 219 -7.92 4.33 -34.35
CA PRO B 219 -7.70 5.53 -35.18
C PRO B 219 -6.29 6.05 -35.00
N ARG B 220 -5.61 6.31 -36.12
CA ARG B 220 -4.25 6.81 -36.14
C ARG B 220 -4.23 8.18 -36.80
N ALA B 221 -3.67 9.16 -36.10
CA ALA B 221 -3.55 10.53 -36.60
C ALA B 221 -2.10 10.94 -36.66
N ALA B 222 -1.79 11.92 -37.55
CA ALA B 222 -0.43 12.37 -37.81
C ALA B 222 -0.01 13.46 -36.84
N PRO B 223 1.23 13.42 -36.37
CA PRO B 223 1.70 14.45 -35.43
C PRO B 223 2.06 15.76 -36.14
N GLU B 224 2.08 16.83 -35.35
CA GLU B 224 2.40 18.16 -35.82
C GLU B 224 3.54 18.74 -34.98
N VAL B 225 4.47 19.44 -35.63
CA VAL B 225 5.68 19.94 -34.98
C VAL B 225 5.71 21.46 -35.11
N TYR B 226 5.96 22.14 -33.99
CA TYR B 226 6.17 23.58 -33.96
C TYR B 226 7.42 23.86 -33.14
N ALA B 227 8.45 24.40 -33.79
CA ALA B 227 9.71 24.70 -33.13
C ALA B 227 9.82 26.21 -32.86
N PHE B 228 10.54 26.55 -31.79
CA PHE B 228 10.71 27.94 -31.40
C PHE B 228 12.12 28.14 -30.84
N ALA B 229 12.58 29.38 -30.90
CA ALA B 229 13.86 29.79 -30.33
C ALA B 229 13.62 31.01 -29.47
N THR B 230 13.99 30.93 -28.19
CA THR B 230 13.69 32.02 -27.26
C THR B 230 14.58 33.22 -27.57
N PRO B 231 14.05 34.44 -27.41
CA PRO B 231 14.86 35.64 -27.62
C PRO B 231 16.02 35.70 -26.64
N GLU B 232 16.95 36.62 -26.92
CA GLU B 232 18.14 36.78 -26.10
C GLU B 232 17.78 37.46 -24.78
N TRP B 233 17.92 36.71 -23.67
CA TRP B 233 17.74 37.14 -22.29
C TRP B 233 19.02 37.77 -21.77
N PRO B 234 18.94 38.87 -21.02
CA PRO B 234 20.15 39.62 -20.66
C PRO B 234 21.17 38.82 -19.86
N GLY B 235 20.73 37.88 -19.03
CA GLY B 235 21.60 37.16 -18.12
C GLY B 235 22.18 35.85 -18.62
N SER B 236 22.00 35.52 -19.90
CA SER B 236 22.53 34.28 -20.48
C SER B 236 23.17 34.63 -21.83
N ARG B 237 24.37 35.20 -21.76
CA ARG B 237 25.03 35.66 -22.98
C ARG B 237 25.44 34.51 -23.89
N ASP B 238 25.77 33.35 -23.31
CA ASP B 238 26.34 32.25 -24.07
C ASP B 238 25.43 31.03 -24.11
N LYS B 239 24.13 31.20 -23.87
CA LYS B 239 23.21 30.06 -23.86
C LYS B 239 21.84 30.52 -24.32
N ARG B 240 21.11 29.58 -24.94
CA ARG B 240 19.76 29.82 -25.41
C ARG B 240 18.97 28.52 -25.35
N THR B 241 17.67 28.64 -25.13
CA THR B 241 16.78 27.50 -24.99
C THR B 241 15.96 27.32 -26.26
N LEU B 242 15.78 26.06 -26.67
CA LEU B 242 14.97 25.71 -27.81
C LEU B 242 13.81 24.83 -27.36
N ALA B 243 12.61 25.15 -27.83
CA ALA B 243 11.40 24.40 -27.47
C ALA B 243 10.80 23.76 -28.71
N CYS B 244 10.01 22.71 -28.48
CA CYS B 244 9.35 21.98 -29.56
C CYS B 244 8.05 21.42 -29.01
N LEU B 245 6.95 21.65 -29.73
CA LEU B 245 5.62 21.19 -29.33
C LEU B 245 5.09 20.23 -30.38
N ILE B 246 4.76 19.02 -29.96
CA ILE B 246 4.16 18.00 -30.79
C ILE B 246 2.74 17.75 -30.29
N GLN B 247 1.78 17.66 -31.21
CA GLN B 247 0.39 17.55 -30.80
C GLN B 247 -0.44 16.86 -31.88
N ASN B 248 -1.62 16.38 -31.46
CA ASN B 248 -2.67 15.88 -32.36
C ASN B 248 -2.24 14.60 -33.07
N PHE B 249 -1.73 13.64 -32.31
CA PHE B 249 -1.31 12.36 -32.86
C PHE B 249 -1.96 11.22 -32.08
N MET B 250 -2.32 10.16 -32.80
CA MET B 250 -2.90 8.97 -32.19
C MET B 250 -2.22 7.72 -32.73
N PRO B 251 -1.96 6.73 -31.86
CA PRO B 251 -2.16 6.82 -30.41
C PRO B 251 -1.02 7.50 -29.66
N GLU B 252 -0.71 7.02 -28.46
CA GLU B 252 0.27 7.66 -27.60
C GLU B 252 1.70 7.21 -27.87
N ASP B 253 1.90 6.13 -28.62
CA ASP B 253 3.25 5.63 -28.88
C ASP B 253 3.99 6.59 -29.80
N ILE B 254 5.13 7.08 -29.34
CA ILE B 254 5.90 8.09 -30.09
C ILE B 254 7.32 8.12 -29.53
N SER B 255 8.23 8.73 -30.28
CA SER B 255 9.61 8.91 -29.85
C SER B 255 10.14 10.21 -30.45
N VAL B 256 10.83 11.00 -29.63
CA VAL B 256 11.28 12.34 -30.02
C VAL B 256 12.80 12.38 -29.98
N GLN B 257 13.39 13.05 -30.98
CA GLN B 257 14.83 13.22 -31.06
C GLN B 257 15.15 14.63 -31.55
N TRP B 258 16.27 15.17 -31.09
CA TRP B 258 16.80 16.43 -31.56
C TRP B 258 18.04 16.19 -32.41
N LEU B 259 18.23 17.03 -33.42
CA LEU B 259 19.33 16.90 -34.37
C LEU B 259 20.09 18.20 -34.49
N HIS B 260 21.41 18.11 -34.53
CA HIS B 260 22.28 19.27 -34.74
C HIS B 260 23.45 18.85 -35.61
N ASN B 261 23.58 19.49 -36.77
CA ASN B 261 24.69 19.24 -37.70
C ASN B 261 24.75 17.78 -38.13
N GLU B 262 23.61 17.26 -38.59
CA GLU B 262 23.48 15.94 -39.20
C GLU B 262 23.83 14.78 -38.27
N VAL B 263 23.72 14.99 -36.95
CA VAL B 263 23.85 13.91 -35.98
C VAL B 263 22.79 14.07 -34.91
N GLN B 264 22.47 12.97 -34.24
CA GLN B 264 21.39 12.93 -33.26
C GLN B 264 21.95 13.16 -31.85
N LEU B 265 21.32 14.08 -31.12
CA LEU B 265 21.70 14.34 -29.74
C LEU B 265 21.17 13.23 -28.82
N PRO B 266 21.91 12.89 -27.77
CA PRO B 266 21.47 11.83 -26.87
C PRO B 266 20.16 12.18 -26.18
N ASP B 267 19.47 11.14 -25.71
CA ASP B 267 18.20 11.35 -25.03
C ASP B 267 18.36 12.11 -23.72
N ALA B 268 19.51 11.98 -23.06
CA ALA B 268 19.77 12.72 -21.85
C ALA B 268 20.08 14.19 -22.10
N ARG B 269 20.16 14.62 -23.35
CA ARG B 269 20.46 16.01 -23.69
C ARG B 269 19.22 16.89 -23.71
N HIS B 270 18.04 16.32 -23.91
CA HIS B 270 16.80 17.06 -23.97
C HIS B 270 15.80 16.53 -22.93
N SER B 271 15.10 17.45 -22.28
CA SER B 271 14.12 17.11 -21.25
C SER B 271 12.74 17.12 -21.90
N THR B 272 12.22 15.94 -22.21
CA THR B 272 10.93 15.78 -22.84
C THR B 272 9.92 15.19 -21.85
N THR B 273 8.65 15.46 -22.10
CA THR B 273 7.56 15.05 -21.21
C THR B 273 6.84 13.85 -21.80
N GLN B 274 5.85 13.32 -21.02
CA GLN B 274 5.03 12.20 -21.45
C GLN B 274 3.74 12.69 -22.11
N PRO B 275 3.21 11.93 -23.05
CA PRO B 275 2.01 12.38 -23.78
C PRO B 275 0.79 12.47 -22.89
N ARG B 276 -0.09 13.42 -23.24
CA ARG B 276 -1.36 13.62 -22.55
C ARG B 276 -2.37 14.15 -23.55
N LYS B 277 -3.63 13.78 -23.35
CA LYS B 277 -4.66 14.03 -24.35
C LYS B 277 -5.06 15.50 -24.39
N THR B 278 -5.34 15.97 -25.61
CA THR B 278 -5.82 17.32 -25.88
C THR B 278 -7.30 17.44 -25.53
N LYS B 279 -7.76 18.69 -25.39
CA LYS B 279 -9.18 18.94 -25.11
C LYS B 279 -10.11 18.40 -26.19
N GLY B 280 -9.59 18.09 -27.37
CA GLY B 280 -10.42 17.57 -28.44
C GLY B 280 -9.94 16.23 -28.98
N SER B 281 -9.19 16.27 -30.08
CA SER B 281 -8.65 15.07 -30.71
C SER B 281 -7.14 15.13 -30.70
N GLY B 282 -6.51 14.11 -30.13
CA GLY B 282 -5.06 13.98 -30.14
C GLY B 282 -4.45 14.18 -28.76
N PHE B 283 -3.15 13.92 -28.71
CA PHE B 283 -2.32 14.14 -27.53
C PHE B 283 -1.37 15.30 -27.81
N PHE B 284 -0.53 15.64 -26.82
CA PHE B 284 0.45 16.69 -27.03
C PHE B 284 1.64 16.48 -26.10
N VAL B 285 2.81 16.95 -26.56
CA VAL B 285 4.08 16.78 -25.84
C VAL B 285 4.91 18.04 -26.04
N PHE B 286 5.49 18.54 -24.95
CA PHE B 286 6.46 19.63 -25.01
C PHE B 286 7.87 19.08 -24.87
N SER B 287 8.84 19.80 -25.44
CA SER B 287 10.24 19.42 -25.38
C SER B 287 11.09 20.67 -25.23
N ARG B 288 12.17 20.55 -24.46
CA ARG B 288 13.08 21.67 -24.19
C ARG B 288 14.51 21.23 -24.47
N LEU B 289 15.27 22.13 -25.09
CA LEU B 289 16.66 21.85 -25.44
C LEU B 289 17.52 23.07 -25.12
N GLU B 290 18.55 22.89 -24.31
CA GLU B 290 19.50 23.93 -23.98
C GLU B 290 20.78 23.71 -24.78
N VAL B 291 21.00 24.54 -25.80
CA VAL B 291 22.19 24.48 -26.60
C VAL B 291 23.12 25.62 -26.20
N THR B 292 24.37 25.55 -26.64
CA THR B 292 25.39 26.51 -26.25
C THR B 292 25.66 27.50 -27.39
N ARG B 293 26.50 28.50 -27.07
CA ARG B 293 26.87 29.49 -28.08
C ARG B 293 27.74 28.87 -29.17
N ALA B 294 28.68 28.00 -28.78
CA ALA B 294 29.47 27.27 -29.77
C ALA B 294 28.61 26.29 -30.56
N GLU B 295 27.46 25.88 -30.02
CA GLU B 295 26.59 24.95 -30.75
C GLU B 295 25.92 25.62 -31.93
N TRP B 296 25.51 26.88 -31.79
CA TRP B 296 24.85 27.57 -32.89
C TRP B 296 25.84 28.26 -33.82
N GLU B 297 27.06 28.54 -33.37
CA GLU B 297 28.04 29.17 -34.24
C GLU B 297 28.59 28.19 -35.28
N GLN B 298 28.60 26.90 -34.95
CA GLN B 298 29.04 25.90 -35.93
C GLN B 298 27.98 25.67 -37.00
N LYS B 299 26.72 25.56 -36.59
CA LYS B 299 25.61 25.38 -37.53
C LYS B 299 24.34 25.85 -36.86
N ASP B 300 23.82 27.01 -37.28
CA ASP B 300 22.60 27.56 -36.70
C ASP B 300 21.40 26.83 -37.29
N GLU B 301 21.29 25.55 -36.94
CA GLU B 301 20.21 24.71 -37.43
C GLU B 301 20.00 23.57 -36.45
N PHE B 302 18.76 23.40 -36.00
CA PHE B 302 18.41 22.36 -35.03
C PHE B 302 17.08 21.74 -35.44
N ILE B 303 17.05 20.42 -35.55
CA ILE B 303 15.89 19.69 -36.06
C ILE B 303 15.24 18.93 -34.90
N CYS B 304 13.91 18.95 -34.87
CA CYS B 304 13.10 18.27 -33.86
C CYS B 304 12.23 17.25 -34.59
N ARG B 305 12.75 16.03 -34.74
CA ARG B 305 12.06 14.98 -35.47
C ARG B 305 11.31 14.05 -34.51
N ALA B 306 10.32 13.34 -35.07
CA ALA B 306 9.50 12.43 -34.29
C ALA B 306 9.12 11.23 -35.16
N VAL B 307 9.05 10.06 -34.54
CA VAL B 307 8.67 8.83 -35.22
C VAL B 307 7.29 8.41 -34.71
N HIS B 308 6.38 8.16 -35.65
CA HIS B 308 5.01 7.82 -35.29
C HIS B 308 4.46 6.83 -36.31
N GLU B 309 3.39 6.14 -35.93
CA GLU B 309 2.78 5.17 -36.83
C GLU B 309 2.14 5.85 -38.03
N ALA B 310 1.30 6.84 -37.79
CA ALA B 310 0.59 7.55 -38.85
C ALA B 310 1.40 8.73 -39.41
N ALA B 311 2.66 8.87 -39.02
CA ALA B 311 3.49 9.94 -39.56
C ALA B 311 3.83 9.64 -41.02
N SER B 312 3.74 10.68 -41.85
CA SER B 312 3.98 10.54 -43.28
C SER B 312 5.17 11.38 -43.73
N PRO B 313 5.91 10.90 -44.75
CA PRO B 313 5.68 9.63 -45.45
C PRO B 313 6.38 8.43 -44.80
N SER B 314 7.66 8.57 -44.47
CA SER B 314 8.45 7.48 -43.89
C SER B 314 8.43 7.50 -42.37
N GLN B 315 7.27 7.79 -41.77
CA GLN B 315 7.11 7.84 -40.31
C GLN B 315 8.04 8.85 -39.67
N THR B 316 8.40 9.91 -40.40
CA THR B 316 9.31 10.92 -39.90
C THR B 316 8.82 12.30 -40.32
N VAL B 317 8.85 13.23 -39.38
CA VAL B 317 8.43 14.62 -39.61
C VAL B 317 9.25 15.52 -38.71
N GLN B 318 9.79 16.60 -39.26
CA GLN B 318 10.71 17.45 -38.51
C GLN B 318 10.69 18.86 -39.07
N ARG B 319 11.21 19.79 -38.27
CA ARG B 319 11.36 21.18 -38.68
C ARG B 319 12.64 21.74 -38.06
N ALA B 320 13.22 22.73 -38.73
CA ALA B 320 14.47 23.34 -38.30
C ALA B 320 14.22 24.73 -37.72
N VAL B 321 15.18 25.21 -36.94
CA VAL B 321 15.06 26.49 -36.26
C VAL B 321 16.45 27.06 -36.04
N SER B 322 16.56 28.39 -36.13
CA SER B 322 17.81 29.10 -35.90
C SER B 322 17.62 30.12 -34.78
N VAL B 323 18.72 30.46 -34.11
CA VAL B 323 18.65 31.37 -32.96
C VAL B 323 18.72 32.83 -33.35
N ASN B 324 19.26 33.17 -34.52
CA ASN B 324 19.34 34.55 -34.96
C ASN B 324 18.58 34.76 -36.27
N VAL C 2 17.46 -8.25 15.76
CA VAL C 2 17.90 -7.26 14.79
C VAL C 2 19.28 -6.75 15.15
N GLN C 3 20.18 -7.68 15.48
CA GLN C 3 21.54 -7.35 15.89
C GLN C 3 22.53 -7.94 14.89
N LEU C 4 23.63 -7.22 14.68
CA LEU C 4 24.70 -7.65 13.79
C LEU C 4 25.98 -7.80 14.59
N GLN C 5 26.62 -8.97 14.47
CA GLN C 5 27.89 -9.25 15.12
C GLN C 5 28.90 -9.66 14.08
N GLN C 6 30.09 -9.07 14.14
CA GLN C 6 31.15 -9.32 13.18
C GLN C 6 32.23 -10.19 13.81
N SER C 7 33.25 -10.50 13.00
CA SER C 7 34.41 -11.21 13.51
C SER C 7 35.19 -10.34 14.48
N GLY C 8 36.05 -10.99 15.27
CA GLY C 8 36.92 -10.29 16.18
C GLY C 8 38.09 -9.65 15.45
N ALA C 9 39.05 -9.17 16.24
CA ALA C 9 40.25 -8.59 15.67
C ALA C 9 41.02 -9.61 14.86
N GLU C 10 41.78 -9.12 13.88
CA GLU C 10 42.50 -10.01 12.98
C GLU C 10 43.83 -9.35 12.61
N LEU C 11 44.83 -10.20 12.32
CA LEU C 11 46.13 -9.75 11.87
C LEU C 11 46.49 -10.49 10.59
N ALA C 12 47.11 -9.77 9.65
CA ALA C 12 47.44 -10.33 8.35
C ALA C 12 48.79 -9.80 7.87
N LYS C 13 49.48 -10.64 7.11
CA LYS C 13 50.75 -10.25 6.50
C LYS C 13 50.51 -9.52 5.18
N PRO C 14 51.41 -8.63 4.79
CA PRO C 14 51.23 -7.91 3.53
C PRO C 14 51.20 -8.85 2.33
N GLY C 15 50.23 -8.63 1.45
CA GLY C 15 50.05 -9.48 0.28
C GLY C 15 49.16 -10.69 0.49
N ALA C 16 48.70 -10.93 1.72
CA ALA C 16 47.84 -12.07 2.01
C ALA C 16 46.38 -11.68 1.81
N SER C 17 45.46 -12.54 2.25
CA SER C 17 44.04 -12.28 2.13
C SER C 17 43.35 -12.61 3.44
N VAL C 18 42.27 -11.89 3.72
CA VAL C 18 41.45 -12.10 4.91
C VAL C 18 39.99 -12.01 4.53
N MET C 19 39.16 -12.80 5.21
CA MET C 19 37.71 -12.78 5.04
C MET C 19 37.05 -12.50 6.37
N LEU C 20 36.14 -11.54 6.38
CA LEU C 20 35.46 -11.10 7.58
C LEU C 20 33.97 -11.44 7.48
N SER C 21 33.42 -11.98 8.57
CA SER C 21 32.04 -12.43 8.60
C SER C 21 31.14 -11.42 9.30
N CYS C 22 29.85 -11.48 8.95
CA CYS C 22 28.85 -10.58 9.53
C CYS C 22 27.52 -11.33 9.49
N LYS C 23 27.08 -11.82 10.64
CA LYS C 23 25.87 -12.62 10.75
C LYS C 23 24.76 -11.78 11.37
N ALA C 24 23.55 -11.93 10.84
CA ALA C 24 22.37 -11.24 11.35
C ALA C 24 21.53 -12.20 12.18
N SER C 25 21.11 -11.74 13.36
CA SER C 25 20.30 -12.56 14.25
C SER C 25 18.84 -12.45 13.88
N GLY C 26 18.18 -13.59 13.74
CA GLY C 26 16.77 -13.65 13.39
C GLY C 26 16.56 -13.93 11.92
N TYR C 27 15.29 -14.05 11.55
CA TYR C 27 14.87 -14.30 10.17
C TYR C 27 14.02 -13.12 9.71
N THR C 28 14.52 -12.38 8.72
CA THR C 28 13.79 -11.26 8.15
C THR C 28 13.20 -11.71 6.81
N PHE C 29 11.88 -11.56 6.67
CA PHE C 29 11.18 -12.17 5.55
C PHE C 29 11.47 -11.44 4.24
N ASN C 30 11.33 -10.11 4.24
CA ASN C 30 11.34 -9.36 2.99
C ASN C 30 12.72 -9.28 2.34
N GLY C 31 13.78 -9.50 3.09
CA GLY C 31 15.13 -9.34 2.57
C GLY C 31 15.74 -8.01 2.98
N TYR C 32 17.01 -7.85 2.63
CA TYR C 32 17.77 -6.70 3.10
C TYR C 32 19.10 -6.64 2.38
N TRP C 33 19.56 -5.43 2.07
CA TRP C 33 20.92 -5.22 1.59
C TRP C 33 21.84 -4.95 2.78
N MET C 34 23.00 -5.59 2.77
CA MET C 34 24.01 -5.38 3.80
C MET C 34 25.25 -4.81 3.13
N HIS C 35 25.66 -3.63 3.57
CA HIS C 35 26.82 -2.94 3.01
C HIS C 35 28.04 -3.21 3.89
N TRP C 36 29.17 -2.61 3.51
CA TRP C 36 30.38 -2.61 4.31
C TRP C 36 31.01 -1.22 4.21
N VAL C 37 31.44 -0.69 5.35
CA VAL C 37 31.97 0.67 5.43
C VAL C 37 33.35 0.62 6.06
N LYS C 38 34.33 1.23 5.39
CA LYS C 38 35.70 1.31 5.89
C LYS C 38 35.94 2.66 6.54
N GLN C 39 36.59 2.63 7.71
CA GLN C 39 36.94 3.85 8.44
C GLN C 39 38.42 3.78 8.81
N ARG C 40 39.25 4.50 8.06
CA ARG C 40 40.68 4.54 8.34
C ARG C 40 40.91 5.22 9.70
N PRO C 41 42.08 4.96 10.32
CA PRO C 41 42.35 5.55 11.64
C PRO C 41 42.15 7.06 11.70
N GLY C 42 41.03 7.49 12.27
CA GLY C 42 40.74 8.90 12.41
C GLY C 42 40.58 9.66 11.11
N GLN C 43 39.87 9.07 10.15
CA GLN C 43 39.66 9.71 8.85
C GLN C 43 38.19 9.54 8.46
N ASP C 44 37.90 9.84 7.19
CA ASP C 44 36.52 9.84 6.72
C ASP C 44 35.90 8.45 6.78
N LEU C 45 34.58 8.41 6.65
CA LEU C 45 33.85 7.17 6.47
C LEU C 45 33.69 6.91 4.98
N GLU C 46 34.29 5.81 4.50
CA GLU C 46 34.30 5.48 3.09
C GLU C 46 33.39 4.28 2.83
N TRP C 47 32.61 4.38 1.75
CA TRP C 47 31.62 3.38 1.40
C TRP C 47 32.24 2.37 0.43
N ILE C 48 32.01 1.08 0.67
CA ILE C 48 32.63 0.03 -0.12
C ILE C 48 31.62 -0.52 -1.12
N GLY C 49 30.55 -1.13 -0.62
CA GLY C 49 29.55 -1.70 -1.50
C GLY C 49 28.58 -2.56 -0.72
N TYR C 50 27.58 -3.07 -1.44
CA TYR C 50 26.52 -3.87 -0.84
C TYR C 50 26.35 -5.18 -1.62
N ILE C 51 25.49 -6.04 -1.08
CA ILE C 51 25.16 -7.31 -1.72
C ILE C 51 23.80 -7.75 -1.21
N ASN C 52 22.97 -8.24 -2.13
CA ASN C 52 21.69 -8.83 -1.78
C ASN C 52 21.86 -10.34 -1.69
N PRO C 53 21.89 -10.92 -0.49
CA PRO C 53 22.16 -12.36 -0.37
C PRO C 53 21.11 -13.24 -1.05
N THR C 54 19.89 -12.75 -1.23
CA THR C 54 18.85 -13.56 -1.87
C THR C 54 19.26 -13.95 -3.29
N THR C 55 19.86 -13.02 -4.03
CA THR C 55 20.28 -13.28 -5.40
C THR C 55 21.79 -13.21 -5.60
N GLY C 56 22.53 -12.50 -4.75
CA GLY C 56 23.96 -12.38 -4.89
C GLY C 56 24.41 -11.20 -5.74
N HIS C 57 23.48 -10.35 -6.19
CA HIS C 57 23.85 -9.19 -6.99
C HIS C 57 24.68 -8.22 -6.17
N THR C 58 25.67 -7.60 -6.81
CA THR C 58 26.64 -6.76 -6.11
C THR C 58 26.90 -5.49 -6.91
N GLU C 59 27.29 -4.45 -6.19
CA GLU C 59 27.73 -3.18 -6.76
C GLU C 59 28.84 -2.62 -5.89
N TYR C 60 30.01 -2.39 -6.48
CA TYR C 60 31.19 -1.94 -5.76
C TYR C 60 31.51 -0.49 -6.10
N ASN C 61 32.32 0.13 -5.24
CA ASN C 61 32.85 1.46 -5.50
C ASN C 61 34.07 1.36 -6.41
N GLN C 62 34.36 2.47 -7.09
CA GLN C 62 35.46 2.47 -8.06
C GLN C 62 36.82 2.29 -7.38
N LYS C 63 36.93 2.65 -6.10
CA LYS C 63 38.21 2.53 -5.41
C LYS C 63 38.46 1.11 -4.92
N PHE C 64 37.44 0.47 -4.35
CA PHE C 64 37.58 -0.85 -3.74
C PHE C 64 37.19 -1.98 -4.68
N LYS C 65 37.06 -1.70 -5.98
CA LYS C 65 36.62 -2.73 -6.92
C LYS C 65 37.65 -3.85 -7.04
N ASP C 66 38.92 -3.55 -6.80
CA ASP C 66 39.97 -4.55 -6.87
C ASP C 66 40.43 -5.04 -5.50
N LYS C 67 40.02 -4.39 -4.43
CA LYS C 67 40.50 -4.71 -3.09
C LYS C 67 39.52 -5.54 -2.28
N ALA C 68 38.22 -5.42 -2.55
CA ALA C 68 37.20 -6.11 -1.76
C ALA C 68 36.35 -7.01 -2.64
N THR C 69 35.83 -8.08 -2.04
CA THR C 69 34.96 -9.03 -2.72
C THR C 69 33.89 -9.48 -1.75
N LEU C 70 32.63 -9.17 -2.07
CA LEU C 70 31.51 -9.46 -1.19
C LEU C 70 30.88 -10.80 -1.55
N THR C 71 30.65 -11.63 -0.55
CA THR C 71 29.96 -12.91 -0.72
C THR C 71 28.97 -13.07 0.44
N ALA C 72 27.91 -13.84 0.18
CA ALA C 72 26.86 -14.00 1.17
C ALA C 72 26.12 -15.31 0.96
N ASP C 73 25.65 -15.89 2.05
CA ASP C 73 24.82 -17.09 2.04
C ASP C 73 23.48 -16.77 2.68
N GLU C 74 22.39 -17.09 1.97
CA GLU C 74 21.06 -16.71 2.45
C GLU C 74 20.60 -17.56 3.62
N SER C 75 20.97 -18.84 3.64
CA SER C 75 20.42 -19.76 4.64
C SER C 75 20.86 -19.39 6.05
N SER C 76 22.09 -18.89 6.20
CA SER C 76 22.65 -18.62 7.52
C SER C 76 22.63 -17.13 7.88
N ASN C 77 22.03 -16.28 7.04
CA ASN C 77 21.95 -14.85 7.30
C ASN C 77 23.34 -14.24 7.53
N THR C 78 24.31 -14.69 6.73
CA THR C 78 25.70 -14.29 6.90
C THR C 78 26.24 -13.71 5.61
N ALA C 79 27.11 -12.71 5.75
CA ALA C 79 27.79 -12.09 4.62
C ALA C 79 29.29 -12.08 4.88
N TYR C 80 30.07 -12.03 3.81
CA TYR C 80 31.52 -12.07 3.89
C TYR C 80 32.11 -11.02 2.97
N ILE C 81 33.27 -10.49 3.37
CA ILE C 81 34.03 -9.55 2.56
C ILE C 81 35.49 -10.00 2.58
N GLU C 82 36.03 -10.36 1.42
CA GLU C 82 37.38 -10.88 1.30
C GLU C 82 38.28 -9.78 0.76
N LEU C 83 39.30 -9.42 1.53
CA LEU C 83 40.24 -8.37 1.17
C LEU C 83 41.52 -9.00 0.66
N SER C 84 41.89 -8.67 -0.57
CA SER C 84 43.10 -9.19 -1.20
C SER C 84 44.18 -8.11 -1.24
N SER C 85 45.43 -8.55 -1.39
CA SER C 85 46.58 -7.66 -1.47
C SER C 85 46.61 -6.69 -0.29
N LEU C 86 46.68 -7.28 0.91
CA LEU C 86 46.65 -6.48 2.13
C LEU C 86 47.88 -5.59 2.23
N THR C 87 47.66 -4.32 2.53
CA THR C 87 48.72 -3.32 2.66
C THR C 87 48.50 -2.54 3.94
N SER C 88 49.43 -1.63 4.24
CA SER C 88 49.28 -0.77 5.40
C SER C 88 48.09 0.16 5.27
N ASP C 89 47.70 0.50 4.04
CA ASP C 89 46.48 1.26 3.81
C ASP C 89 45.23 0.48 4.22
N ASP C 90 45.33 -0.85 4.28
CA ASP C 90 44.19 -1.68 4.68
C ASP C 90 44.05 -1.79 6.20
N SER C 91 45.01 -1.29 6.96
CA SER C 91 44.89 -1.25 8.42
C SER C 91 43.84 -0.21 8.78
N ALA C 92 42.62 -0.67 9.06
CA ALA C 92 41.51 0.24 9.34
C ALA C 92 40.42 -0.54 10.05
N VAL C 93 39.37 0.17 10.44
CA VAL C 93 38.19 -0.42 11.05
C VAL C 93 37.16 -0.68 9.96
N TYR C 94 36.52 -1.85 10.01
CA TYR C 94 35.58 -2.28 8.98
C TYR C 94 34.24 -2.60 9.65
N TYR C 95 33.20 -1.86 9.24
CA TYR C 95 31.85 -2.07 9.73
C TYR C 95 31.00 -2.72 8.66
N CYS C 96 30.04 -3.55 9.09
CA CYS C 96 29.01 -4.08 8.21
C CYS C 96 27.67 -3.48 8.63
N ALA C 97 27.18 -2.54 7.83
CA ALA C 97 25.88 -1.92 8.05
C ALA C 97 24.83 -2.60 7.18
N ARG C 98 23.58 -2.51 7.63
CA ARG C 98 22.48 -3.21 7.00
C ARG C 98 21.37 -2.22 6.66
N GLN C 99 20.96 -2.21 5.40
CA GLN C 99 19.83 -1.41 4.94
C GLN C 99 18.61 -2.30 4.83
N GLU C 100 17.48 -1.82 5.33
CA GLU C 100 16.25 -2.59 5.32
C GLU C 100 15.42 -2.25 4.08
N TYR C 101 14.38 -3.05 3.87
CA TYR C 101 13.48 -2.87 2.73
C TYR C 101 12.73 -1.56 2.86
N ARG C 102 12.69 -0.80 1.76
CA ARG C 102 12.04 0.51 1.71
C ARG C 102 12.67 1.51 2.68
N HIS C 103 14.00 1.54 2.70
CA HIS C 103 14.76 2.48 3.51
C HIS C 103 15.78 3.19 2.64
N SER C 104 15.83 4.52 2.76
CA SER C 104 16.87 5.33 2.12
C SER C 104 18.00 5.66 3.08
N TRP C 105 18.39 4.70 3.92
CA TRP C 105 19.36 4.92 4.98
C TRP C 105 19.78 3.57 5.54
N PHE C 106 20.60 3.62 6.58
CA PHE C 106 21.03 2.42 7.30
C PHE C 106 20.18 2.23 8.55
N ALA C 107 19.90 0.99 8.89
CA ALA C 107 19.07 0.65 10.03
C ALA C 107 19.83 -0.02 11.16
N TYR C 108 20.75 -0.93 10.85
CA TYR C 108 21.50 -1.65 11.87
C TYR C 108 22.97 -1.66 11.49
N TRP C 109 23.83 -1.50 12.50
CA TRP C 109 25.27 -1.49 12.34
C TRP C 109 25.91 -2.62 13.12
N GLY C 110 27.10 -3.04 12.67
CA GLY C 110 27.86 -4.04 13.38
C GLY C 110 28.89 -3.43 14.32
N GLN C 111 29.47 -4.30 15.15
CA GLN C 111 30.42 -3.82 16.15
C GLN C 111 31.74 -3.40 15.52
N GLY C 112 32.08 -3.95 14.36
CA GLY C 112 33.29 -3.60 13.67
C GLY C 112 34.39 -4.62 13.80
N THR C 113 35.16 -4.83 12.73
CA THR C 113 36.28 -5.76 12.72
C THR C 113 37.56 -4.98 12.44
N LEU C 114 38.38 -4.78 13.47
CA LEU C 114 39.64 -4.08 13.31
C LEU C 114 40.67 -5.00 12.67
N VAL C 115 41.20 -4.60 11.53
CA VAL C 115 42.21 -5.35 10.80
C VAL C 115 43.53 -4.60 10.87
N THR C 116 44.58 -5.28 11.33
CA THR C 116 45.92 -4.70 11.43
C THR C 116 46.81 -5.47 10.47
N VAL C 117 47.27 -4.80 9.41
CA VAL C 117 48.13 -5.42 8.40
C VAL C 117 49.57 -5.01 8.70
N SER C 118 50.38 -5.99 9.11
CA SER C 118 51.78 -5.75 9.42
C SER C 118 52.52 -7.08 9.39
N ALA C 119 53.82 -7.03 9.64
CA ALA C 119 54.65 -8.23 9.71
C ALA C 119 55.08 -8.57 11.12
N ALA C 120 54.70 -7.75 12.10
CA ALA C 120 55.05 -8.02 13.49
C ALA C 120 54.35 -9.27 13.99
N SER C 121 54.91 -9.86 15.04
CA SER C 121 54.43 -11.13 15.57
C SER C 121 53.29 -10.90 16.56
N THR C 122 52.37 -11.87 16.60
CA THR C 122 51.29 -11.84 17.57
C THR C 122 51.85 -12.04 18.97
N LYS C 123 51.68 -11.04 19.83
CA LYS C 123 52.31 -11.03 21.15
C LYS C 123 51.25 -10.83 22.22
N GLY C 124 51.36 -11.59 23.30
CA GLY C 124 50.48 -11.44 24.43
C GLY C 124 50.85 -10.21 25.26
N PRO C 125 49.90 -9.72 26.04
CA PRO C 125 50.13 -8.50 26.83
C PRO C 125 50.84 -8.78 28.15
N SER C 126 51.28 -7.70 28.77
CA SER C 126 51.90 -7.71 30.10
C SER C 126 51.04 -6.86 31.03
N VAL C 127 50.55 -7.48 32.10
CA VAL C 127 49.63 -6.82 33.03
C VAL C 127 50.36 -6.58 34.34
N PHE C 128 50.47 -5.30 34.73
CA PHE C 128 51.10 -4.90 35.98
C PHE C 128 50.12 -4.02 36.75
N PRO C 129 49.83 -4.34 38.00
CA PRO C 129 48.87 -3.54 38.78
C PRO C 129 49.45 -2.20 39.15
N LEU C 130 48.58 -1.36 39.72
CA LEU C 130 48.96 -0.06 40.27
C LEU C 130 48.64 -0.04 41.75
N ALA C 131 49.57 0.48 42.55
CA ALA C 131 49.45 0.43 44.00
C ALA C 131 48.71 1.66 44.51
N PRO C 132 47.57 1.49 45.18
CA PRO C 132 46.87 2.64 45.77
C PRO C 132 47.53 3.04 47.09
N SER C 133 47.99 4.29 47.16
CA SER C 133 48.66 4.79 48.35
C SER C 133 47.79 5.70 49.20
N SER C 134 46.68 6.20 48.66
CA SER C 134 45.78 7.07 49.41
C SER C 134 45.30 8.25 48.56
N THR C 141 38.70 9.55 48.27
CA THR C 141 38.66 9.03 46.91
C THR C 141 39.95 8.29 46.57
N ALA C 142 39.89 6.96 46.63
CA ALA C 142 41.04 6.12 46.34
C ALA C 142 41.08 5.76 44.85
N ALA C 143 42.28 5.45 44.37
CA ALA C 143 42.50 5.16 42.96
C ALA C 143 43.47 4.00 42.79
N LEU C 144 43.09 3.05 41.93
CA LEU C 144 43.96 1.95 41.54
C LEU C 144 43.78 1.72 40.06
N GLY C 145 44.85 1.27 39.39
CA GLY C 145 44.83 1.10 37.96
C GLY C 145 45.50 -0.20 37.55
N CYS C 146 45.47 -0.46 36.23
CA CYS C 146 46.11 -1.60 35.63
C CYS C 146 46.85 -1.16 34.37
N LEU C 147 47.99 -1.79 34.12
CA LEU C 147 48.85 -1.43 33.00
C LEU C 147 48.97 -2.61 32.04
N VAL C 148 48.66 -2.37 30.77
CA VAL C 148 48.79 -3.37 29.71
C VAL C 148 49.95 -2.95 28.83
N LYS C 149 51.01 -3.76 28.81
CA LYS C 149 52.25 -3.39 28.15
C LYS C 149 52.69 -4.46 27.16
N ASP C 150 53.28 -4.02 26.05
CA ASP C 150 53.97 -4.87 25.09
C ASP C 150 53.05 -6.00 24.59
N TYR C 151 52.07 -5.60 23.78
CA TYR C 151 51.17 -6.54 23.14
C TYR C 151 50.97 -6.14 21.69
N PHE C 152 50.68 -7.13 20.85
CA PHE C 152 50.44 -6.90 19.44
C PHE C 152 49.70 -8.09 18.84
N PRO C 153 48.68 -7.82 18.00
CA PRO C 153 48.22 -6.47 17.66
C PRO C 153 47.07 -5.99 18.54
N GLU C 154 46.57 -4.79 18.23
CA GLU C 154 45.44 -4.20 18.94
C GLU C 154 44.13 -4.81 18.44
N PRO C 155 43.06 -4.75 19.26
CA PRO C 155 43.00 -4.23 20.62
C PRO C 155 42.96 -5.32 21.69
N VAL C 156 42.99 -4.92 22.95
CA VAL C 156 42.85 -5.82 24.09
C VAL C 156 41.56 -5.49 24.82
N THR C 157 40.89 -6.52 25.32
CA THR C 157 39.61 -6.38 26.02
C THR C 157 39.85 -6.36 27.51
N VAL C 158 39.55 -5.23 28.15
CA VAL C 158 39.76 -5.04 29.59
C VAL C 158 38.41 -4.96 30.27
N SER C 159 38.30 -5.60 31.43
CA SER C 159 37.08 -5.58 32.23
C SER C 159 37.45 -5.55 33.70
N TRP C 160 36.69 -4.77 34.48
CA TRP C 160 36.95 -4.58 35.90
C TRP C 160 36.02 -5.46 36.73
N ASN C 161 36.60 -6.26 37.62
CA ASN C 161 35.85 -7.18 38.49
C ASN C 161 34.97 -8.11 37.67
N SER C 162 35.43 -8.49 36.48
CA SER C 162 34.67 -9.33 35.56
C SER C 162 33.32 -8.71 35.23
N GLY C 163 33.29 -7.38 35.12
CA GLY C 163 32.09 -6.67 34.78
C GLY C 163 31.23 -6.20 35.94
N ALA C 164 31.72 -6.33 37.17
CA ALA C 164 30.92 -5.95 38.33
C ALA C 164 30.96 -4.46 38.59
N LEU C 165 32.08 -3.79 38.30
CA LEU C 165 32.24 -2.36 38.51
C LEU C 165 32.45 -1.69 37.17
N THR C 166 31.52 -0.79 36.81
CA THR C 166 31.58 -0.10 35.53
C THR C 166 31.54 1.41 35.64
N SER C 167 31.10 1.97 36.76
CA SER C 167 31.00 3.41 36.90
C SER C 167 32.34 4.03 37.27
N GLY C 168 32.64 5.17 36.66
CA GLY C 168 33.87 5.88 36.95
C GLY C 168 35.13 5.22 36.45
N VAL C 169 35.03 4.36 35.45
CA VAL C 169 36.18 3.65 34.90
C VAL C 169 36.65 4.36 33.64
N HIS C 170 37.96 4.53 33.51
CA HIS C 170 38.58 5.15 32.34
C HIS C 170 39.53 4.15 31.70
N THR C 171 39.21 3.71 30.50
CA THR C 171 40.08 2.84 29.71
C THR C 171 40.75 3.68 28.64
N PHE C 172 42.04 3.97 28.83
CA PHE C 172 42.74 4.88 27.93
C PHE C 172 43.02 4.20 26.59
N PRO C 173 43.04 4.97 25.50
CA PRO C 173 43.41 4.42 24.21
C PRO C 173 44.86 3.94 24.21
N ALA C 174 45.14 3.02 23.30
CA ALA C 174 46.48 2.46 23.21
C ALA C 174 47.46 3.45 22.61
N VAL C 175 48.70 3.40 23.08
CA VAL C 175 49.78 4.24 22.56
C VAL C 175 50.94 3.32 22.18
N LEU C 176 51.57 3.62 21.05
CA LEU C 176 52.63 2.77 20.51
C LEU C 176 53.95 3.06 21.21
N GLN C 177 54.58 2.01 21.73
CA GLN C 177 55.87 2.16 22.39
C GLN C 177 56.99 2.25 21.35
N SER C 178 58.19 2.58 21.84
CA SER C 178 59.33 2.78 20.95
C SER C 178 59.73 1.49 20.24
N SER C 179 59.57 0.35 20.91
CA SER C 179 59.94 -0.93 20.33
C SER C 179 58.89 -1.47 19.36
N GLY C 180 57.94 -0.64 18.94
CA GLY C 180 56.91 -1.09 18.03
C GLY C 180 55.80 -1.90 18.67
N LEU C 181 55.62 -1.78 19.98
CA LEU C 181 54.59 -2.50 20.71
C LEU C 181 53.61 -1.52 21.33
N TYR C 182 52.42 -2.03 21.66
CA TYR C 182 51.35 -1.18 22.18
C TYR C 182 51.34 -1.17 23.70
N SER C 183 50.76 -0.11 24.25
CA SER C 183 50.62 0.07 25.68
C SER C 183 49.29 0.75 25.98
N LEU C 184 48.51 0.16 26.87
CA LEU C 184 47.22 0.70 27.27
C LEU C 184 47.09 0.68 28.79
N SER C 185 46.36 1.65 29.31
CA SER C 185 46.17 1.79 30.75
C SER C 185 44.69 1.99 31.05
N SER C 186 44.27 1.50 32.22
CA SER C 186 42.89 1.63 32.67
C SER C 186 42.87 1.89 34.17
N VAL C 187 42.02 2.82 34.59
CA VAL C 187 41.89 3.21 35.99
C VAL C 187 40.43 3.29 36.37
N VAL C 188 40.16 3.23 37.67
CA VAL C 188 38.81 3.34 38.20
C VAL C 188 38.91 3.90 39.62
N THR C 189 38.01 4.82 39.94
CA THR C 189 38.02 5.50 41.23
C THR C 189 36.92 4.93 42.13
N VAL C 190 37.27 4.70 43.39
CA VAL C 190 36.34 4.16 44.38
C VAL C 190 36.41 5.01 45.63
N PRO C 191 35.43 4.90 46.54
CA PRO C 191 35.51 5.66 47.80
C PRO C 191 36.79 5.37 48.57
N SER C 192 37.11 6.29 49.49
CA SER C 192 38.39 6.22 50.20
C SER C 192 38.53 4.94 51.01
N SER C 193 37.42 4.38 51.50
CA SER C 193 37.48 3.14 52.25
C SER C 193 37.98 1.99 51.39
N SER C 194 37.53 1.93 50.13
CA SER C 194 37.95 0.91 49.18
C SER C 194 37.73 -0.50 49.71
N THR C 197 37.89 -2.87 52.07
CA THR C 197 36.50 -3.30 52.16
C THR C 197 36.19 -4.36 51.13
N GLN C 198 36.51 -4.07 49.87
CA GLN C 198 36.28 -5.02 48.78
C GLN C 198 37.55 -5.23 47.96
N THR C 199 37.43 -5.92 46.84
CA THR C 199 38.56 -6.20 45.96
C THR C 199 38.28 -5.64 44.57
N TYR C 200 39.36 -5.31 43.85
CA TYR C 200 39.27 -4.73 42.52
C TYR C 200 40.26 -5.47 41.62
N ILE C 201 39.72 -6.19 40.63
CA ILE C 201 40.52 -7.02 39.74
C ILE C 201 40.18 -6.66 38.30
N CYS C 202 41.20 -6.49 37.47
CA CYS C 202 41.03 -6.19 36.06
C CYS C 202 41.32 -7.45 35.23
N ASN C 203 40.45 -7.74 34.27
CA ASN C 203 40.58 -8.90 33.40
C ASN C 203 40.90 -8.41 31.99
N VAL C 204 42.01 -8.90 31.43
CA VAL C 204 42.47 -8.50 30.11
C VAL C 204 42.36 -9.69 29.16
N ASN C 205 41.89 -9.43 27.94
CA ASN C 205 41.75 -10.46 26.91
C ASN C 205 42.32 -9.93 25.60
N HIS C 206 43.24 -10.69 25.01
CA HIS C 206 43.84 -10.36 23.72
C HIS C 206 43.30 -11.36 22.69
N LYS C 207 42.32 -10.92 21.91
CA LYS C 207 41.67 -11.81 20.95
C LYS C 207 42.63 -12.39 19.90
N PRO C 208 43.56 -11.63 19.31
CA PRO C 208 44.42 -12.23 18.27
C PRO C 208 45.28 -13.38 18.77
N SER C 209 45.84 -13.28 19.97
CA SER C 209 46.72 -14.31 20.50
C SER C 209 46.00 -15.31 21.40
N ASN C 210 44.71 -15.11 21.67
CA ASN C 210 43.91 -16.04 22.47
C ASN C 210 44.51 -16.26 23.85
N THR C 211 44.84 -15.15 24.52
CA THR C 211 45.40 -15.18 25.86
C THR C 211 44.56 -14.30 26.78
N LYS C 212 44.33 -14.76 28.00
CA LYS C 212 43.53 -14.04 28.98
C LYS C 212 44.19 -14.12 30.34
N VAL C 213 44.42 -12.95 30.95
CA VAL C 213 45.05 -12.85 32.27
C VAL C 213 44.22 -11.91 33.12
N ASP C 214 44.51 -11.92 34.43
CA ASP C 214 43.86 -11.04 35.38
C ASP C 214 44.78 -10.84 36.58
N LYS C 215 44.83 -9.60 37.08
CA LYS C 215 45.66 -9.26 38.22
C LYS C 215 44.86 -8.44 39.23
N LYS C 216 45.31 -8.47 40.48
CA LYS C 216 44.64 -7.77 41.56
C LYS C 216 45.40 -6.51 41.95
N ALA C 217 44.67 -5.55 42.50
CA ALA C 217 45.25 -4.27 42.93
C ALA C 217 46.13 -4.46 44.15
N VAL D 2 -22.22 -12.44 4.68
CA VAL D 2 -21.69 -11.78 3.48
C VAL D 2 -22.81 -11.06 2.73
N GLN D 3 -24.05 -11.51 2.94
CA GLN D 3 -25.19 -11.00 2.20
C GLN D 3 -25.81 -9.80 2.93
N LEU D 4 -26.84 -9.22 2.33
CA LEU D 4 -27.51 -8.05 2.87
C LEU D 4 -29.00 -8.35 3.05
N GLN D 5 -29.63 -7.60 3.96
CA GLN D 5 -31.05 -7.78 4.27
C GLN D 5 -31.72 -6.41 4.28
N GLN D 6 -32.74 -6.26 3.46
CA GLN D 6 -33.51 -5.02 3.36
C GLN D 6 -34.76 -5.09 4.21
N SER D 7 -35.46 -3.96 4.28
CA SER D 7 -36.70 -3.88 5.04
C SER D 7 -37.86 -4.44 4.22
N GLY D 8 -39.04 -4.51 4.84
CA GLY D 8 -40.22 -5.05 4.19
C GLY D 8 -40.90 -4.04 3.30
N ALA D 9 -41.95 -4.51 2.61
CA ALA D 9 -42.70 -3.67 1.70
C ALA D 9 -43.35 -2.50 2.44
N GLU D 10 -43.65 -1.44 1.70
CA GLU D 10 -44.14 -0.20 2.27
C GLU D 10 -45.36 0.29 1.51
N LEU D 11 -46.13 1.15 2.18
CA LEU D 11 -47.29 1.82 1.57
C LEU D 11 -47.36 3.21 2.15
N ALA D 12 -47.28 4.23 1.29
CA ALA D 12 -47.20 5.61 1.74
C ALA D 12 -48.18 6.48 0.98
N LYS D 13 -48.63 7.55 1.64
CA LYS D 13 -49.51 8.53 1.04
C LYS D 13 -48.71 9.59 0.28
N PRO D 14 -49.32 10.24 -0.71
CA PRO D 14 -48.58 11.26 -1.47
C PRO D 14 -48.19 12.45 -0.61
N GLY D 15 -46.90 12.79 -0.63
CA GLY D 15 -46.39 13.94 0.08
C GLY D 15 -45.79 13.66 1.44
N ALA D 16 -45.77 12.40 1.88
CA ALA D 16 -45.28 12.04 3.19
C ALA D 16 -43.81 11.59 3.10
N SER D 17 -43.35 10.84 4.10
CA SER D 17 -41.97 10.37 4.15
C SER D 17 -41.93 8.99 4.78
N VAL D 18 -41.01 8.15 4.28
CA VAL D 18 -40.84 6.79 4.78
C VAL D 18 -39.37 6.56 5.09
N MET D 19 -39.11 5.45 5.80
CA MET D 19 -37.78 5.07 6.20
C MET D 19 -37.52 3.63 5.78
N LEU D 20 -36.45 3.40 5.04
CA LEU D 20 -36.06 2.08 4.58
C LEU D 20 -34.69 1.72 5.14
N SER D 21 -34.49 0.44 5.44
CA SER D 21 -33.27 -0.03 6.08
C SER D 21 -32.55 -1.03 5.19
N CYS D 22 -31.36 -1.43 5.65
CA CYS D 22 -30.53 -2.40 4.95
C CYS D 22 -29.53 -2.95 5.96
N LYS D 23 -29.53 -4.26 6.16
CA LYS D 23 -28.70 -4.91 7.17
C LYS D 23 -27.60 -5.72 6.50
N ALA D 24 -26.36 -5.48 6.93
CA ALA D 24 -25.19 -6.16 6.39
C ALA D 24 -24.73 -7.25 7.34
N SER D 25 -24.31 -8.39 6.77
CA SER D 25 -23.87 -9.52 7.56
C SER D 25 -22.35 -9.49 7.74
N GLY D 26 -21.87 -10.30 8.69
CA GLY D 26 -20.43 -10.41 8.94
C GLY D 26 -19.84 -9.11 9.46
N TYR D 27 -18.51 -9.03 9.35
CA TYR D 27 -17.78 -7.84 9.75
C TYR D 27 -16.57 -7.67 8.84
N THR D 28 -16.36 -6.43 8.38
CA THR D 28 -15.21 -6.07 7.56
C THR D 28 -14.50 -4.91 8.23
N PHE D 29 -13.26 -5.16 8.68
CA PHE D 29 -12.56 -4.15 9.47
C PHE D 29 -12.07 -2.99 8.62
N ASN D 30 -11.86 -3.22 7.31
CA ASN D 30 -11.46 -2.13 6.42
C ASN D 30 -12.62 -1.21 6.06
N GLY D 31 -13.86 -1.61 6.34
CA GLY D 31 -15.00 -0.77 6.05
C GLY D 31 -15.63 -1.05 4.70
N TYR D 32 -16.67 -0.28 4.40
CA TYR D 32 -17.41 -0.44 3.16
C TYR D 32 -18.23 0.83 2.93
N TRP D 33 -18.75 0.95 1.70
CA TRP D 33 -19.67 2.00 1.33
C TRP D 33 -21.03 1.39 0.98
N MET D 34 -22.10 2.05 1.39
CA MET D 34 -23.45 1.62 1.08
C MET D 34 -24.08 2.56 0.06
N HIS D 35 -24.60 1.99 -1.02
CA HIS D 35 -25.25 2.74 -2.07
C HIS D 35 -26.73 2.35 -2.15
N TRP D 36 -27.52 3.21 -2.79
CA TRP D 36 -28.93 2.96 -3.01
C TRP D 36 -29.25 3.16 -4.47
N VAL D 37 -29.96 2.21 -5.07
CA VAL D 37 -30.26 2.20 -6.49
C VAL D 37 -31.76 2.05 -6.67
N LYS D 38 -32.37 3.03 -7.34
CA LYS D 38 -33.80 3.02 -7.60
C LYS D 38 -34.09 2.35 -8.94
N GLN D 39 -35.19 1.59 -8.98
CA GLN D 39 -35.58 0.91 -10.21
C GLN D 39 -37.09 0.69 -10.20
N ARG D 40 -37.76 1.20 -11.24
CA ARG D 40 -39.14 0.80 -11.47
C ARG D 40 -39.17 -0.50 -12.25
N PRO D 41 -40.18 -1.35 -12.01
CA PRO D 41 -40.26 -2.61 -12.76
C PRO D 41 -40.39 -2.39 -14.25
N GLY D 42 -39.31 -2.60 -14.99
CA GLY D 42 -39.29 -2.35 -16.41
C GLY D 42 -38.69 -0.99 -16.75
N GLN D 43 -37.63 -0.62 -16.03
CA GLN D 43 -36.95 0.64 -16.26
C GLN D 43 -35.48 0.50 -15.91
N ASP D 44 -34.69 1.48 -16.34
CA ASP D 44 -33.25 1.47 -16.15
C ASP D 44 -32.88 1.79 -14.70
N LEU D 45 -31.68 1.37 -14.31
CA LEU D 45 -31.21 1.54 -12.94
C LEU D 45 -30.70 2.96 -12.73
N GLU D 46 -31.08 3.55 -11.60
CA GLU D 46 -30.67 4.90 -11.23
C GLU D 46 -29.86 4.86 -9.94
N TRP D 47 -28.79 5.64 -9.89
CA TRP D 47 -27.89 5.70 -8.74
C TRP D 47 -28.29 6.89 -7.88
N ILE D 48 -28.76 6.62 -6.67
CA ILE D 48 -29.21 7.69 -5.78
C ILE D 48 -28.02 8.39 -5.13
N GLY D 49 -27.11 7.61 -4.55
CA GLY D 49 -25.97 8.17 -3.87
C GLY D 49 -25.31 7.11 -3.00
N TYR D 50 -24.34 7.57 -2.22
CA TYR D 50 -23.64 6.69 -1.28
C TYR D 50 -23.46 7.43 0.04
N ILE D 51 -23.16 6.65 1.08
CA ILE D 51 -22.85 7.19 2.39
C ILE D 51 -21.84 6.27 3.05
N ASN D 52 -20.84 6.87 3.70
CA ASN D 52 -19.81 6.13 4.41
C ASN D 52 -20.23 5.96 5.86
N PRO D 53 -20.65 4.75 6.28
CA PRO D 53 -21.13 4.60 7.67
C PRO D 53 -20.08 4.91 8.73
N THR D 54 -18.79 4.74 8.41
CA THR D 54 -17.75 4.98 9.41
C THR D 54 -17.65 6.46 9.75
N THR D 55 -17.85 7.33 8.77
CA THR D 55 -17.77 8.77 8.99
C THR D 55 -19.09 9.51 8.80
N GLY D 56 -20.04 8.92 8.08
CA GLY D 56 -21.32 9.56 7.84
C GLY D 56 -21.36 10.48 6.64
N HIS D 57 -20.25 10.64 5.92
CA HIS D 57 -20.23 11.53 4.77
C HIS D 57 -21.24 11.10 3.72
N THR D 58 -21.83 12.07 3.03
CA THR D 58 -22.89 11.83 2.07
C THR D 58 -22.59 12.56 0.76
N GLU D 59 -22.90 11.88 -0.35
CA GLU D 59 -22.89 12.49 -1.67
C GLU D 59 -24.11 12.00 -2.41
N TYR D 60 -24.85 12.92 -3.04
CA TYR D 60 -26.13 12.61 -3.65
C TYR D 60 -26.09 12.91 -5.15
N ASN D 61 -26.85 12.11 -5.89
CA ASN D 61 -27.18 12.49 -7.26
C ASN D 61 -27.95 13.81 -7.24
N GLN D 62 -27.60 14.71 -8.15
CA GLN D 62 -28.23 16.03 -8.16
C GLN D 62 -29.74 15.95 -8.32
N LYS D 63 -30.23 14.91 -9.01
CA LYS D 63 -31.66 14.73 -9.20
C LYS D 63 -32.37 14.16 -7.98
N PHE D 64 -31.62 13.75 -6.95
CA PHE D 64 -32.20 13.17 -5.75
C PHE D 64 -31.93 13.98 -4.49
N LYS D 65 -31.26 15.13 -4.60
CA LYS D 65 -30.86 15.86 -3.41
C LYS D 65 -32.06 16.40 -2.64
N ASP D 66 -33.16 16.70 -3.34
CA ASP D 66 -34.36 17.19 -2.68
C ASP D 66 -35.26 16.06 -2.21
N LYS D 67 -35.08 14.85 -2.72
CA LYS D 67 -35.96 13.73 -2.43
C LYS D 67 -35.35 12.71 -1.48
N ALA D 68 -34.04 12.50 -1.53
CA ALA D 68 -33.40 11.45 -0.75
C ALA D 68 -32.32 12.04 0.16
N THR D 69 -32.20 11.46 1.35
CA THR D 69 -31.15 11.79 2.30
C THR D 69 -30.75 10.53 3.03
N LEU D 70 -29.45 10.21 3.00
CA LEU D 70 -28.97 8.94 3.50
C LEU D 70 -28.51 9.04 4.95
N THR D 71 -28.66 7.94 5.68
CA THR D 71 -28.22 7.83 7.07
C THR D 71 -27.73 6.41 7.30
N ALA D 72 -26.77 6.26 8.22
CA ALA D 72 -26.19 4.96 8.51
C ALA D 72 -25.69 4.93 9.94
N ASP D 73 -25.70 3.72 10.52
CA ASP D 73 -25.22 3.47 11.88
C ASP D 73 -24.33 2.24 11.84
N GLU D 74 -23.03 2.42 12.08
CA GLU D 74 -22.08 1.33 12.04
C GLU D 74 -22.17 0.40 13.24
N SER D 75 -22.86 0.81 14.31
CA SER D 75 -22.96 -0.03 15.50
C SER D 75 -23.73 -1.31 15.22
N SER D 76 -24.66 -1.30 14.27
CA SER D 76 -25.44 -2.47 13.92
C SER D 76 -25.30 -2.85 12.46
N ASN D 77 -24.38 -2.22 11.72
CA ASN D 77 -24.21 -2.46 10.29
C ASN D 77 -25.52 -2.29 9.54
N THR D 78 -26.24 -1.22 9.88
CA THR D 78 -27.53 -0.91 9.28
C THR D 78 -27.44 0.41 8.51
N ALA D 79 -28.00 0.42 7.32
CA ALA D 79 -28.04 1.62 6.47
C ALA D 79 -29.49 2.04 6.27
N TYR D 80 -29.72 3.34 6.31
CA TYR D 80 -31.07 3.90 6.22
C TYR D 80 -31.17 4.86 5.04
N ILE D 81 -32.40 5.23 4.72
CA ILE D 81 -32.70 6.19 3.65
C ILE D 81 -34.12 6.69 3.85
N GLU D 82 -34.30 8.00 3.70
CA GLU D 82 -35.59 8.64 3.87
C GLU D 82 -35.94 9.42 2.61
N LEU D 83 -37.18 9.27 2.15
CA LEU D 83 -37.68 9.93 0.95
C LEU D 83 -38.77 10.92 1.32
N SER D 84 -38.63 12.17 0.86
CA SER D 84 -39.57 13.23 1.18
C SER D 84 -40.32 13.68 -0.06
N SER D 85 -41.55 14.16 0.15
CA SER D 85 -42.41 14.67 -0.92
C SER D 85 -42.60 13.62 -2.02
N LEU D 86 -43.31 12.57 -1.65
CA LEU D 86 -43.51 11.43 -2.52
C LEU D 86 -44.61 11.69 -3.53
N THR D 87 -44.40 11.23 -4.77
CA THR D 87 -45.38 11.31 -5.83
C THR D 87 -45.58 9.92 -6.42
N SER D 88 -46.38 9.85 -7.49
CA SER D 88 -46.56 8.58 -8.18
C SER D 88 -45.28 8.15 -8.91
N ASP D 89 -44.46 9.11 -9.34
CA ASP D 89 -43.21 8.81 -10.00
C ASP D 89 -42.13 8.33 -9.03
N ASP D 90 -42.31 8.53 -7.72
CA ASP D 90 -41.33 8.11 -6.73
C ASP D 90 -41.48 6.65 -6.32
N SER D 91 -42.62 6.03 -6.60
CA SER D 91 -42.84 4.64 -6.22
C SER D 91 -42.01 3.72 -7.11
N ALA D 92 -41.16 2.91 -6.49
CA ALA D 92 -40.30 1.98 -7.21
C ALA D 92 -39.76 0.95 -6.22
N VAL D 93 -38.78 0.16 -6.65
CA VAL D 93 -38.09 -0.80 -5.81
C VAL D 93 -36.70 -0.27 -5.53
N TYR D 94 -36.27 -0.34 -4.27
CA TYR D 94 -35.01 0.25 -3.83
C TYR D 94 -34.06 -0.85 -3.39
N TYR D 95 -32.99 -1.03 -4.17
CA TYR D 95 -31.91 -1.94 -3.80
C TYR D 95 -30.87 -1.19 -2.99
N CYS D 96 -30.19 -1.93 -2.09
CA CYS D 96 -29.02 -1.42 -1.40
C CYS D 96 -27.83 -2.30 -1.77
N ALA D 97 -26.83 -1.69 -2.38
CA ALA D 97 -25.59 -2.38 -2.74
C ALA D 97 -24.44 -1.78 -1.96
N ARG D 98 -23.41 -2.60 -1.73
CA ARG D 98 -22.26 -2.17 -0.95
C ARG D 98 -20.99 -2.26 -1.80
N GLN D 99 -20.15 -1.24 -1.72
CA GLN D 99 -18.87 -1.20 -2.38
C GLN D 99 -17.77 -1.50 -1.38
N GLU D 100 -16.94 -2.48 -1.69
CA GLU D 100 -15.88 -2.91 -0.78
C GLU D 100 -14.64 -2.05 -0.96
N TYR D 101 -13.69 -2.23 -0.04
CA TYR D 101 -12.43 -1.51 -0.10
C TYR D 101 -11.60 -2.00 -1.27
N ARG D 102 -10.93 -1.07 -1.95
CA ARG D 102 -10.15 -1.32 -3.15
C ARG D 102 -11.03 -1.87 -4.29
N HIS D 103 -12.33 -1.62 -4.24
CA HIS D 103 -13.27 -2.09 -5.24
C HIS D 103 -13.91 -0.90 -5.95
N SER D 104 -14.29 -1.13 -7.21
CA SER D 104 -15.07 -0.18 -8.00
C SER D 104 -16.29 -0.86 -8.58
N TRP D 105 -16.88 -1.79 -7.83
CA TRP D 105 -18.03 -2.54 -8.29
C TRP D 105 -18.84 -3.01 -7.09
N PHE D 106 -20.15 -3.14 -7.30
CA PHE D 106 -21.03 -3.64 -6.26
C PHE D 106 -20.79 -5.14 -6.06
N ALA D 107 -20.35 -5.52 -4.86
CA ALA D 107 -20.03 -6.91 -4.57
C ALA D 107 -21.17 -7.68 -3.93
N TYR D 108 -22.12 -6.99 -3.29
CA TYR D 108 -23.25 -7.64 -2.63
C TYR D 108 -24.48 -6.75 -2.78
N TRP D 109 -25.59 -7.36 -3.17
CA TRP D 109 -26.83 -6.65 -3.42
C TRP D 109 -27.89 -7.02 -2.39
N GLY D 110 -28.82 -6.09 -2.17
CA GLY D 110 -29.92 -6.35 -1.26
C GLY D 110 -31.07 -7.05 -1.92
N GLN D 111 -31.99 -7.56 -1.09
CA GLN D 111 -33.13 -8.30 -1.60
C GLN D 111 -34.10 -7.41 -2.35
N GLY D 112 -34.13 -6.11 -2.03
CA GLY D 112 -35.05 -5.20 -2.66
C GLY D 112 -36.28 -4.91 -1.83
N THR D 113 -36.67 -3.65 -1.75
CA THR D 113 -37.83 -3.22 -0.96
C THR D 113 -38.86 -2.62 -1.91
N LEU D 114 -40.03 -3.25 -1.97
CA LEU D 114 -41.09 -2.79 -2.85
C LEU D 114 -41.88 -1.68 -2.16
N VAL D 115 -41.83 -0.48 -2.73
CA VAL D 115 -42.49 0.69 -2.16
C VAL D 115 -43.54 1.18 -3.17
N THR D 116 -44.75 1.40 -2.68
CA THR D 116 -45.86 1.88 -3.51
C THR D 116 -46.45 3.12 -2.87
N VAL D 117 -46.58 4.19 -3.67
CA VAL D 117 -47.15 5.45 -3.21
C VAL D 117 -48.60 5.48 -3.66
N SER D 118 -49.52 5.36 -2.70
CA SER D 118 -50.94 5.34 -3.00
C SER D 118 -51.72 5.92 -1.84
N ALA D 119 -52.84 6.58 -2.15
CA ALA D 119 -53.72 7.11 -1.13
C ALA D 119 -54.67 6.05 -0.58
N ALA D 120 -54.87 4.96 -1.30
CA ALA D 120 -55.76 3.89 -0.84
C ALA D 120 -55.10 3.11 0.30
N SER D 121 -55.94 2.47 1.10
CA SER D 121 -55.48 1.69 2.24
C SER D 121 -55.18 0.26 1.83
N THR D 122 -54.65 -0.51 2.77
CA THR D 122 -54.29 -1.89 2.51
C THR D 122 -55.53 -2.76 2.38
N LYS D 123 -55.53 -3.63 1.37
CA LYS D 123 -56.63 -4.56 1.14
C LYS D 123 -56.09 -5.98 1.08
N GLY D 124 -56.71 -6.88 1.84
CA GLY D 124 -56.26 -8.25 1.91
C GLY D 124 -56.73 -9.08 0.73
N PRO D 125 -56.00 -10.16 0.44
CA PRO D 125 -56.36 -11.02 -0.68
C PRO D 125 -57.37 -12.09 -0.29
N SER D 126 -57.96 -12.70 -1.31
CA SER D 126 -58.85 -13.84 -1.17
C SER D 126 -58.29 -14.99 -1.98
N VAL D 127 -58.05 -16.12 -1.33
CA VAL D 127 -57.39 -17.27 -1.94
C VAL D 127 -58.44 -18.32 -2.26
N PHE D 128 -58.54 -18.69 -3.54
CA PHE D 128 -59.43 -19.74 -3.99
C PHE D 128 -58.63 -20.83 -4.71
N PRO D 129 -58.92 -22.10 -4.45
CA PRO D 129 -58.19 -23.18 -5.14
C PRO D 129 -58.64 -23.31 -6.59
N LEU D 130 -57.90 -24.15 -7.32
CA LEU D 130 -58.18 -24.45 -8.72
C LEU D 130 -58.31 -25.95 -8.87
N ALA D 131 -59.56 -26.43 -8.93
CA ALA D 131 -59.81 -27.86 -9.06
C ALA D 131 -59.93 -28.25 -10.53
N PRO D 132 -59.26 -29.32 -10.97
CA PRO D 132 -59.30 -29.76 -12.38
C PRO D 132 -60.62 -30.44 -12.75
N GLY D 140 -49.26 -39.85 -17.99
CA GLY D 140 -50.28 -38.83 -17.80
C GLY D 140 -50.06 -38.00 -16.56
N THR D 141 -50.42 -36.72 -16.63
CA THR D 141 -50.25 -35.81 -15.50
C THR D 141 -51.35 -34.77 -15.53
N ALA D 142 -51.95 -34.50 -14.37
CA ALA D 142 -52.95 -33.47 -14.22
C ALA D 142 -52.31 -32.25 -13.56
N ALA D 143 -53.14 -31.28 -13.16
CA ALA D 143 -52.65 -30.05 -12.57
C ALA D 143 -53.59 -29.61 -11.46
N LEU D 144 -53.03 -28.82 -10.52
CA LEU D 144 -53.79 -28.25 -9.43
C LEU D 144 -53.20 -26.88 -9.11
N GLY D 145 -54.06 -25.93 -8.75
CA GLY D 145 -53.61 -24.59 -8.48
C GLY D 145 -54.42 -23.84 -7.44
N CYS D 146 -54.13 -22.54 -7.29
CA CYS D 146 -54.81 -21.71 -6.32
C CYS D 146 -54.80 -20.27 -6.82
N LEU D 147 -55.92 -19.57 -6.61
CA LEU D 147 -56.15 -18.24 -7.16
C LEU D 147 -56.27 -17.24 -6.02
N VAL D 148 -55.41 -16.22 -6.03
CA VAL D 148 -55.42 -15.16 -5.03
C VAL D 148 -55.73 -13.87 -5.78
N LYS D 149 -56.95 -13.37 -5.64
CA LYS D 149 -57.42 -12.22 -6.41
C LYS D 149 -57.77 -11.06 -5.48
N ASP D 150 -57.78 -9.87 -6.06
CA ASP D 150 -58.21 -8.64 -5.39
C ASP D 150 -57.40 -8.37 -4.12
N TYR D 151 -56.18 -7.86 -4.28
CA TYR D 151 -55.35 -7.48 -3.16
C TYR D 151 -54.58 -6.21 -3.49
N PHE D 152 -54.21 -5.48 -2.44
CA PHE D 152 -53.55 -4.18 -2.58
C PHE D 152 -52.96 -3.75 -1.25
N PRO D 153 -51.75 -3.16 -1.26
CA PRO D 153 -50.92 -2.94 -2.44
C PRO D 153 -49.96 -4.10 -2.70
N GLU D 154 -49.24 -4.01 -3.81
CA GLU D 154 -48.21 -5.00 -4.13
C GLU D 154 -47.08 -4.92 -3.12
N PRO D 155 -46.42 -6.05 -2.85
CA PRO D 155 -46.76 -7.36 -3.42
C PRO D 155 -47.34 -8.35 -2.42
N VAL D 156 -47.84 -9.47 -2.95
CA VAL D 156 -48.24 -10.63 -2.16
C VAL D 156 -47.54 -11.84 -2.74
N THR D 157 -47.08 -12.73 -1.87
CA THR D 157 -46.34 -13.91 -2.29
C THR D 157 -47.08 -15.17 -1.90
N VAL D 158 -46.78 -16.26 -2.60
CA VAL D 158 -47.43 -17.55 -2.39
C VAL D 158 -46.39 -18.66 -2.49
N SER D 159 -46.69 -19.77 -1.82
CA SER D 159 -45.84 -20.95 -1.84
C SER D 159 -46.71 -22.19 -1.71
N TRP D 160 -46.09 -23.35 -1.91
CA TRP D 160 -46.78 -24.63 -1.85
C TRP D 160 -46.25 -25.44 -0.67
N ASN D 161 -46.99 -25.42 0.44
CA ASN D 161 -46.73 -26.33 1.56
C ASN D 161 -45.41 -26.01 2.27
N SER D 162 -44.93 -24.77 2.09
CA SER D 162 -43.70 -24.31 2.71
C SER D 162 -42.53 -25.23 2.38
N GLY D 163 -42.37 -25.52 1.09
CA GLY D 163 -41.30 -26.37 0.63
C GLY D 163 -41.68 -27.82 0.39
N ALA D 164 -42.94 -28.19 0.64
CA ALA D 164 -43.36 -29.57 0.41
C ALA D 164 -43.39 -29.90 -1.08
N LEU D 165 -43.98 -29.02 -1.88
CA LEU D 165 -44.06 -29.18 -3.32
C LEU D 165 -43.37 -27.97 -3.96
N THR D 166 -42.18 -28.19 -4.52
CA THR D 166 -41.39 -27.13 -5.12
C THR D 166 -41.37 -27.18 -6.64
N SER D 167 -41.11 -28.35 -7.23
CA SER D 167 -41.01 -28.45 -8.67
C SER D 167 -42.39 -28.32 -9.33
N GLY D 168 -42.38 -27.87 -10.58
CA GLY D 168 -43.61 -27.73 -11.34
C GLY D 168 -44.52 -26.60 -10.92
N VAL D 169 -44.06 -25.71 -10.05
CA VAL D 169 -44.89 -24.62 -9.54
C VAL D 169 -44.64 -23.39 -10.40
N HIS D 170 -45.73 -22.77 -10.86
CA HIS D 170 -45.67 -21.55 -11.67
C HIS D 170 -46.62 -20.52 -11.08
N THR D 171 -46.06 -19.41 -10.61
CA THR D 171 -46.85 -18.30 -10.08
C THR D 171 -46.60 -17.08 -10.97
N PHE D 172 -47.66 -16.61 -11.62
CA PHE D 172 -47.55 -15.56 -12.61
C PHE D 172 -47.39 -14.19 -11.95
N PRO D 173 -46.80 -13.23 -12.67
CA PRO D 173 -46.71 -11.87 -12.14
C PRO D 173 -48.09 -11.29 -11.87
N ALA D 174 -48.15 -10.37 -10.93
CA ALA D 174 -49.42 -9.77 -10.53
C ALA D 174 -50.04 -9.01 -11.70
N VAL D 175 -51.35 -9.15 -11.85
CA VAL D 175 -52.12 -8.48 -12.89
C VAL D 175 -53.04 -7.47 -12.22
N LEU D 176 -52.85 -6.19 -12.55
CA LEU D 176 -53.69 -5.14 -11.98
C LEU D 176 -55.09 -5.22 -12.56
N GLN D 177 -56.07 -5.55 -11.72
CA GLN D 177 -57.46 -5.57 -12.17
C GLN D 177 -57.95 -4.16 -12.43
N SER D 178 -59.00 -4.06 -13.23
CA SER D 178 -59.57 -2.76 -13.58
C SER D 178 -60.18 -2.06 -12.37
N SER D 179 -60.53 -2.80 -11.32
CA SER D 179 -61.07 -2.19 -10.12
C SER D 179 -60.02 -1.43 -9.32
N GLY D 180 -58.74 -1.68 -9.56
CA GLY D 180 -57.67 -1.07 -8.81
C GLY D 180 -56.88 -2.02 -7.94
N LEU D 181 -57.28 -3.29 -7.88
CA LEU D 181 -56.62 -4.29 -7.06
C LEU D 181 -55.83 -5.24 -7.96
N TYR D 182 -54.89 -5.96 -7.35
CA TYR D 182 -54.07 -6.89 -8.08
C TYR D 182 -54.67 -8.29 -8.05
N SER D 183 -54.16 -9.16 -8.93
CA SER D 183 -54.64 -10.53 -9.02
C SER D 183 -53.50 -11.42 -9.53
N LEU D 184 -53.35 -12.58 -8.91
CA LEU D 184 -52.32 -13.53 -9.30
C LEU D 184 -52.81 -14.94 -9.04
N SER D 185 -52.13 -15.90 -9.65
CA SER D 185 -52.50 -17.30 -9.51
C SER D 185 -51.25 -18.17 -9.61
N SER D 186 -51.27 -19.29 -8.90
CA SER D 186 -50.18 -20.26 -8.91
C SER D 186 -50.74 -21.63 -9.23
N VAL D 187 -49.95 -22.42 -9.96
CA VAL D 187 -50.35 -23.76 -10.39
C VAL D 187 -49.22 -24.73 -10.09
N VAL D 188 -49.52 -26.01 -10.27
CA VAL D 188 -48.55 -27.09 -10.04
C VAL D 188 -49.04 -28.33 -10.77
N THR D 189 -48.12 -29.04 -11.42
CA THR D 189 -48.42 -30.24 -12.18
C THR D 189 -47.93 -31.46 -11.42
N VAL D 190 -48.79 -32.46 -11.29
CA VAL D 190 -48.46 -33.69 -10.57
C VAL D 190 -48.98 -34.89 -11.36
N PRO D 191 -48.11 -35.86 -11.70
CA PRO D 191 -48.54 -37.07 -12.42
C PRO D 191 -49.12 -38.13 -11.49
N TYR D 200 -52.02 -31.02 -2.41
CA TYR D 200 -51.02 -30.09 -1.90
C TYR D 200 -51.69 -28.89 -1.25
N ILE D 201 -50.91 -28.09 -0.54
CA ILE D 201 -51.40 -26.92 0.19
C ILE D 201 -50.71 -25.67 -0.34
N CYS D 202 -51.48 -24.61 -0.54
CA CYS D 202 -50.97 -23.34 -1.00
C CYS D 202 -50.76 -22.42 0.20
N ASN D 203 -49.58 -21.79 0.27
CA ASN D 203 -49.22 -20.91 1.37
C ASN D 203 -49.13 -19.48 0.83
N VAL D 204 -50.23 -18.73 0.98
CA VAL D 204 -50.30 -17.35 0.52
C VAL D 204 -50.00 -16.42 1.68
N ASN D 205 -49.05 -15.51 1.47
CA ASN D 205 -48.62 -14.57 2.51
C ASN D 205 -48.70 -13.16 1.96
N HIS D 206 -49.39 -12.28 2.70
CA HIS D 206 -49.51 -10.87 2.34
C HIS D 206 -49.16 -10.05 3.58
N LYS D 207 -47.90 -9.62 3.66
CA LYS D 207 -47.38 -8.90 4.82
C LYS D 207 -48.02 -7.54 5.04
N PRO D 208 -48.24 -6.71 4.00
CA PRO D 208 -48.89 -5.41 4.24
C PRO D 208 -50.26 -5.53 4.88
N SER D 209 -51.00 -6.61 4.63
CA SER D 209 -52.29 -6.82 5.27
C SER D 209 -52.20 -7.63 6.55
N ASN D 210 -51.01 -8.15 6.88
CA ASN D 210 -50.81 -8.98 8.07
C ASN D 210 -51.75 -10.18 8.06
N THR D 211 -51.91 -10.78 6.88
CA THR D 211 -52.80 -11.93 6.70
C THR D 211 -52.05 -13.06 6.03
N LYS D 212 -52.12 -14.25 6.63
CA LYS D 212 -51.54 -15.46 6.07
C LYS D 212 -52.64 -16.49 5.92
N VAL D 213 -52.93 -16.88 4.68
CA VAL D 213 -54.03 -17.79 4.36
C VAL D 213 -53.46 -19.04 3.71
N ASP D 214 -53.96 -20.20 4.14
CA ASP D 214 -53.57 -21.48 3.58
C ASP D 214 -54.74 -22.08 2.81
N LYS D 215 -54.42 -22.79 1.72
CA LYS D 215 -55.44 -23.39 0.88
C LYS D 215 -54.91 -24.72 0.33
N LYS D 216 -55.73 -25.75 0.42
CA LYS D 216 -55.37 -27.08 -0.05
C LYS D 216 -55.90 -27.30 -1.47
N ALA D 217 -55.16 -28.11 -2.24
CA ALA D 217 -55.49 -28.40 -3.63
C ALA D 217 -56.09 -29.79 -3.69
N GLU D 218 -57.43 -29.86 -3.62
CA GLU D 218 -58.16 -31.12 -3.70
C GLU D 218 -59.49 -30.83 -4.37
N PRO D 219 -59.99 -31.76 -5.19
CA PRO D 219 -61.26 -31.52 -5.88
C PRO D 219 -62.42 -31.38 -4.91
N LYS D 220 -63.40 -30.57 -5.31
CA LYS D 220 -64.59 -30.33 -4.49
C LYS D 220 -65.72 -29.73 -5.32
N ASP E 1 29.93 10.40 -8.25
CA ASP E 1 30.66 10.55 -7.00
C ASP E 1 30.34 11.88 -6.32
N ILE E 2 29.16 11.95 -5.69
CA ILE E 2 28.79 13.14 -4.93
C ILE E 2 29.63 13.21 -3.67
N VAL E 3 30.23 14.37 -3.41
CA VAL E 3 31.06 14.60 -2.24
C VAL E 3 30.33 15.54 -1.31
N LEU E 4 30.47 15.29 -0.01
CA LEU E 4 29.89 16.13 1.03
C LEU E 4 30.99 16.86 1.79
N THR E 5 30.78 18.14 2.05
CA THR E 5 31.74 18.97 2.77
C THR E 5 30.97 19.72 3.87
N GLN E 6 31.14 19.28 5.11
CA GLN E 6 30.45 19.88 6.24
C GLN E 6 31.37 20.86 6.97
N SER E 7 30.77 21.90 7.52
CA SER E 7 31.51 22.94 8.20
C SER E 7 30.76 23.42 9.45
N PRO E 8 31.51 23.68 10.54
CA PRO E 8 32.95 23.52 10.63
C PRO E 8 33.38 22.09 10.94
N ALA E 9 34.67 21.85 11.05
CA ALA E 9 35.18 20.55 11.43
C ALA E 9 35.24 20.34 12.94
N SER E 10 35.16 21.42 13.71
CA SER E 10 35.17 21.34 15.16
C SER E 10 34.60 22.64 15.72
N LEU E 11 33.77 22.51 16.75
CA LEU E 11 33.16 23.67 17.39
C LEU E 11 32.86 23.35 18.84
N ALA E 12 32.70 24.40 19.64
CA ALA E 12 32.39 24.28 21.05
C ALA E 12 31.15 25.10 21.36
N VAL E 13 30.19 24.48 22.05
CA VAL E 13 28.93 25.13 22.41
C VAL E 13 28.70 24.95 23.89
N SER E 14 28.20 26.00 24.54
CA SER E 14 27.89 25.94 25.96
C SER E 14 26.71 25.01 26.21
N LEU E 15 26.61 24.51 27.45
CA LEU E 15 25.52 23.64 27.83
C LEU E 15 24.20 24.41 27.82
N GLY E 16 23.23 23.90 27.06
CA GLY E 16 21.96 24.57 26.91
C GLY E 16 21.90 25.58 25.79
N GLN E 17 22.96 25.72 25.00
CA GLN E 17 23.00 26.67 23.90
C GLN E 17 22.48 25.99 22.63
N ARG E 18 22.80 26.54 21.47
CA ARG E 18 22.33 26.03 20.18
C ARG E 18 23.53 25.70 19.31
N ALA E 19 23.56 24.48 18.79
CA ALA E 19 24.63 24.02 17.91
C ALA E 19 24.13 23.96 16.48
N THR E 20 24.96 24.42 15.54
CA THR E 20 24.59 24.51 14.13
C THR E 20 25.70 23.93 13.28
N ILE E 21 25.37 22.93 12.47
CA ILE E 21 26.32 22.29 11.55
C ILE E 21 25.73 22.33 10.16
N SER E 22 26.53 22.78 9.19
CA SER E 22 26.13 22.80 7.79
C SER E 22 26.76 21.63 7.04
N CYS E 23 26.05 21.15 6.02
CA CYS E 23 26.53 20.08 5.16
C CYS E 23 26.27 20.49 3.72
N LYS E 24 27.33 20.85 3.00
CA LYS E 24 27.23 21.29 1.62
C LYS E 24 27.55 20.13 0.68
N ALA E 25 26.86 20.09 -0.45
CA ALA E 25 27.00 19.03 -1.43
C ALA E 25 27.40 19.60 -2.78
N SER E 26 28.03 18.75 -3.59
CA SER E 26 28.42 19.14 -4.95
C SER E 26 27.27 19.03 -5.93
N GLN E 27 26.22 18.29 -5.58
CA GLN E 27 25.12 18.05 -6.50
C GLN E 27 23.83 17.98 -5.69
N SER E 28 22.70 18.16 -6.38
CA SER E 28 21.40 18.07 -5.73
C SER E 28 21.19 16.66 -5.19
N VAL E 29 21.02 16.57 -3.87
CA VAL E 29 20.78 15.28 -3.21
C VAL E 29 19.29 14.96 -3.27
N ASP E 30 18.55 15.75 -4.04
CA ASP E 30 17.11 15.56 -4.20
C ASP E 30 16.81 14.81 -5.48
N TYR E 31 15.86 13.89 -5.41
CA TYR E 31 15.37 13.19 -6.59
C TYR E 31 13.91 12.82 -6.37
N ASP E 32 13.13 12.86 -7.45
CA ASP E 32 11.70 12.56 -7.40
C ASP E 32 10.96 13.48 -6.44
N GLY E 33 11.46 14.70 -6.27
CA GLY E 33 10.91 15.63 -5.32
C GLY E 33 11.31 15.40 -3.88
N ASP E 34 11.94 14.28 -3.56
CA ASP E 34 12.32 13.93 -2.20
C ASP E 34 13.81 14.13 -1.99
N THR E 35 14.18 14.35 -0.72
CA THR E 35 15.56 14.58 -0.33
C THR E 35 16.13 13.31 0.29
N TYR E 36 17.29 12.89 -0.20
CA TYR E 36 17.96 11.70 0.30
C TYR E 36 19.23 12.11 1.04
N MET E 37 19.03 12.79 2.16
CA MET E 37 20.09 13.28 3.02
C MET E 37 19.85 12.77 4.44
N ASN E 38 20.88 12.18 5.05
CA ASN E 38 20.77 11.59 6.38
C ASN E 38 21.80 12.22 7.32
N TRP E 39 21.62 11.96 8.60
CA TRP E 39 22.49 12.51 9.63
C TRP E 39 22.78 11.45 10.69
N TYR E 40 24.06 11.27 10.99
CA TYR E 40 24.52 10.29 11.98
C TYR E 40 25.47 10.98 12.95
N HIS E 41 25.73 10.31 14.07
CA HIS E 41 26.76 10.74 15.01
C HIS E 41 27.44 9.51 15.57
N GLN E 42 28.74 9.64 15.85
CA GLN E 42 29.59 8.50 16.19
C GLN E 42 30.22 8.71 17.56
N LYS E 43 29.87 7.84 18.50
CA LYS E 43 30.52 7.82 19.80
C LYS E 43 31.85 7.06 19.70
N PRO E 44 32.80 7.35 20.59
CA PRO E 44 34.09 6.66 20.52
C PRO E 44 33.95 5.16 20.79
N GLY E 45 34.53 4.36 19.90
CA GLY E 45 34.48 2.92 20.02
C GLY E 45 33.23 2.26 19.47
N GLN E 46 32.20 3.04 19.14
CA GLN E 46 30.95 2.52 18.63
C GLN E 46 30.73 2.92 17.19
N PRO E 47 29.92 2.17 16.44
CA PRO E 47 29.54 2.60 15.10
C PRO E 47 28.55 3.74 15.17
N PRO E 48 28.42 4.52 14.10
CA PRO E 48 27.47 5.63 14.12
C PRO E 48 26.02 5.14 14.17
N LYS E 49 25.15 6.00 14.69
CA LYS E 49 23.73 5.74 14.76
C LYS E 49 22.99 6.83 14.01
N LEU E 50 21.86 6.46 13.40
CA LEU E 50 21.09 7.41 12.60
C LEU E 50 20.37 8.40 13.50
N LEU E 51 20.57 9.69 13.24
CA LEU E 51 19.90 10.77 13.96
C LEU E 51 18.73 11.35 13.17
N ILE E 52 18.91 11.61 11.89
CA ILE E 52 17.86 12.18 11.05
C ILE E 52 18.05 11.66 9.63
N TYR E 53 16.95 11.21 9.02
CA TYR E 53 16.94 10.75 7.64
C TYR E 53 16.06 11.66 6.81
N ALA E 54 16.31 11.66 5.49
CA ALA E 54 15.60 12.53 4.55
C ALA E 54 15.66 13.98 4.98
N ALA E 55 16.78 14.36 5.62
CA ALA E 55 17.06 15.71 6.08
C ALA E 55 16.13 16.16 7.21
N SER E 56 14.81 16.08 7.00
CA SER E 56 13.84 16.69 7.89
C SER E 56 12.99 15.67 8.65
N ASN E 57 13.50 14.46 8.86
CA ASN E 57 12.78 13.44 9.60
C ASN E 57 13.67 12.85 10.67
N LEU E 58 13.16 12.78 11.90
CA LEU E 58 13.88 12.18 13.01
C LEU E 58 13.61 10.68 13.08
N ASP E 59 14.64 9.93 13.48
CA ASP E 59 14.51 8.49 13.63
C ASP E 59 13.77 8.16 14.94
N SER E 60 13.33 6.92 15.04
CA SER E 60 12.60 6.47 16.21
C SER E 60 13.52 6.46 17.44
N GLY E 61 13.14 7.21 18.47
CA GLY E 61 13.90 7.25 19.69
C GLY E 61 14.98 8.30 19.74
N ILE E 62 14.86 9.38 18.98
CA ILE E 62 15.84 10.46 18.96
C ILE E 62 15.24 11.65 19.69
N PRO E 63 16.00 12.35 20.53
CA PRO E 63 15.44 13.49 21.26
C PRO E 63 14.89 14.56 20.33
N ALA E 64 14.02 15.40 20.89
CA ALA E 64 13.38 16.47 20.14
C ALA E 64 14.24 17.70 20.00
N ARG E 65 15.45 17.71 20.57
CA ARG E 65 16.36 18.85 20.40
C ARG E 65 16.99 18.88 19.02
N PHE E 66 17.08 17.73 18.34
CA PHE E 66 17.66 17.63 17.01
C PHE E 66 16.62 17.96 15.96
N SER E 67 16.96 18.87 15.06
CA SER E 67 16.08 19.27 13.96
C SER E 67 16.92 19.53 12.72
N GLY E 68 16.53 18.95 11.60
CA GLY E 68 17.26 19.10 10.35
C GLY E 68 16.40 19.80 9.31
N SER E 69 17.03 20.67 8.52
CA SER E 69 16.32 21.44 7.52
C SER E 69 17.22 21.62 6.30
N GLY E 70 16.60 21.96 5.18
CA GLY E 70 17.29 22.21 3.94
C GLY E 70 17.01 21.13 2.90
N SER E 71 17.46 21.42 1.69
CA SER E 71 17.34 20.50 0.57
C SER E 71 18.31 20.93 -0.52
N GLY E 72 18.32 20.20 -1.63
CA GLY E 72 19.17 20.54 -2.74
C GLY E 72 20.66 20.37 -2.46
N THR E 73 21.35 21.48 -2.17
CA THR E 73 22.78 21.47 -2.00
C THR E 73 23.25 21.90 -0.61
N ASP E 74 22.42 22.59 0.16
CA ASP E 74 22.79 23.09 1.48
C ASP E 74 21.86 22.50 2.53
N PHE E 75 22.43 21.97 3.60
CA PHE E 75 21.68 21.33 4.66
C PHE E 75 22.17 21.85 6.02
N THR E 76 21.35 21.65 7.05
CA THR E 76 21.65 22.20 8.36
C THR E 76 21.10 21.27 9.44
N LEU E 77 21.87 21.08 10.51
CA LEU E 77 21.45 20.32 11.68
C LEU E 77 21.49 21.23 12.89
N ASN E 78 20.42 21.22 13.68
CA ASN E 78 20.28 22.09 14.85
C ASN E 78 20.04 21.26 16.10
N ILE E 79 20.75 21.59 17.18
CA ILE E 79 20.58 20.96 18.47
C ILE E 79 20.26 22.05 19.49
N HIS E 80 19.06 21.99 20.06
CA HIS E 80 18.65 22.96 21.07
C HIS E 80 17.53 22.41 21.94
N PRO E 81 17.77 22.33 23.27
CA PRO E 81 19.04 22.70 23.91
C PRO E 81 20.04 21.55 23.94
N VAL E 82 21.33 21.90 23.95
CA VAL E 82 22.39 20.90 23.97
C VAL E 82 22.53 20.31 25.36
N GLU E 83 22.70 19.00 25.43
CA GLU E 83 22.96 18.29 26.67
C GLU E 83 24.36 17.71 26.67
N GLU E 84 24.76 17.15 27.82
CA GLU E 84 26.11 16.64 27.98
C GLU E 84 26.35 15.34 27.22
N GLU E 85 25.30 14.66 26.79
CA GLU E 85 25.43 13.36 26.14
C GLU E 85 25.61 13.47 24.62
N ASP E 86 25.67 14.69 24.07
CA ASP E 86 25.78 14.88 22.64
C ASP E 86 27.23 14.96 22.16
N ALA E 87 28.20 14.71 23.04
CA ALA E 87 29.61 14.82 22.68
C ALA E 87 29.98 13.66 21.77
N ALA E 88 30.12 13.95 20.47
CA ALA E 88 30.46 12.94 19.47
C ALA E 88 30.88 13.67 18.20
N THR E 89 31.16 12.90 17.16
CA THR E 89 31.48 13.42 15.84
C THR E 89 30.30 13.16 14.90
N TYR E 90 29.82 14.21 14.25
CA TYR E 90 28.64 14.13 13.40
C TYR E 90 29.05 14.01 11.94
N TYR E 91 28.42 13.08 11.22
CA TYR E 91 28.65 12.87 9.80
C TYR E 91 27.33 12.97 9.05
N CYS E 92 27.34 13.65 7.91
CA CYS E 92 26.18 13.68 7.02
C CYS E 92 26.41 12.75 5.84
N GLN E 93 25.32 12.15 5.37
CA GLN E 93 25.38 11.13 4.33
C GLN E 93 24.29 11.39 3.30
N GLN E 94 24.57 11.03 2.05
CA GLN E 94 23.59 11.10 0.97
C GLN E 94 23.36 9.70 0.42
N THR E 95 22.10 9.35 0.20
CA THR E 95 21.72 8.09 -0.42
C THR E 95 21.15 8.29 -1.82
N ASN E 96 21.47 9.44 -2.44
CA ASN E 96 20.85 9.79 -3.71
C ASN E 96 21.31 8.86 -4.84
N GLU E 97 22.60 8.55 -4.89
CA GLU E 97 23.12 7.71 -5.95
C GLU E 97 24.43 7.08 -5.52
N ASP E 98 24.71 5.90 -6.03
CA ASP E 98 25.97 5.22 -5.78
C ASP E 98 27.13 6.01 -6.40
N PRO E 99 28.25 6.11 -5.67
CA PRO E 99 28.41 5.56 -4.32
C PRO E 99 27.94 6.50 -3.24
N TRP E 100 27.38 5.95 -2.16
CA TRP E 100 27.01 6.76 -1.01
C TRP E 100 28.26 7.35 -0.38
N THR E 101 28.19 8.61 0.04
CA THR E 101 29.37 9.30 0.54
C THR E 101 29.03 10.09 1.80
N PHE E 102 30.00 10.15 2.71
CA PHE E 102 29.87 10.86 3.97
C PHE E 102 30.64 12.18 3.91
N GLY E 103 30.31 13.07 4.84
CA GLY E 103 31.05 14.31 5.00
C GLY E 103 32.34 14.10 5.77
N GLY E 104 33.07 15.20 5.94
CA GLY E 104 34.34 15.15 6.66
C GLY E 104 34.22 14.97 8.16
N GLY E 105 33.04 15.20 8.72
CA GLY E 105 32.85 15.07 10.14
C GLY E 105 32.91 16.40 10.86
N THR E 106 32.13 16.50 11.93
CA THR E 106 32.13 17.68 12.80
C THR E 106 32.15 17.22 14.24
N LYS E 107 33.19 17.61 14.97
CA LYS E 107 33.36 17.22 16.37
C LYS E 107 32.82 18.33 17.26
N LEU E 108 31.74 18.03 17.97
CA LEU E 108 31.11 19.01 18.85
C LEU E 108 31.63 18.84 20.28
N GLU E 109 32.08 19.95 20.87
CA GLU E 109 32.60 19.96 22.22
C GLU E 109 31.63 20.70 23.14
N ILE E 110 31.34 20.10 24.29
CA ILE E 110 30.40 20.66 25.25
C ILE E 110 31.18 21.54 26.22
N LYS E 111 30.99 22.85 26.13
CA LYS E 111 31.64 23.78 27.03
C LYS E 111 30.91 23.78 28.38
N ARG E 112 31.68 23.94 29.46
CA ARG E 112 31.12 23.91 30.80
C ARG E 112 32.00 24.75 31.71
N THR E 113 31.71 24.72 33.01
CA THR E 113 32.57 25.35 33.99
C THR E 113 33.88 24.57 34.12
N VAL E 114 34.97 25.31 34.31
CA VAL E 114 36.29 24.68 34.34
C VAL E 114 36.44 23.82 35.59
N ALA E 115 37.06 22.65 35.41
CA ALA E 115 37.30 21.72 36.51
C ALA E 115 38.78 21.32 36.52
N ALA E 116 39.31 21.10 37.76
CA ALA E 116 40.70 20.75 38.01
C ALA E 116 40.87 19.23 38.08
N PRO E 117 42.03 18.72 37.68
CA PRO E 117 42.23 17.27 37.70
C PRO E 117 42.66 16.75 39.06
N SER E 118 42.27 15.52 39.34
CA SER E 118 42.72 14.79 40.53
C SER E 118 44.01 14.06 40.17
N VAL E 119 45.13 14.55 40.67
CA VAL E 119 46.44 14.03 40.29
C VAL E 119 46.85 12.93 41.26
N PHE E 120 47.50 11.89 40.72
CA PHE E 120 47.97 10.78 41.54
C PHE E 120 49.19 10.17 40.86
N ILE E 121 50.21 9.85 41.66
CA ILE E 121 51.45 9.24 41.18
C ILE E 121 51.46 7.79 41.63
N PHE E 122 51.82 6.90 40.72
CA PHE E 122 51.83 5.46 41.01
C PHE E 122 53.23 4.90 40.75
N PRO E 123 53.95 4.46 41.80
CA PRO E 123 55.26 3.87 41.56
C PRO E 123 55.13 2.55 40.82
N PRO E 124 56.18 2.15 40.11
CA PRO E 124 56.07 0.94 39.28
C PRO E 124 55.94 -0.31 40.14
N SER E 125 55.39 -1.34 39.51
CA SER E 125 55.23 -2.63 40.16
C SER E 125 56.57 -3.36 40.25
N ASP E 126 56.74 -4.10 41.34
CA ASP E 126 57.94 -4.92 41.54
C ASP E 126 57.97 -6.15 40.65
N GLU E 127 56.85 -6.52 40.02
CA GLU E 127 56.83 -7.70 39.14
C GLU E 127 57.64 -7.47 37.88
N GLN E 128 57.77 -6.22 37.43
CA GLN E 128 58.61 -5.91 36.28
C GLN E 128 60.08 -5.82 36.68
N LEU E 129 60.37 -5.20 37.83
CA LEU E 129 61.74 -5.07 38.31
C LEU E 129 62.27 -6.40 38.81
N SER E 135 58.44 2.50 35.26
CA SER E 135 57.08 2.60 34.77
C SER E 135 56.20 3.38 35.75
N VAL E 136 56.33 4.70 35.73
CA VAL E 136 55.58 5.59 36.60
C VAL E 136 54.36 6.10 35.85
N VAL E 137 53.22 6.16 36.54
CA VAL E 137 51.96 6.61 35.95
C VAL E 137 51.47 7.80 36.74
N CYS E 138 51.18 8.90 36.03
CA CYS E 138 50.63 10.11 36.63
C CYS E 138 49.25 10.34 36.04
N LEU E 139 48.22 10.12 36.84
CA LEU E 139 46.83 10.14 36.38
C LEU E 139 46.18 11.49 36.66
N LEU E 140 45.46 12.00 35.66
CA LEU E 140 44.64 13.20 35.78
C LEU E 140 43.24 12.83 35.32
N ASN E 141 42.29 12.76 36.26
CA ASN E 141 40.96 12.24 35.99
C ASN E 141 39.91 13.35 36.04
N ASN E 142 39.06 13.40 35.02
CA ASN E 142 37.87 14.24 35.00
C ASN E 142 38.21 15.72 35.17
N PHE E 143 38.98 16.23 34.21
CA PHE E 143 39.33 17.65 34.17
C PHE E 143 38.84 18.27 32.87
N TYR E 144 38.97 19.60 32.80
CA TYR E 144 38.51 20.35 31.64
C TYR E 144 39.15 21.74 31.62
N PRO E 145 39.58 22.21 30.45
CA PRO E 145 39.55 21.48 29.18
C PRO E 145 40.75 20.58 28.95
N ARG E 146 40.98 20.18 27.70
CA ARG E 146 42.05 19.23 27.40
C ARG E 146 43.43 19.88 27.49
N GLU E 147 43.50 21.21 27.53
CA GLU E 147 44.78 21.90 27.63
C GLU E 147 45.38 21.66 29.00
N ALA E 148 46.40 20.81 29.08
CA ALA E 148 47.04 20.47 30.34
C ALA E 148 48.51 20.21 30.10
N LYS E 149 49.32 20.55 31.11
CA LYS E 149 50.77 20.38 31.04
C LYS E 149 51.20 19.47 32.18
N VAL E 150 51.67 18.27 31.83
CA VAL E 150 52.14 17.31 32.83
C VAL E 150 53.60 17.58 33.15
N ASP E 155 64.00 12.91 40.71
CA ASP E 155 65.30 13.47 41.07
C ASP E 155 65.37 14.96 40.77
N ASN E 156 64.19 15.60 40.78
CA ASN E 156 64.07 17.05 40.52
C ASN E 156 64.66 17.42 39.16
N ALA E 157 64.67 16.47 38.22
CA ALA E 157 65.22 16.70 36.89
C ALA E 157 64.06 16.90 35.92
N LEU E 158 63.90 18.14 35.46
CA LEU E 158 62.91 18.45 34.43
C LEU E 158 63.35 17.82 33.12
N GLN E 159 62.61 16.82 32.66
CA GLN E 159 63.02 16.02 31.52
C GLN E 159 62.04 16.19 30.36
N SER E 160 62.36 15.53 29.25
CA SER E 160 61.52 15.48 28.06
C SER E 160 61.96 14.34 27.15
N GLY E 161 61.02 13.55 26.63
CA GLY E 161 61.34 12.43 25.78
C GLY E 161 61.40 11.09 26.47
N ASN E 162 61.23 11.03 27.79
CA ASN E 162 61.23 9.79 28.54
C ASN E 162 59.84 9.41 29.03
N SER E 163 58.79 9.99 28.43
CA SER E 163 57.42 9.72 28.86
C SER E 163 56.50 9.79 27.65
N GLN E 164 55.37 9.09 27.75
CA GLN E 164 54.35 9.11 26.72
C GLN E 164 53.02 9.57 27.31
N GLU E 165 52.09 9.93 26.43
CA GLU E 165 50.82 10.50 26.82
C GLU E 165 49.67 9.70 26.22
N SER E 166 48.51 9.83 26.84
CA SER E 166 47.27 9.22 26.34
C SER E 166 46.11 9.97 26.96
N VAL E 167 45.06 10.22 26.17
CA VAL E 167 43.93 11.02 26.59
C VAL E 167 42.64 10.29 26.24
N THR E 168 41.68 10.31 27.15
CA THR E 168 40.36 9.75 26.89
C THR E 168 39.50 10.78 26.14
N GLU E 169 38.30 10.34 25.75
CA GLU E 169 37.37 11.22 25.07
C GLU E 169 36.57 12.04 26.08
N GLN E 170 35.87 13.04 25.57
CA GLN E 170 34.95 13.81 26.40
C GLN E 170 33.82 12.91 26.90
N ASP E 171 33.67 12.83 28.22
CA ASP E 171 32.72 11.89 28.80
C ASP E 171 31.29 12.26 28.43
N SER E 172 30.45 11.23 28.33
CA SER E 172 29.07 11.41 27.87
C SER E 172 28.12 11.88 28.97
N LYS E 173 28.54 11.85 30.23
CA LYS E 173 27.71 12.37 31.32
C LYS E 173 28.42 13.43 32.16
N ASP E 174 29.75 13.46 32.17
CA ASP E 174 30.49 14.49 32.89
C ASP E 174 31.08 15.56 31.97
N SER E 175 31.20 15.27 30.67
CA SER E 175 31.76 16.21 29.69
C SER E 175 33.16 16.67 30.09
N THR E 176 33.96 15.73 30.59
CA THR E 176 35.31 16.02 31.04
C THR E 176 36.31 15.08 30.37
N TYR E 177 37.56 15.52 30.34
CA TYR E 177 38.64 14.74 29.76
C TYR E 177 39.50 14.11 30.86
N SER E 178 40.28 13.11 30.47
CA SER E 178 41.21 12.45 31.37
C SER E 178 42.49 12.12 30.61
N LEU E 179 43.61 12.15 31.32
CA LEU E 179 44.92 12.00 30.72
C LEU E 179 45.74 10.97 31.48
N SER E 180 46.56 10.23 30.74
CA SER E 180 47.48 9.24 31.30
C SER E 180 48.89 9.53 30.82
N SER E 181 49.85 9.47 31.74
CA SER E 181 51.25 9.71 31.44
C SER E 181 52.08 8.55 31.98
N THR E 182 53.00 8.06 31.16
CA THR E 182 53.85 6.93 31.52
C THR E 182 55.31 7.37 31.47
N LEU E 183 55.87 7.69 32.64
CA LEU E 183 57.31 7.95 32.76
C LEU E 183 58.04 6.63 32.93
N THR E 184 58.88 6.28 31.95
CA THR E 184 59.55 4.99 31.92
C THR E 184 60.93 5.09 32.55
N LEU E 185 61.33 4.03 33.24
CA LEU E 185 62.64 3.95 33.87
C LEU E 185 63.07 2.49 33.86
N SER E 186 63.92 2.12 32.91
CA SER E 186 64.42 0.76 32.82
C SER E 186 65.32 0.44 34.00
N LYS E 187 65.41 -0.85 34.33
CA LYS E 187 66.23 -1.30 35.45
C LYS E 187 67.71 -1.05 35.20
N LYS E 194 66.42 7.73 42.44
CA LYS E 194 65.62 7.14 43.51
C LYS E 194 64.34 7.92 43.78
N VAL E 195 64.32 9.19 43.37
CA VAL E 195 63.21 10.08 43.69
C VAL E 195 62.41 10.31 42.42
N TYR E 196 61.11 10.01 42.49
CA TYR E 196 60.18 10.18 41.38
C TYR E 196 59.04 11.10 41.81
N ALA E 197 58.60 11.94 40.88
CA ALA E 197 57.51 12.88 41.16
C ALA E 197 56.90 13.34 39.84
N CYS E 198 55.73 13.96 39.93
CA CYS E 198 55.00 14.42 38.76
C CYS E 198 54.40 15.79 39.03
N GLU E 199 54.70 16.75 38.16
CA GLU E 199 54.19 18.10 38.27
C GLU E 199 53.07 18.31 37.24
N VAL E 200 52.05 19.07 37.64
CA VAL E 200 50.87 19.29 36.81
C VAL E 200 50.45 20.74 36.93
N THR E 201 50.23 21.40 35.79
CA THR E 201 49.74 22.77 35.73
C THR E 201 48.49 22.82 34.86
N HIS E 202 47.46 23.52 35.34
CA HIS E 202 46.18 23.58 34.65
C HIS E 202 45.60 24.98 34.77
N GLN E 203 44.67 25.29 33.87
CA GLN E 203 44.04 26.61 33.88
C GLN E 203 43.10 26.79 35.05
N GLY E 204 42.36 25.73 35.41
CA GLY E 204 41.45 25.81 36.54
C GLY E 204 42.16 25.86 37.88
N LEU E 205 43.35 25.28 37.96
CA LEU E 205 44.11 25.30 39.20
C LEU E 205 44.77 26.67 39.40
N SER E 206 44.93 27.04 40.67
CA SER E 206 45.54 28.33 40.98
C SER E 206 47.05 28.29 40.78
N SER E 207 47.71 27.20 41.20
CA SER E 207 49.14 27.04 41.07
C SER E 207 49.44 25.56 40.87
N PRO E 208 50.54 25.21 40.20
CA PRO E 208 50.84 23.80 39.94
C PRO E 208 51.02 23.02 41.24
N VAL E 209 50.56 21.76 41.21
CA VAL E 209 50.66 20.85 42.33
C VAL E 209 51.49 19.65 41.90
N THR E 210 52.06 18.95 42.88
CA THR E 210 52.96 17.84 42.63
C THR E 210 52.58 16.65 43.50
N LYS E 211 52.60 15.46 42.89
CA LYS E 211 52.44 14.20 43.61
C LYS E 211 53.77 13.45 43.55
N SER E 212 54.33 13.18 44.72
CA SER E 212 55.63 12.50 44.84
C SER E 212 55.47 11.20 45.61
N PHE E 213 56.36 10.24 45.31
CA PHE E 213 56.32 8.92 45.90
C PHE E 213 57.75 8.45 46.18
N ASN E 214 57.86 7.37 46.93
CA ASN E 214 59.14 6.88 47.42
C ASN E 214 59.75 5.87 46.44
N ARG E 215 61.06 5.65 46.60
CA ARG E 215 61.76 4.58 45.89
C ARG E 215 61.52 3.23 46.57
N GLY E 216 60.40 3.10 47.28
CA GLY E 216 60.10 1.87 47.99
C GLY E 216 58.68 1.89 48.53
N ASP F 1 -22.80 14.40 -15.92
CA ASP F 1 -23.48 13.11 -16.07
C ASP F 1 -23.04 12.38 -17.33
N ILE F 2 -22.59 11.14 -17.16
CA ILE F 2 -22.23 10.27 -18.28
C ILE F 2 -23.46 9.46 -18.65
N VAL F 3 -23.69 9.31 -19.95
CA VAL F 3 -24.82 8.54 -20.48
C VAL F 3 -24.27 7.31 -21.19
N LEU F 4 -24.75 6.14 -20.80
CA LEU F 4 -24.37 4.87 -21.42
C LEU F 4 -25.51 4.35 -22.27
N THR F 5 -25.15 3.66 -23.35
CA THR F 5 -26.13 3.10 -24.28
C THR F 5 -25.70 1.70 -24.68
N GLN F 6 -26.61 0.75 -24.56
CA GLN F 6 -26.35 -0.64 -24.93
C GLN F 6 -27.08 -0.97 -26.23
N SER F 7 -26.56 -1.99 -26.92
CA SER F 7 -27.20 -2.48 -28.14
C SER F 7 -26.91 -3.97 -28.31
N PRO F 8 -27.95 -4.74 -28.66
CA PRO F 8 -29.32 -4.26 -28.89
C PRO F 8 -30.13 -4.16 -27.60
N ALA F 9 -31.44 -3.99 -27.75
CA ALA F 9 -32.31 -4.00 -26.58
C ALA F 9 -32.77 -5.41 -26.25
N SER F 10 -32.77 -6.31 -27.24
CA SER F 10 -33.16 -7.69 -27.03
C SER F 10 -32.59 -8.54 -28.16
N LEU F 11 -32.34 -9.81 -27.86
CA LEU F 11 -31.82 -10.75 -28.85
C LEU F 11 -32.12 -12.16 -28.39
N ALA F 12 -32.16 -13.08 -29.35
CA ALA F 12 -32.42 -14.49 -29.10
C ALA F 12 -31.29 -15.32 -29.66
N VAL F 13 -30.63 -16.08 -28.79
CA VAL F 13 -29.48 -16.91 -29.16
C VAL F 13 -29.78 -18.36 -28.82
N SER F 14 -29.39 -19.26 -29.71
CA SER F 14 -29.58 -20.68 -29.51
C SER F 14 -28.40 -21.30 -28.75
N LEU F 15 -28.58 -22.54 -28.31
CA LEU F 15 -27.55 -23.26 -27.58
C LEU F 15 -26.46 -23.72 -28.55
N GLY F 16 -25.23 -23.29 -28.32
CA GLY F 16 -24.09 -23.65 -29.14
C GLY F 16 -23.40 -22.49 -29.80
N GLN F 17 -24.04 -21.32 -29.87
CA GLN F 17 -23.46 -20.13 -30.48
C GLN F 17 -23.11 -19.11 -29.40
N ARG F 18 -22.50 -18.01 -29.84
CA ARG F 18 -22.03 -16.96 -28.95
C ARG F 18 -22.95 -15.75 -29.03
N ALA F 19 -23.33 -15.22 -27.87
CA ALA F 19 -24.09 -13.99 -27.76
C ALA F 19 -23.14 -12.83 -27.54
N THR F 20 -23.51 -11.66 -28.06
CA THR F 20 -22.64 -10.49 -28.04
C THR F 20 -23.46 -9.23 -27.82
N ILE F 21 -23.05 -8.41 -26.86
CA ILE F 21 -23.72 -7.17 -26.51
C ILE F 21 -22.66 -6.09 -26.29
N SER F 22 -22.90 -4.89 -26.80
CA SER F 22 -21.98 -3.78 -26.69
C SER F 22 -22.62 -2.63 -25.93
N CYS F 23 -21.77 -1.77 -25.36
CA CYS F 23 -22.24 -0.65 -24.54
C CYS F 23 -21.27 0.52 -24.71
N LYS F 24 -21.80 1.67 -25.13
CA LYS F 24 -21.01 2.85 -25.41
C LYS F 24 -21.39 3.97 -24.46
N ALA F 25 -20.40 4.76 -24.05
CA ALA F 25 -20.58 5.78 -23.02
C ALA F 25 -20.32 7.17 -23.59
N SER F 26 -20.67 8.19 -22.79
CA SER F 26 -20.48 9.58 -23.16
C SER F 26 -19.07 10.08 -22.90
N GLN F 27 -18.28 9.36 -22.11
CA GLN F 27 -16.90 9.73 -21.85
C GLN F 27 -16.05 8.47 -21.76
N SER F 28 -14.74 8.65 -21.89
CA SER F 28 -13.81 7.55 -21.66
C SER F 28 -13.75 7.26 -20.17
N VAL F 29 -14.21 6.07 -19.77
CA VAL F 29 -14.22 5.70 -18.36
C VAL F 29 -12.84 5.17 -17.97
N ASP F 30 -11.86 5.35 -18.85
CA ASP F 30 -10.48 5.09 -18.51
C ASP F 30 -9.95 6.19 -17.58
N TYR F 31 -8.94 5.83 -16.79
CA TYR F 31 -8.30 6.82 -15.92
C TYR F 31 -6.97 6.26 -15.44
N ASP F 32 -5.87 6.90 -15.85
CA ASP F 32 -4.53 6.59 -15.36
C ASP F 32 -4.17 5.12 -15.55
N GLY F 33 -4.60 4.54 -16.68
CA GLY F 33 -4.31 3.16 -16.98
C GLY F 33 -5.28 2.15 -16.45
N ASP F 34 -6.40 2.58 -15.85
CA ASP F 34 -7.43 1.67 -15.36
C ASP F 34 -8.74 1.95 -16.07
N THR F 35 -9.55 0.91 -16.23
CA THR F 35 -10.84 0.98 -16.89
C THR F 35 -11.92 0.59 -15.90
N TYR F 36 -12.95 1.44 -15.77
CA TYR F 36 -14.00 1.27 -14.77
C TYR F 36 -15.33 1.04 -15.49
N MET F 37 -15.54 -0.19 -15.94
CA MET F 37 -16.80 -0.61 -16.52
C MET F 37 -17.09 -2.04 -16.08
N ASN F 38 -18.34 -2.30 -15.68
CA ASN F 38 -18.73 -3.59 -15.14
C ASN F 38 -19.92 -4.14 -15.91
N TRP F 39 -20.26 -5.39 -15.61
CA TRP F 39 -21.33 -6.10 -16.29
C TRP F 39 -22.17 -6.85 -15.28
N TYR F 40 -23.43 -6.44 -15.11
CA TYR F 40 -24.37 -7.12 -14.24
C TYR F 40 -25.46 -7.80 -15.06
N HIS F 41 -26.24 -8.63 -14.40
CA HIS F 41 -27.40 -9.24 -15.01
C HIS F 41 -28.34 -9.71 -13.89
N GLN F 42 -29.64 -9.53 -14.11
CA GLN F 42 -30.64 -9.88 -13.11
C GLN F 42 -31.73 -10.72 -13.73
N LYS F 43 -32.18 -11.71 -12.98
CA LYS F 43 -33.31 -12.57 -13.29
C LYS F 43 -34.56 -12.06 -12.60
N PRO F 44 -35.75 -12.41 -13.09
CA PRO F 44 -36.98 -11.77 -12.59
C PRO F 44 -37.13 -11.90 -11.08
N GLY F 45 -37.29 -10.75 -10.42
CA GLY F 45 -37.51 -10.68 -8.99
C GLY F 45 -36.26 -10.62 -8.15
N GLN F 46 -35.11 -11.01 -8.70
CA GLN F 46 -33.87 -11.12 -7.95
C GLN F 46 -33.02 -9.87 -8.10
N PRO F 47 -32.11 -9.61 -7.17
CA PRO F 47 -31.14 -8.53 -7.36
C PRO F 47 -30.15 -8.87 -8.44
N PRO F 48 -29.49 -7.87 -9.03
CA PRO F 48 -28.50 -8.15 -10.09
C PRO F 48 -27.31 -8.92 -9.55
N LYS F 49 -26.54 -9.47 -10.48
CA LYS F 49 -25.34 -10.24 -10.16
C LYS F 49 -24.22 -9.84 -11.11
N LEU F 50 -23.03 -9.66 -10.56
CA LEU F 50 -21.87 -9.24 -11.35
C LEU F 50 -21.29 -10.42 -12.12
N LEU F 51 -21.01 -10.20 -13.40
CA LEU F 51 -20.42 -11.21 -14.27
C LEU F 51 -18.98 -10.88 -14.67
N ILE F 52 -18.74 -9.65 -15.12
CA ILE F 52 -17.41 -9.23 -15.54
C ILE F 52 -17.16 -7.82 -15.02
N TYR F 53 -15.99 -7.59 -14.43
CA TYR F 53 -15.62 -6.30 -13.90
C TYR F 53 -14.32 -5.82 -14.54
N ALA F 54 -14.13 -4.49 -14.49
CA ALA F 54 -12.95 -3.84 -15.08
C ALA F 54 -12.83 -4.14 -16.57
N ALA F 55 -13.97 -4.40 -17.21
CA ALA F 55 -14.10 -4.59 -18.66
C ALA F 55 -13.52 -5.90 -19.17
N SER F 56 -12.71 -6.59 -18.35
CA SER F 56 -12.10 -7.83 -18.84
C SER F 56 -11.72 -8.81 -17.73
N ASN F 57 -12.33 -8.73 -16.55
CA ASN F 57 -12.03 -9.63 -15.45
C ASN F 57 -13.29 -10.33 -14.99
N LEU F 58 -13.17 -11.61 -14.62
CA LEU F 58 -14.30 -12.42 -14.21
C LEU F 58 -14.39 -12.49 -12.69
N ASP F 59 -15.63 -12.58 -12.20
CA ASP F 59 -15.87 -12.61 -10.76
C ASP F 59 -15.73 -14.04 -10.23
N SER F 60 -15.92 -14.19 -8.92
CA SER F 60 -15.74 -15.48 -8.25
C SER F 60 -16.92 -16.38 -8.54
N GLY F 61 -16.65 -17.57 -9.06
CA GLY F 61 -17.70 -18.55 -9.31
C GLY F 61 -18.53 -18.28 -10.54
N ILE F 62 -17.91 -17.80 -11.63
CA ILE F 62 -18.59 -17.48 -12.87
C ILE F 62 -18.03 -18.40 -13.95
N PRO F 63 -18.88 -19.05 -14.76
CA PRO F 63 -18.37 -19.95 -15.79
C PRO F 63 -17.49 -19.23 -16.80
N ALA F 64 -16.66 -20.02 -17.49
CA ALA F 64 -15.70 -19.48 -18.45
C ALA F 64 -16.34 -19.02 -19.75
N ARG F 65 -17.64 -19.21 -19.93
CA ARG F 65 -18.29 -18.76 -21.14
C ARG F 65 -18.39 -17.24 -21.20
N PHE F 66 -18.46 -16.59 -20.04
CA PHE F 66 -18.64 -15.15 -19.96
C PHE F 66 -17.28 -14.45 -19.98
N SER F 67 -17.07 -13.60 -20.98
CA SER F 67 -15.82 -12.86 -21.11
C SER F 67 -16.11 -11.49 -21.69
N GLY F 68 -15.25 -10.53 -21.37
CA GLY F 68 -15.41 -9.16 -21.81
C GLY F 68 -14.15 -8.62 -22.46
N SER F 69 -14.30 -7.46 -23.08
CA SER F 69 -13.20 -6.78 -23.75
C SER F 69 -13.63 -5.35 -24.06
N GLY F 70 -12.65 -4.51 -24.34
CA GLY F 70 -12.89 -3.13 -24.71
C GLY F 70 -12.12 -2.16 -23.82
N SER F 71 -12.09 -0.92 -24.29
CA SER F 71 -11.40 0.16 -23.57
C SER F 71 -11.91 1.49 -24.09
N GLY F 72 -11.71 2.53 -23.29
CA GLY F 72 -12.12 3.87 -23.67
C GLY F 72 -13.62 4.08 -23.62
N THR F 73 -14.28 3.89 -24.76
CA THR F 73 -15.73 4.10 -24.86
C THR F 73 -16.48 2.91 -25.45
N ASP F 74 -15.80 1.88 -25.94
CA ASP F 74 -16.45 0.70 -26.50
C ASP F 74 -16.10 -0.51 -25.64
N PHE F 75 -17.12 -1.27 -25.26
CA PHE F 75 -16.95 -2.48 -24.47
C PHE F 75 -17.87 -3.56 -25.02
N THR F 76 -17.47 -4.81 -24.82
CA THR F 76 -18.15 -5.95 -25.44
C THR F 76 -18.15 -7.13 -24.51
N LEU F 77 -19.30 -7.79 -24.40
CA LEU F 77 -19.48 -8.98 -23.57
C LEU F 77 -19.93 -10.14 -24.44
N ASN F 78 -19.36 -11.32 -24.19
CA ASN F 78 -19.68 -12.52 -24.95
C ASN F 78 -20.11 -13.65 -24.02
N ILE F 79 -20.98 -14.52 -24.54
CA ILE F 79 -21.48 -15.69 -23.84
C ILE F 79 -21.35 -16.86 -24.81
N HIS F 80 -20.34 -17.70 -24.61
CA HIS F 80 -20.05 -18.79 -25.55
C HIS F 80 -19.52 -20.03 -24.85
N PRO F 81 -20.30 -21.13 -24.90
CA PRO F 81 -21.63 -21.20 -25.51
C PRO F 81 -22.75 -20.89 -24.52
N VAL F 82 -23.91 -20.47 -25.03
CA VAL F 82 -25.02 -20.13 -24.16
C VAL F 82 -25.65 -21.39 -23.59
N GLU F 83 -26.03 -21.35 -22.32
CA GLU F 83 -26.74 -22.42 -21.66
C GLU F 83 -28.19 -22.00 -21.45
N GLU F 84 -28.98 -22.92 -20.86
CA GLU F 84 -30.41 -22.70 -20.73
C GLU F 84 -30.79 -21.70 -19.64
N GLU F 85 -29.88 -21.42 -18.70
CA GLU F 85 -30.18 -20.57 -17.56
C GLU F 85 -29.64 -19.14 -17.73
N ASP F 86 -29.34 -18.73 -18.95
CA ASP F 86 -28.74 -17.42 -19.20
C ASP F 86 -29.77 -16.35 -19.57
N ALA F 87 -31.05 -16.69 -19.62
CA ALA F 87 -32.08 -15.71 -19.97
C ALA F 87 -32.23 -14.71 -18.83
N ALA F 88 -31.87 -13.45 -19.09
CA ALA F 88 -31.94 -12.40 -18.09
C ALA F 88 -31.82 -11.05 -18.79
N THR F 89 -31.68 -9.99 -18.01
CA THR F 89 -31.46 -8.64 -18.51
C THR F 89 -30.06 -8.19 -18.09
N TYR F 90 -29.25 -7.80 -19.06
CA TYR F 90 -27.83 -7.53 -18.85
C TYR F 90 -27.58 -6.02 -18.92
N TYR F 91 -26.82 -5.51 -17.95
CA TYR F 91 -26.54 -4.08 -17.84
C TYR F 91 -25.04 -3.83 -17.84
N CYS F 92 -24.64 -2.70 -18.40
CA CYS F 92 -23.30 -2.16 -18.23
C CYS F 92 -23.33 -1.00 -17.25
N GLN F 93 -22.20 -0.75 -16.61
CA GLN F 93 -22.10 0.25 -15.55
C GLN F 93 -20.76 0.95 -15.63
N GLN F 94 -20.76 2.26 -15.37
CA GLN F 94 -19.54 3.04 -15.31
C GLN F 94 -19.35 3.54 -13.88
N THR F 95 -18.09 3.50 -13.41
CA THR F 95 -17.75 3.89 -12.05
C THR F 95 -16.54 4.81 -12.05
N ASN F 96 -16.43 5.68 -13.06
CA ASN F 96 -15.31 6.59 -13.17
C ASN F 96 -15.62 7.99 -12.66
N GLU F 97 -16.82 8.51 -12.92
CA GLU F 97 -17.16 9.88 -12.56
C GLU F 97 -18.56 9.91 -11.94
N ASP F 98 -18.69 10.61 -10.83
CA ASP F 98 -20.00 10.83 -10.22
C ASP F 98 -20.84 11.75 -11.10
N PRO F 99 -22.15 11.46 -11.22
CA PRO F 99 -22.82 10.32 -10.58
C PRO F 99 -22.64 9.01 -11.34
N TRP F 100 -22.59 7.90 -10.61
CA TRP F 100 -22.56 6.60 -11.25
C TRP F 100 -23.82 6.39 -12.07
N THR F 101 -23.68 5.69 -13.20
CA THR F 101 -24.78 5.49 -14.12
C THR F 101 -24.70 4.08 -14.71
N PHE F 102 -25.82 3.65 -15.29
CA PHE F 102 -25.95 2.31 -15.84
C PHE F 102 -26.39 2.40 -17.30
N GLY F 103 -26.25 1.29 -18.01
CA GLY F 103 -26.76 1.18 -19.36
C GLY F 103 -28.26 0.90 -19.37
N GLY F 104 -28.80 0.85 -20.59
CA GLY F 104 -30.24 0.63 -20.73
C GLY F 104 -30.67 -0.77 -20.33
N GLY F 105 -29.94 -1.77 -20.76
CA GLY F 105 -30.27 -3.15 -20.46
C GLY F 105 -30.64 -3.90 -21.74
N THR F 106 -30.24 -5.17 -21.80
CA THR F 106 -30.49 -6.02 -22.95
C THR F 106 -31.09 -7.33 -22.48
N LYS F 107 -32.35 -7.58 -22.87
CA LYS F 107 -33.03 -8.81 -22.49
C LYS F 107 -32.57 -9.96 -23.38
N LEU F 108 -32.45 -11.15 -22.79
CA LEU F 108 -31.96 -12.33 -23.49
C LEU F 108 -33.05 -13.39 -23.51
N GLU F 109 -33.47 -13.78 -24.70
CA GLU F 109 -34.42 -14.88 -24.88
C GLU F 109 -33.68 -16.10 -25.41
N ILE F 110 -34.03 -17.27 -24.90
CA ILE F 110 -33.36 -18.51 -25.26
C ILE F 110 -34.13 -19.17 -26.41
N LYS F 111 -33.47 -19.35 -27.54
CA LYS F 111 -34.09 -19.98 -28.70
C LYS F 111 -34.00 -21.50 -28.56
N ARG F 112 -35.16 -22.16 -28.49
CA ARG F 112 -35.21 -23.60 -28.31
C ARG F 112 -36.24 -24.17 -29.29
N THR F 113 -36.57 -25.45 -29.11
CA THR F 113 -37.48 -26.14 -30.00
C THR F 113 -38.94 -25.80 -29.66
N VAL F 114 -39.83 -26.15 -30.58
CA VAL F 114 -41.24 -25.84 -30.44
C VAL F 114 -41.86 -26.75 -29.38
N ALA F 115 -42.80 -26.21 -28.62
CA ALA F 115 -43.49 -26.97 -27.58
C ALA F 115 -44.94 -26.49 -27.50
N ALA F 116 -45.88 -27.46 -27.56
CA ALA F 116 -47.31 -27.14 -27.48
C ALA F 116 -47.74 -27.08 -26.02
N PRO F 117 -48.61 -26.14 -25.68
CA PRO F 117 -49.02 -26.00 -24.27
C PRO F 117 -50.02 -27.07 -23.86
N SER F 118 -49.81 -27.61 -22.66
CA SER F 118 -50.77 -28.53 -22.06
C SER F 118 -51.91 -27.71 -21.44
N VAL F 119 -53.13 -27.98 -21.88
CA VAL F 119 -54.28 -27.13 -21.56
C VAL F 119 -55.06 -27.74 -20.40
N PHE F 120 -55.33 -26.92 -19.39
CA PHE F 120 -56.20 -27.28 -18.29
C PHE F 120 -57.13 -26.11 -18.01
N ILE F 121 -58.31 -26.40 -17.48
CA ILE F 121 -59.30 -25.38 -17.19
C ILE F 121 -59.77 -25.55 -15.75
N PHE F 122 -60.15 -24.43 -15.12
CA PHE F 122 -60.59 -24.44 -13.73
C PHE F 122 -61.83 -23.58 -13.56
N PRO F 123 -62.96 -24.17 -13.17
CA PRO F 123 -64.17 -23.39 -12.94
C PRO F 123 -64.07 -22.60 -11.65
N PRO F 124 -64.97 -21.64 -11.42
CA PRO F 124 -64.96 -20.90 -10.15
C PRO F 124 -65.33 -21.78 -8.96
N GLU F 127 -66.65 -23.77 -5.98
CA GLU F 127 -66.74 -23.58 -4.54
C GLU F 127 -66.69 -22.09 -4.18
N GLN F 128 -65.81 -21.36 -4.87
CA GLN F 128 -65.65 -19.93 -4.62
C GLN F 128 -66.81 -19.09 -5.16
N LEU F 129 -67.86 -19.73 -5.67
CA LEU F 129 -68.99 -18.98 -6.22
C LEU F 129 -69.73 -18.19 -5.16
N LYS F 130 -69.54 -18.52 -3.88
CA LYS F 130 -70.20 -17.79 -2.81
C LYS F 130 -69.65 -16.38 -2.62
N SER F 131 -68.58 -16.02 -3.33
CA SER F 131 -68.00 -14.69 -3.20
C SER F 131 -68.82 -13.60 -3.87
N GLY F 132 -69.86 -13.97 -4.63
CA GLY F 132 -70.70 -13.01 -5.32
C GLY F 132 -70.34 -12.77 -6.76
N THR F 133 -69.17 -13.24 -7.21
CA THR F 133 -68.74 -13.09 -8.59
C THR F 133 -67.88 -14.29 -8.95
N ALA F 134 -68.00 -14.73 -10.20
CA ALA F 134 -67.29 -15.90 -10.69
C ALA F 134 -66.12 -15.49 -11.59
N SER F 135 -65.19 -16.43 -11.77
CA SER F 135 -64.03 -16.21 -12.60
C SER F 135 -63.56 -17.55 -13.16
N VAL F 136 -63.19 -17.55 -14.44
CA VAL F 136 -62.70 -18.73 -15.13
C VAL F 136 -61.25 -18.50 -15.51
N VAL F 137 -60.40 -19.48 -15.22
CA VAL F 137 -58.96 -19.39 -15.49
C VAL F 137 -58.56 -20.54 -16.41
N CYS F 138 -57.88 -20.21 -17.50
CA CYS F 138 -57.34 -21.19 -18.44
C CYS F 138 -55.83 -21.09 -18.43
N LEU F 139 -55.16 -22.23 -18.24
CA LEU F 139 -53.72 -22.26 -18.05
C LEU F 139 -53.04 -22.96 -19.22
N LEU F 140 -51.92 -22.39 -19.66
CA LEU F 140 -51.05 -22.99 -20.66
C LEU F 140 -49.66 -23.09 -20.03
N ASN F 141 -49.23 -24.32 -19.75
CA ASN F 141 -48.01 -24.58 -19.00
C ASN F 141 -46.92 -25.12 -19.91
N ASN F 142 -45.76 -24.48 -19.84
CA ASN F 142 -44.53 -24.94 -20.50
C ASN F 142 -44.74 -25.07 -22.01
N PHE F 143 -44.75 -23.91 -22.67
CA PHE F 143 -44.87 -23.83 -24.11
C PHE F 143 -43.87 -22.83 -24.65
N TYR F 144 -43.51 -23.03 -25.92
CA TYR F 144 -42.60 -22.15 -26.63
C TYR F 144 -43.01 -22.05 -28.10
N PRO F 145 -42.96 -20.83 -28.66
CA PRO F 145 -42.53 -19.59 -28.00
C PRO F 145 -43.63 -18.87 -27.22
N ARG F 146 -43.37 -17.61 -26.88
CA ARG F 146 -44.32 -16.83 -26.08
C ARG F 146 -45.61 -16.58 -26.84
N GLU F 147 -45.57 -16.55 -28.17
CA GLU F 147 -46.73 -16.18 -28.96
C GLU F 147 -47.79 -17.26 -28.90
N ALA F 148 -48.95 -16.93 -28.35
CA ALA F 148 -50.08 -17.84 -28.28
C ALA F 148 -51.35 -17.02 -28.13
N LYS F 149 -52.46 -17.59 -28.61
CA LYS F 149 -53.75 -16.92 -28.59
C LYS F 149 -54.74 -17.71 -27.74
N VAL F 150 -55.55 -16.99 -26.96
CA VAL F 150 -56.58 -17.59 -26.13
C VAL F 150 -57.87 -16.81 -26.32
N GLN F 151 -58.95 -17.51 -26.62
CA GLN F 151 -60.26 -16.91 -26.85
C GLN F 151 -61.31 -17.66 -26.04
N TRP F 152 -62.26 -16.90 -25.49
CA TRP F 152 -63.31 -17.45 -24.65
C TRP F 152 -64.58 -17.66 -25.46
N LYS F 153 -65.21 -18.82 -25.25
CA LYS F 153 -66.44 -19.17 -25.94
C LYS F 153 -67.56 -19.30 -24.90
N VAL F 154 -68.46 -18.33 -24.88
CA VAL F 154 -69.63 -18.35 -24.02
C VAL F 154 -70.82 -18.76 -24.89
N ASP F 155 -71.38 -19.94 -24.61
CA ASP F 155 -72.39 -20.55 -25.49
C ASP F 155 -71.86 -20.67 -26.91
N ASN F 156 -70.58 -21.06 -27.02
CA ASN F 156 -69.89 -21.16 -28.30
C ASN F 156 -69.88 -19.82 -29.03
N ALA F 157 -69.63 -18.74 -28.29
CA ALA F 157 -69.58 -17.40 -28.84
C ALA F 157 -68.55 -16.58 -28.09
N LEU F 158 -67.84 -15.71 -28.82
CA LEU F 158 -66.81 -14.87 -28.24
C LEU F 158 -67.41 -13.58 -27.70
N GLN F 159 -66.88 -13.11 -26.57
CA GLN F 159 -67.34 -11.87 -25.96
C GLN F 159 -66.21 -10.85 -25.90
N ASN F 162 -64.03 -8.88 -21.46
CA ASN F 162 -63.72 -8.71 -20.04
C ASN F 162 -62.75 -9.78 -19.56
N SER F 163 -61.52 -9.72 -20.08
CA SER F 163 -60.50 -10.71 -19.75
C SER F 163 -59.14 -10.02 -19.67
N GLN F 164 -58.31 -10.52 -18.76
CA GLN F 164 -56.94 -10.05 -18.59
C GLN F 164 -56.01 -11.23 -18.46
N GLU F 165 -54.86 -11.16 -19.11
CA GLU F 165 -53.92 -12.27 -19.18
C GLU F 165 -52.58 -11.87 -18.60
N SER F 166 -51.85 -12.87 -18.10
CA SER F 166 -50.49 -12.70 -17.60
C SER F 166 -49.62 -13.81 -18.13
N VAL F 167 -48.35 -13.48 -18.36
CA VAL F 167 -47.37 -14.43 -18.89
C VAL F 167 -46.18 -14.47 -17.95
N THR F 168 -45.82 -15.67 -17.48
CA THR F 168 -44.65 -15.81 -16.65
C THR F 168 -43.38 -15.59 -17.49
N GLU F 169 -42.25 -15.45 -16.81
CA GLU F 169 -40.99 -15.30 -17.50
C GLU F 169 -40.56 -16.62 -18.13
N GLN F 170 -39.61 -16.53 -19.06
CA GLN F 170 -39.02 -17.73 -19.64
C GLN F 170 -38.27 -18.50 -18.57
N ASP F 171 -38.66 -19.77 -18.39
CA ASP F 171 -38.07 -20.57 -17.33
C ASP F 171 -36.61 -20.85 -17.62
N SER F 172 -35.84 -21.05 -16.55
CA SER F 172 -34.42 -21.34 -16.70
C SER F 172 -34.15 -22.81 -16.93
N LYS F 173 -35.05 -23.67 -16.48
CA LYS F 173 -34.89 -25.11 -16.67
C LYS F 173 -35.64 -25.60 -17.90
N ASP F 174 -36.95 -25.37 -17.94
CA ASP F 174 -37.76 -25.80 -19.06
C ASP F 174 -37.59 -24.92 -20.29
N SER F 175 -37.06 -23.70 -20.12
CA SER F 175 -36.85 -22.76 -21.22
C SER F 175 -38.16 -22.46 -21.96
N THR F 176 -39.29 -22.56 -21.26
CA THR F 176 -40.60 -22.34 -21.85
C THR F 176 -41.37 -21.33 -21.02
N TYR F 177 -42.33 -20.68 -21.67
CA TYR F 177 -43.19 -19.71 -21.01
C TYR F 177 -44.47 -20.40 -20.51
N SER F 178 -45.27 -19.64 -19.77
CA SER F 178 -46.58 -20.09 -19.33
C SER F 178 -47.51 -18.89 -19.33
N LEU F 179 -48.79 -19.13 -19.65
CA LEU F 179 -49.77 -18.08 -19.79
C LEU F 179 -51.00 -18.40 -18.96
N SER F 180 -51.57 -17.36 -18.35
CA SER F 180 -52.82 -17.46 -17.61
C SER F 180 -53.80 -16.43 -18.15
N SER F 181 -55.09 -16.76 -18.04
CA SER F 181 -56.15 -15.88 -18.50
C SER F 181 -57.31 -15.95 -17.51
N THR F 182 -57.77 -14.80 -17.04
CA THR F 182 -58.82 -14.71 -16.03
C THR F 182 -60.09 -14.18 -16.70
N LEU F 183 -61.09 -15.06 -16.84
CA LEU F 183 -62.38 -14.70 -17.42
C LEU F 183 -63.37 -14.50 -16.28
N THR F 184 -63.67 -13.25 -15.97
CA THR F 184 -64.59 -12.92 -14.88
C THR F 184 -66.01 -13.38 -15.20
N ASP F 189 -74.46 -12.99 -14.41
CA ASP F 189 -74.40 -13.31 -15.82
C ASP F 189 -73.75 -14.68 -16.05
N TYR F 190 -73.05 -15.17 -15.03
CA TYR F 190 -72.39 -16.47 -15.14
C TYR F 190 -73.41 -17.60 -15.18
N GLU F 191 -74.37 -17.59 -14.24
CA GLU F 191 -75.35 -18.67 -14.17
C GLU F 191 -76.38 -18.59 -15.28
N LYS F 192 -76.49 -17.45 -15.98
CA LYS F 192 -77.45 -17.29 -17.06
C LYS F 192 -77.03 -18.01 -18.33
N HIS F 193 -75.81 -18.56 -18.39
CA HIS F 193 -75.32 -19.24 -19.57
C HIS F 193 -74.92 -20.67 -19.21
N LYS F 194 -74.83 -21.52 -20.23
CA LYS F 194 -74.76 -22.97 -20.04
C LYS F 194 -73.32 -23.49 -20.05
N VAL F 195 -72.62 -23.39 -21.17
CA VAL F 195 -71.36 -24.08 -21.38
C VAL F 195 -70.24 -23.05 -21.56
N TYR F 196 -69.09 -23.33 -20.97
CA TYR F 196 -67.89 -22.51 -21.11
C TYR F 196 -66.77 -23.35 -21.71
N ALA F 197 -65.87 -22.67 -22.43
CA ALA F 197 -64.76 -23.34 -23.09
C ALA F 197 -63.61 -22.36 -23.27
N CYS F 198 -62.41 -22.91 -23.39
CA CYS F 198 -61.19 -22.14 -23.56
C CYS F 198 -60.55 -22.54 -24.89
N GLU F 199 -60.59 -21.64 -25.87
CA GLU F 199 -60.04 -21.89 -27.20
C GLU F 199 -58.61 -21.39 -27.24
N VAL F 200 -57.66 -22.31 -27.48
CA VAL F 200 -56.24 -21.99 -27.54
C VAL F 200 -55.70 -22.47 -28.87
N THR F 201 -55.05 -21.57 -29.60
CA THR F 201 -54.36 -21.90 -30.85
C THR F 201 -52.88 -21.56 -30.67
N HIS F 202 -52.02 -22.52 -31.00
CA HIS F 202 -50.59 -22.36 -30.83
C HIS F 202 -49.86 -23.00 -32.00
N GLN F 203 -48.63 -22.56 -32.22
CA GLN F 203 -47.85 -23.07 -33.35
C GLN F 203 -47.44 -24.52 -33.13
N GLY F 204 -47.35 -24.95 -31.87
CA GLY F 204 -47.07 -26.34 -31.58
C GLY F 204 -48.23 -27.29 -31.80
N LEU F 205 -49.44 -26.75 -31.93
CA LEU F 205 -50.64 -27.57 -32.14
C LEU F 205 -50.89 -27.73 -33.64
N SER F 206 -51.03 -28.97 -34.08
CA SER F 206 -51.42 -29.21 -35.46
C SER F 206 -52.84 -28.75 -35.73
N SER F 207 -53.75 -28.99 -34.78
CA SER F 207 -55.12 -28.54 -34.82
C SER F 207 -55.45 -27.75 -33.56
N PRO F 208 -56.27 -26.70 -33.66
CA PRO F 208 -56.65 -25.96 -32.45
C PRO F 208 -57.38 -26.85 -31.46
N VAL F 209 -56.94 -26.80 -30.20
CA VAL F 209 -57.49 -27.63 -29.13
C VAL F 209 -58.34 -26.77 -28.22
N THR F 210 -59.39 -27.38 -27.66
CA THR F 210 -60.31 -26.68 -26.79
C THR F 210 -60.78 -27.62 -25.68
N LYS F 211 -60.70 -27.13 -24.44
CA LYS F 211 -61.24 -27.85 -23.29
C LYS F 211 -62.55 -27.19 -22.86
N SER F 212 -63.52 -28.02 -22.48
CA SER F 212 -64.87 -27.54 -22.20
C SER F 212 -65.41 -28.21 -20.94
N PHE F 213 -66.44 -27.59 -20.37
CA PHE F 213 -67.12 -28.14 -19.21
C PHE F 213 -68.49 -27.48 -19.09
N ASN F 214 -69.44 -28.23 -18.54
CA ASN F 214 -70.76 -27.71 -18.24
C ASN F 214 -70.88 -27.40 -16.76
N ARG F 215 -71.68 -26.39 -16.43
CA ARG F 215 -71.78 -25.92 -15.06
C ARG F 215 -72.39 -27.00 -14.16
N GLY F 216 -71.75 -27.25 -13.04
CA GLY F 216 -72.23 -28.21 -12.06
C GLY F 216 -72.46 -29.61 -12.63
N GLU F 217 -71.47 -30.13 -13.35
CA GLU F 217 -71.57 -31.43 -13.98
C GLU F 217 -70.80 -32.47 -13.17
N CYS F 218 -71.46 -33.58 -12.88
CA CYS F 218 -70.84 -34.66 -12.11
C CYS F 218 -71.89 -35.66 -11.64
#